data_7SZX
# 
_entry.id   7SZX 
# 
_audit_conform.dict_name       mmcif_pdbx.dic 
_audit_conform.dict_version    5.380 
_audit_conform.dict_location   http://mmcif.pdb.org/dictionaries/ascii/mmcif_pdbx.dic 
# 
loop_
_database_2.database_id 
_database_2.database_code 
_database_2.pdbx_database_accession 
_database_2.pdbx_DOI 
PDB   7SZX         pdb_00007szx 10.2210/pdb7szx/pdb 
WWPDB D_1000259607 ?            ?                   
# 
_pdbx_database_status.status_code                     REL 
_pdbx_database_status.status_code_sf                  REL 
_pdbx_database_status.status_code_mr                  ? 
_pdbx_database_status.entry_id                        7SZX 
_pdbx_database_status.recvd_initial_deposition_date   2021-11-29 
_pdbx_database_status.SG_entry                        N 
_pdbx_database_status.deposit_site                    RCSB 
_pdbx_database_status.process_site                    RCSB 
_pdbx_database_status.status_code_cs                  ? 
_pdbx_database_status.status_code_nmr_data            ? 
_pdbx_database_status.methods_development_category    ? 
_pdbx_database_status.pdb_format_compatible           Y 
# 
_audit_author.name               'Horton, N.C.' 
_audit_author.pdbx_ordinal       1 
_audit_author.identifier_ORCID   0000-0003-2710-8284 
# 
_citation.abstract                  ? 
_citation.abstract_id_CAS           ? 
_citation.book_id_ISBN              ? 
_citation.book_publisher            ? 
_citation.book_publisher_city       ? 
_citation.book_title                ? 
_citation.coordinate_linkage        ? 
_citation.country                   US 
_citation.database_id_Medline       ? 
_citation.details                   ? 
_citation.id                        primary 
_citation.journal_abbrev            J.Virol. 
_citation.journal_id_ASTM           JOVIAM 
_citation.journal_id_CSD            0825 
_citation.journal_id_ISSN           1098-5514 
_citation.journal_full              ? 
_citation.journal_issue             ? 
_citation.journal_volume            96 
_citation.language                  ? 
_citation.page_first                e0216421 
_citation.page_last                 e0216421 
_citation.title                     
'High-Resolution Structure of the Nuclease Domain of the Human Parvovirus B19 Main Replication Protein NS1.' 
_citation.year                      2022 
_citation.database_id_CSD           ? 
_citation.pdbx_database_id_DOI      10.1128/jvi.02164-21 
_citation.pdbx_database_id_PubMed   35435730 
_citation.pdbx_database_id_patent   ? 
_citation.unpublished_flag          ? 
# 
loop_
_citation_author.citation_id 
_citation_author.name 
_citation_author.ordinal 
_citation_author.identifier_ORCID 
primary 'Sanchez, J.L.' 1 0000-0003-0097-465X 
primary 'Ghadirian, N.' 2 0000-0002-3481-1560 
primary 'Horton, N.C.'  3 0000-0003-2710-8284 
# 
_cell.angle_alpha                  90.000 
_cell.angle_alpha_esd              ? 
_cell.angle_beta                   90.000 
_cell.angle_beta_esd               ? 
_cell.angle_gamma                  120.000 
_cell.angle_gamma_esd              ? 
_cell.entry_id                     7SZX 
_cell.details                      ? 
_cell.formula_units_Z              ? 
_cell.length_a                     106.710 
_cell.length_a_esd                 ? 
_cell.length_b                     106.710 
_cell.length_b_esd                 ? 
_cell.length_c                     59.590 
_cell.length_c_esd                 ? 
_cell.volume                       587647.878 
_cell.volume_esd                   ? 
_cell.Z_PDB                        6 
_cell.reciprocal_angle_alpha       ? 
_cell.reciprocal_angle_beta        ? 
_cell.reciprocal_angle_gamma       ? 
_cell.reciprocal_angle_alpha_esd   ? 
_cell.reciprocal_angle_beta_esd    ? 
_cell.reciprocal_angle_gamma_esd   ? 
_cell.reciprocal_length_a          ? 
_cell.reciprocal_length_b          ? 
_cell.reciprocal_length_c          ? 
_cell.reciprocal_length_a_esd      ? 
_cell.reciprocal_length_b_esd      ? 
_cell.reciprocal_length_c_esd      ? 
_cell.pdbx_unique_axis             ? 
# 
_symmetry.entry_id                         7SZX 
_symmetry.cell_setting                     ? 
_symmetry.Int_Tables_number                154 
_symmetry.space_group_name_Hall            
;P 32 2"
;
_symmetry.space_group_name_H-M             'P 32 2 1' 
_symmetry.pdbx_full_space_group_name_H-M   ? 
# 
loop_
_entity.id 
_entity.type 
_entity.src_method 
_entity.pdbx_description 
_entity.formula_weight 
_entity.pdbx_number_of_molecules 
_entity.pdbx_ec 
_entity.pdbx_mutation 
_entity.pdbx_fragment 
_entity.details 
1 polymer     man 'NS1 protein'   25337.631 1 ? ? ? ? 
2 non-polymer syn 'MAGNESIUM ION' 24.305    1 ? ? ? ? 
3 water       nat water           18.015    4 ? ? ? ? 
# 
_entity_poly.entity_id                      1 
_entity_poly.type                           'polypeptide(L)' 
_entity_poly.nstd_linkage                   no 
_entity_poly.nstd_monomer                   no 
_entity_poly.pdbx_seq_one_letter_code       
;MSGSHHHHHHSSGENLYFQGELFRGVLHISSNILDCANDNWWCSMLDLDTSDWEPLTHSNRLMAIYLSNVASRLDFTGGP
LAGCLYFFQVECNKFEEGYHIHVVIGGPGLNARNLTVCVEGLFNNVLYHLVNESVKLKFLPGMTTKGKYFRDGEQFIENY
LMKKIPLNVVWCVTNIDGYIDTCISASFRRGACHAKKPRISANTDTVNNEGGESSCGGGDVVPFAGKG
;
_entity_poly.pdbx_seq_one_letter_code_can   
;MSGSHHHHHHSSGENLYFQGELFRGVLHISSNILDCANDNWWCSMLDLDTSDWEPLTHSNRLMAIYLSNVASRLDFTGGP
LAGCLYFFQVECNKFEEGYHIHVVIGGPGLNARNLTVCVEGLFNNVLYHLVNESVKLKFLPGMTTKGKYFRDGEQFIENY
LMKKIPLNVVWCVTNIDGYIDTCISASFRRGACHAKKPRISANTDTVNNEGGESSCGGGDVVPFAGKG
;
_entity_poly.pdbx_strand_id                 B 
_entity_poly.pdbx_target_identifier         ? 
# 
loop_
_entity_poly_seq.entity_id 
_entity_poly_seq.num 
_entity_poly_seq.mon_id 
_entity_poly_seq.hetero 
1 1   MET n 
1 2   SER n 
1 3   GLY n 
1 4   SER n 
1 5   HIS n 
1 6   HIS n 
1 7   HIS n 
1 8   HIS n 
1 9   HIS n 
1 10  HIS n 
1 11  SER n 
1 12  SER n 
1 13  GLY n 
1 14  GLU n 
1 15  ASN n 
1 16  LEU n 
1 17  TYR n 
1 18  PHE n 
1 19  GLN n 
1 20  GLY n 
1 21  GLU n 
1 22  LEU n 
1 23  PHE n 
1 24  ARG n 
1 25  GLY n 
1 26  VAL n 
1 27  LEU n 
1 28  HIS n 
1 29  ILE n 
1 30  SER n 
1 31  SER n 
1 32  ASN n 
1 33  ILE n 
1 34  LEU n 
1 35  ASP n 
1 36  CYS n 
1 37  ALA n 
1 38  ASN n 
1 39  ASP n 
1 40  ASN n 
1 41  TRP n 
1 42  TRP n 
1 43  CYS n 
1 44  SER n 
1 45  MET n 
1 46  LEU n 
1 47  ASP n 
1 48  LEU n 
1 49  ASP n 
1 50  THR n 
1 51  SER n 
1 52  ASP n 
1 53  TRP n 
1 54  GLU n 
1 55  PRO n 
1 56  LEU n 
1 57  THR n 
1 58  HIS n 
1 59  SER n 
1 60  ASN n 
1 61  ARG n 
1 62  LEU n 
1 63  MET n 
1 64  ALA n 
1 65  ILE n 
1 66  TYR n 
1 67  LEU n 
1 68  SER n 
1 69  ASN n 
1 70  VAL n 
1 71  ALA n 
1 72  SER n 
1 73  ARG n 
1 74  LEU n 
1 75  ASP n 
1 76  PHE n 
1 77  THR n 
1 78  GLY n 
1 79  GLY n 
1 80  PRO n 
1 81  LEU n 
1 82  ALA n 
1 83  GLY n 
1 84  CYS n 
1 85  LEU n 
1 86  TYR n 
1 87  PHE n 
1 88  PHE n 
1 89  GLN n 
1 90  VAL n 
1 91  GLU n 
1 92  CYS n 
1 93  ASN n 
1 94  LYS n 
1 95  PHE n 
1 96  GLU n 
1 97  GLU n 
1 98  GLY n 
1 99  TYR n 
1 100 HIS n 
1 101 ILE n 
1 102 HIS n 
1 103 VAL n 
1 104 VAL n 
1 105 ILE n 
1 106 GLY n 
1 107 GLY n 
1 108 PRO n 
1 109 GLY n 
1 110 LEU n 
1 111 ASN n 
1 112 ALA n 
1 113 ARG n 
1 114 ASN n 
1 115 LEU n 
1 116 THR n 
1 117 VAL n 
1 118 CYS n 
1 119 VAL n 
1 120 GLU n 
1 121 GLY n 
1 122 LEU n 
1 123 PHE n 
1 124 ASN n 
1 125 ASN n 
1 126 VAL n 
1 127 LEU n 
1 128 TYR n 
1 129 HIS n 
1 130 LEU n 
1 131 VAL n 
1 132 ASN n 
1 133 GLU n 
1 134 SER n 
1 135 VAL n 
1 136 LYS n 
1 137 LEU n 
1 138 LYS n 
1 139 PHE n 
1 140 LEU n 
1 141 PRO n 
1 142 GLY n 
1 143 MET n 
1 144 THR n 
1 145 THR n 
1 146 LYS n 
1 147 GLY n 
1 148 LYS n 
1 149 TYR n 
1 150 PHE n 
1 151 ARG n 
1 152 ASP n 
1 153 GLY n 
1 154 GLU n 
1 155 GLN n 
1 156 PHE n 
1 157 ILE n 
1 158 GLU n 
1 159 ASN n 
1 160 TYR n 
1 161 LEU n 
1 162 MET n 
1 163 LYS n 
1 164 LYS n 
1 165 ILE n 
1 166 PRO n 
1 167 LEU n 
1 168 ASN n 
1 169 VAL n 
1 170 VAL n 
1 171 TRP n 
1 172 CYS n 
1 173 VAL n 
1 174 THR n 
1 175 ASN n 
1 176 ILE n 
1 177 ASP n 
1 178 GLY n 
1 179 TYR n 
1 180 ILE n 
1 181 ASP n 
1 182 THR n 
1 183 CYS n 
1 184 ILE n 
1 185 SER n 
1 186 ALA n 
1 187 SER n 
1 188 PHE n 
1 189 ARG n 
1 190 ARG n 
1 191 GLY n 
1 192 ALA n 
1 193 CYS n 
1 194 HIS n 
1 195 ALA n 
1 196 LYS n 
1 197 LYS n 
1 198 PRO n 
1 199 ARG n 
1 200 ILE n 
1 201 SER n 
1 202 ALA n 
1 203 ASN n 
1 204 THR n 
1 205 ASP n 
1 206 THR n 
1 207 VAL n 
1 208 ASN n 
1 209 ASN n 
1 210 GLU n 
1 211 GLY n 
1 212 GLY n 
1 213 GLU n 
1 214 SER n 
1 215 SER n 
1 216 CYS n 
1 217 GLY n 
1 218 GLY n 
1 219 GLY n 
1 220 ASP n 
1 221 VAL n 
1 222 VAL n 
1 223 PRO n 
1 224 PHE n 
1 225 ALA n 
1 226 GLY n 
1 227 LYS n 
1 228 GLY n 
# 
_entity_src_gen.entity_id                          1 
_entity_src_gen.pdbx_src_id                        1 
_entity_src_gen.pdbx_alt_source_flag               sample 
_entity_src_gen.pdbx_seq_type                      'Biological sequence' 
_entity_src_gen.pdbx_beg_seq_num                   1 
_entity_src_gen.pdbx_end_seq_num                   228 
_entity_src_gen.gene_src_common_name               'HPV B19' 
_entity_src_gen.gene_src_genus                     ? 
_entity_src_gen.pdbx_gene_src_gene                 ? 
_entity_src_gen.gene_src_species                   ? 
_entity_src_gen.gene_src_strain                    ? 
_entity_src_gen.gene_src_tissue                    ? 
_entity_src_gen.gene_src_tissue_fraction           ? 
_entity_src_gen.gene_src_details                   ? 
_entity_src_gen.pdbx_gene_src_fragment             ? 
_entity_src_gen.pdbx_gene_src_scientific_name      'Human parvovirus B19' 
_entity_src_gen.pdbx_gene_src_ncbi_taxonomy_id     10798 
_entity_src_gen.pdbx_gene_src_variant              ? 
_entity_src_gen.pdbx_gene_src_cell_line            ? 
_entity_src_gen.pdbx_gene_src_atcc                 ? 
_entity_src_gen.pdbx_gene_src_organ                ? 
_entity_src_gen.pdbx_gene_src_organelle            ? 
_entity_src_gen.pdbx_gene_src_cell                 ? 
_entity_src_gen.pdbx_gene_src_cellular_location    ? 
_entity_src_gen.host_org_common_name               ? 
_entity_src_gen.pdbx_host_org_scientific_name      'Escherichia coli' 
_entity_src_gen.pdbx_host_org_ncbi_taxonomy_id     562 
_entity_src_gen.host_org_genus                     ? 
_entity_src_gen.pdbx_host_org_gene                 ? 
_entity_src_gen.pdbx_host_org_organ                ? 
_entity_src_gen.host_org_species                   ? 
_entity_src_gen.pdbx_host_org_tissue               ? 
_entity_src_gen.pdbx_host_org_tissue_fraction      ? 
_entity_src_gen.pdbx_host_org_strain               ? 
_entity_src_gen.pdbx_host_org_variant              ? 
_entity_src_gen.pdbx_host_org_cell_line            ? 
_entity_src_gen.pdbx_host_org_atcc                 ? 
_entity_src_gen.pdbx_host_org_culture_collection   ? 
_entity_src_gen.pdbx_host_org_cell                 ? 
_entity_src_gen.pdbx_host_org_organelle            ? 
_entity_src_gen.pdbx_host_org_cellular_location    ? 
_entity_src_gen.pdbx_host_org_vector_type          ? 
_entity_src_gen.pdbx_host_org_vector               ? 
_entity_src_gen.host_org_details                   ? 
_entity_src_gen.expression_system_id               ? 
_entity_src_gen.plasmid_name                       ? 
_entity_src_gen.plasmid_details                    ? 
_entity_src_gen.pdbx_description                   ? 
# 
_struct_ref.id                         1 
_struct_ref.db_name                    UNP 
_struct_ref.db_code                    A3F778_PAVHB 
_struct_ref.pdbx_db_accession          A3F778 
_struct_ref.pdbx_db_isoform            ? 
_struct_ref.entity_id                  1 
_struct_ref.pdbx_seq_one_letter_code   
;ELFRGVLHISSNILDCANDNWWCSMLDLDTSDWEPLTHSNRLMAIYLSNVASRLDFTGGPLAGCLYFFQVECNKFEEGYH
IHVVIGGPGLNARNLTVCVEGLFNNVLYHLVNESVKLKFLPGMTTKGKYFRDGEQFIENYLMKKIPLNVVWCVTNIDGYI
DTCISASFRRGACHAKKPRISANTDTVNNEGGESSCGGGDVVPFAGKG
;
_struct_ref.pdbx_align_begin           2 
# 
_struct_ref_seq.align_id                      1 
_struct_ref_seq.ref_id                        1 
_struct_ref_seq.pdbx_PDB_id_code              7SZX 
_struct_ref_seq.pdbx_strand_id                B 
_struct_ref_seq.seq_align_beg                 21 
_struct_ref_seq.pdbx_seq_align_beg_ins_code   ? 
_struct_ref_seq.seq_align_end                 228 
_struct_ref_seq.pdbx_seq_align_end_ins_code   ? 
_struct_ref_seq.pdbx_db_accession             A3F778 
_struct_ref_seq.db_align_beg                  2 
_struct_ref_seq.pdbx_db_align_beg_ins_code    ? 
_struct_ref_seq.db_align_end                  209 
_struct_ref_seq.pdbx_db_align_end_ins_code    ? 
_struct_ref_seq.pdbx_auth_seq_align_beg       2 
_struct_ref_seq.pdbx_auth_seq_align_end       209 
# 
loop_
_struct_ref_seq_dif.align_id 
_struct_ref_seq_dif.pdbx_pdb_id_code 
_struct_ref_seq_dif.mon_id 
_struct_ref_seq_dif.pdbx_pdb_strand_id 
_struct_ref_seq_dif.seq_num 
_struct_ref_seq_dif.pdbx_pdb_ins_code 
_struct_ref_seq_dif.pdbx_seq_db_name 
_struct_ref_seq_dif.pdbx_seq_db_accession_code 
_struct_ref_seq_dif.db_mon_id 
_struct_ref_seq_dif.pdbx_seq_db_seq_num 
_struct_ref_seq_dif.details 
_struct_ref_seq_dif.pdbx_auth_seq_num 
_struct_ref_seq_dif.pdbx_ordinal 
1 7SZX MET B 1  ? UNP A3F778 ? ? 'initiating methionine' -18 1  
1 7SZX SER B 2  ? UNP A3F778 ? ? 'expression tag'        -17 2  
1 7SZX GLY B 3  ? UNP A3F778 ? ? 'expression tag'        -16 3  
1 7SZX SER B 4  ? UNP A3F778 ? ? 'expression tag'        -15 4  
1 7SZX HIS B 5  ? UNP A3F778 ? ? 'expression tag'        -14 5  
1 7SZX HIS B 6  ? UNP A3F778 ? ? 'expression tag'        -13 6  
1 7SZX HIS B 7  ? UNP A3F778 ? ? 'expression tag'        -12 7  
1 7SZX HIS B 8  ? UNP A3F778 ? ? 'expression tag'        -11 8  
1 7SZX HIS B 9  ? UNP A3F778 ? ? 'expression tag'        -10 9  
1 7SZX HIS B 10 ? UNP A3F778 ? ? 'expression tag'        -9  10 
1 7SZX SER B 11 ? UNP A3F778 ? ? 'expression tag'        -8  11 
1 7SZX SER B 12 ? UNP A3F778 ? ? 'expression tag'        -7  12 
1 7SZX GLY B 13 ? UNP A3F778 ? ? 'expression tag'        -6  13 
1 7SZX GLU B 14 ? UNP A3F778 ? ? 'expression tag'        -5  14 
1 7SZX ASN B 15 ? UNP A3F778 ? ? 'expression tag'        -4  15 
1 7SZX LEU B 16 ? UNP A3F778 ? ? 'expression tag'        -3  16 
1 7SZX TYR B 17 ? UNP A3F778 ? ? 'expression tag'        -2  17 
1 7SZX PHE B 18 ? UNP A3F778 ? ? 'expression tag'        -1  18 
1 7SZX GLN B 19 ? UNP A3F778 ? ? 'expression tag'        0   19 
1 7SZX GLY B 20 ? UNP A3F778 ? ? 'expression tag'        1   20 
# 
loop_
_chem_comp.id 
_chem_comp.type 
_chem_comp.mon_nstd_flag 
_chem_comp.name 
_chem_comp.pdbx_synonyms 
_chem_comp.formula 
_chem_comp.formula_weight 
ALA 'L-peptide linking' y ALANINE         ? 'C3 H7 N O2'     89.093  
ARG 'L-peptide linking' y ARGININE        ? 'C6 H15 N4 O2 1' 175.209 
ASN 'L-peptide linking' y ASPARAGINE      ? 'C4 H8 N2 O3'    132.118 
ASP 'L-peptide linking' y 'ASPARTIC ACID' ? 'C4 H7 N O4'     133.103 
CYS 'L-peptide linking' y CYSTEINE        ? 'C3 H7 N O2 S'   121.158 
GLN 'L-peptide linking' y GLUTAMINE       ? 'C5 H10 N2 O3'   146.144 
GLU 'L-peptide linking' y 'GLUTAMIC ACID' ? 'C5 H9 N O4'     147.129 
GLY 'peptide linking'   y GLYCINE         ? 'C2 H5 N O2'     75.067  
HIS 'L-peptide linking' y HISTIDINE       ? 'C6 H10 N3 O2 1' 156.162 
HOH non-polymer         . WATER           ? 'H2 O'           18.015  
ILE 'L-peptide linking' y ISOLEUCINE      ? 'C6 H13 N O2'    131.173 
LEU 'L-peptide linking' y LEUCINE         ? 'C6 H13 N O2'    131.173 
LYS 'L-peptide linking' y LYSINE          ? 'C6 H15 N2 O2 1' 147.195 
MET 'L-peptide linking' y METHIONINE      ? 'C5 H11 N O2 S'  149.211 
MG  non-polymer         . 'MAGNESIUM ION' ? 'Mg 2'           24.305  
PHE 'L-peptide linking' y PHENYLALANINE   ? 'C9 H11 N O2'    165.189 
PRO 'L-peptide linking' y PROLINE         ? 'C5 H9 N O2'     115.130 
SER 'L-peptide linking' y SERINE          ? 'C3 H7 N O3'     105.093 
THR 'L-peptide linking' y THREONINE       ? 'C4 H9 N O3'     119.119 
TRP 'L-peptide linking' y TRYPTOPHAN      ? 'C11 H12 N2 O2'  204.225 
TYR 'L-peptide linking' y TYROSINE        ? 'C9 H11 N O3'    181.189 
VAL 'L-peptide linking' y VALINE          ? 'C5 H11 N O2'    117.146 
# 
_exptl.absorpt_coefficient_mu     ? 
_exptl.absorpt_correction_T_max   ? 
_exptl.absorpt_correction_T_min   ? 
_exptl.absorpt_correction_type    ? 
_exptl.absorpt_process_details    ? 
_exptl.entry_id                   7SZX 
_exptl.crystals_number            1 
_exptl.details                    ? 
_exptl.method                     'X-RAY DIFFRACTION' 
_exptl.method_details             ? 
# 
_exptl_crystal.colour                      ? 
_exptl_crystal.density_diffrn              ? 
_exptl_crystal.density_Matthews            3.87 
_exptl_crystal.density_method              ? 
_exptl_crystal.density_percent_sol         68.18 
_exptl_crystal.description                 ? 
_exptl_crystal.F_000                       ? 
_exptl_crystal.id                          1 
_exptl_crystal.preparation                 ? 
_exptl_crystal.size_max                    ? 
_exptl_crystal.size_mid                    ? 
_exptl_crystal.size_min                    ? 
_exptl_crystal.size_rad                    ? 
_exptl_crystal.colour_lustre               ? 
_exptl_crystal.colour_modifier             ? 
_exptl_crystal.colour_primary              ? 
_exptl_crystal.density_meas                ? 
_exptl_crystal.density_meas_esd            ? 
_exptl_crystal.density_meas_gt             ? 
_exptl_crystal.density_meas_lt             ? 
_exptl_crystal.density_meas_temp           ? 
_exptl_crystal.density_meas_temp_esd       ? 
_exptl_crystal.density_meas_temp_gt        ? 
_exptl_crystal.density_meas_temp_lt        ? 
_exptl_crystal.pdbx_crystal_image_url      ? 
_exptl_crystal.pdbx_crystal_image_format   ? 
_exptl_crystal.pdbx_mosaicity              ? 
_exptl_crystal.pdbx_mosaicity_esd          ? 
# 
_exptl_crystal_grow.apparatus       ? 
_exptl_crystal_grow.atmosphere      ? 
_exptl_crystal_grow.crystal_id      1 
_exptl_crystal_grow.details         ? 
_exptl_crystal_grow.method          'VAPOR DIFFUSION, HANGING DROP' 
_exptl_crystal_grow.method_ref      ? 
_exptl_crystal_grow.pH              ? 
_exptl_crystal_grow.pressure        ? 
_exptl_crystal_grow.pressure_esd    ? 
_exptl_crystal_grow.seeding         ? 
_exptl_crystal_grow.seeding_ref     ? 
_exptl_crystal_grow.temp            273 
_exptl_crystal_grow.temp_details    ? 
_exptl_crystal_grow.temp_esd        ? 
_exptl_crystal_grow.time            ? 
_exptl_crystal_grow.pdbx_details    
;2.5 M sodium chloride
0.1 M Tris-HCl pH 7.0
200 mM MgCl2
;
_exptl_crystal_grow.pdbx_pH_range   7.0 
# 
_diffrn.ambient_environment              ? 
_diffrn.ambient_temp                     100 
_diffrn.ambient_temp_details             ? 
_diffrn.ambient_temp_esd                 ? 
_diffrn.crystal_id                       1 
_diffrn.crystal_support                  ? 
_diffrn.crystal_treatment                ? 
_diffrn.details                          ? 
_diffrn.id                               1 
_diffrn.ambient_pressure                 ? 
_diffrn.ambient_pressure_esd             ? 
_diffrn.ambient_pressure_gt              ? 
_diffrn.ambient_pressure_lt              ? 
_diffrn.ambient_temp_gt                  ? 
_diffrn.ambient_temp_lt                  ? 
_diffrn.pdbx_serial_crystal_experiment   N 
# 
_diffrn_detector.details                      ? 
_diffrn_detector.detector                     PIXEL 
_diffrn_detector.diffrn_id                    1 
_diffrn_detector.type                         'DECTRIS PILATUS3 6M' 
_diffrn_detector.area_resol_mean              ? 
_diffrn_detector.dtime                        ? 
_diffrn_detector.pdbx_frames_total            ? 
_diffrn_detector.pdbx_collection_time_total   ? 
_diffrn_detector.pdbx_collection_date         2020-05-07 
_diffrn_detector.pdbx_frequency               ? 
# 
_diffrn_radiation.collimation                      ? 
_diffrn_radiation.diffrn_id                        1 
_diffrn_radiation.filter_edge                      ? 
_diffrn_radiation.inhomogeneity                    ? 
_diffrn_radiation.monochromator                    ? 
_diffrn_radiation.polarisn_norm                    ? 
_diffrn_radiation.polarisn_ratio                   ? 
_diffrn_radiation.probe                            ? 
_diffrn_radiation.type                             ? 
_diffrn_radiation.xray_symbol                      ? 
_diffrn_radiation.wavelength_id                    1 
_diffrn_radiation.pdbx_monochromatic_or_laue_m_l   M 
_diffrn_radiation.pdbx_wavelength_list             ? 
_diffrn_radiation.pdbx_wavelength                  ? 
_diffrn_radiation.pdbx_diffrn_protocol             'SINGLE WAVELENGTH' 
_diffrn_radiation.pdbx_analyzer                    ? 
_diffrn_radiation.pdbx_scattering_type             x-ray 
# 
_diffrn_radiation_wavelength.id           1 
_diffrn_radiation_wavelength.wavelength   0.97946 
_diffrn_radiation_wavelength.wt           1.0 
# 
_diffrn_source.current                     ? 
_diffrn_source.details                     ? 
_diffrn_source.diffrn_id                   1 
_diffrn_source.power                       ? 
_diffrn_source.size                        ? 
_diffrn_source.source                      SYNCHROTRON 
_diffrn_source.target                      ? 
_diffrn_source.type                        'SSRL BEAMLINE BL9-2' 
_diffrn_source.voltage                     ? 
_diffrn_source.take-off_angle              ? 
_diffrn_source.pdbx_wavelength_list        0.97946 
_diffrn_source.pdbx_wavelength             ? 
_diffrn_source.pdbx_synchrotron_beamline   BL9-2 
_diffrn_source.pdbx_synchrotron_site       SSRL 
# 
_reflns.B_iso_Wilson_estimate                          91.66 
_reflns.entry_id                                       7SZX 
_reflns.data_reduction_details                         ? 
_reflns.data_reduction_method                          ? 
_reflns.d_resolution_high                              3.5 
_reflns.d_resolution_low                               50.08 
_reflns.details                                        ? 
_reflns.limit_h_max                                    ? 
_reflns.limit_h_min                                    ? 
_reflns.limit_k_max                                    ? 
_reflns.limit_k_min                                    ? 
_reflns.limit_l_max                                    ? 
_reflns.limit_l_min                                    ? 
_reflns.number_all                                     ? 
_reflns.number_obs                                     5099 
_reflns.observed_criterion                             ? 
_reflns.observed_criterion_F_max                       ? 
_reflns.observed_criterion_F_min                       ? 
_reflns.observed_criterion_I_max                       ? 
_reflns.observed_criterion_I_min                       ? 
_reflns.observed_criterion_sigma_F                     ? 
_reflns.observed_criterion_sigma_I                     ? 
_reflns.percent_possible_obs                           98.68 
_reflns.R_free_details                                 ? 
_reflns.Rmerge_F_all                                   ? 
_reflns.Rmerge_F_obs                                   ? 
_reflns.Friedel_coverage                               ? 
_reflns.number_gt                                      ? 
_reflns.threshold_expression                           ? 
_reflns.pdbx_redundancy                                2.0 
_reflns.pdbx_Rmerge_I_obs                              0.07557 
_reflns.pdbx_Rmerge_I_all                              ? 
_reflns.pdbx_Rsym_value                                ? 
_reflns.pdbx_netI_over_av_sigmaI                       ? 
_reflns.pdbx_netI_over_sigmaI                          5.37 
_reflns.pdbx_res_netI_over_av_sigmaI_2                 ? 
_reflns.pdbx_res_netI_over_sigmaI_2                    ? 
_reflns.pdbx_chi_squared                               ? 
_reflns.pdbx_scaling_rejects                           ? 
_reflns.pdbx_d_res_high_opt                            ? 
_reflns.pdbx_d_res_low_opt                             ? 
_reflns.pdbx_d_res_opt_method                          ? 
_reflns.phase_calculation_details                      ? 
_reflns.pdbx_Rrim_I_all                                0.1072 
_reflns.pdbx_Rpim_I_all                                0.07557 
_reflns.pdbx_d_opt                                     ? 
_reflns.pdbx_number_measured_all                       ? 
_reflns.pdbx_diffrn_id                                 1 
_reflns.pdbx_ordinal                                   1 
_reflns.pdbx_CC_half                                   0.993 
_reflns.pdbx_CC_star                                   0.998 
_reflns.pdbx_R_split                                   ? 
_reflns.pdbx_aniso_diffraction_limit_axis_1_ortho[1]   ? 
_reflns.pdbx_aniso_diffraction_limit_axis_1_ortho[2]   ? 
_reflns.pdbx_aniso_diffraction_limit_axis_1_ortho[3]   ? 
_reflns.pdbx_aniso_diffraction_limit_axis_2_ortho[1]   ? 
_reflns.pdbx_aniso_diffraction_limit_axis_2_ortho[2]   ? 
_reflns.pdbx_aniso_diffraction_limit_axis_2_ortho[3]   ? 
_reflns.pdbx_aniso_diffraction_limit_axis_3_ortho[1]   ? 
_reflns.pdbx_aniso_diffraction_limit_axis_3_ortho[2]   ? 
_reflns.pdbx_aniso_diffraction_limit_axis_3_ortho[3]   ? 
_reflns.pdbx_aniso_diffraction_limit_1                 ? 
_reflns.pdbx_aniso_diffraction_limit_2                 ? 
_reflns.pdbx_aniso_diffraction_limit_3                 ? 
_reflns.pdbx_aniso_B_tensor_eigenvector_1_ortho[1]     ? 
_reflns.pdbx_aniso_B_tensor_eigenvector_1_ortho[2]     ? 
_reflns.pdbx_aniso_B_tensor_eigenvector_1_ortho[3]     ? 
_reflns.pdbx_aniso_B_tensor_eigenvector_2_ortho[1]     ? 
_reflns.pdbx_aniso_B_tensor_eigenvector_2_ortho[2]     ? 
_reflns.pdbx_aniso_B_tensor_eigenvector_2_ortho[3]     ? 
_reflns.pdbx_aniso_B_tensor_eigenvector_3_ortho[1]     ? 
_reflns.pdbx_aniso_B_tensor_eigenvector_3_ortho[2]     ? 
_reflns.pdbx_aniso_B_tensor_eigenvector_3_ortho[3]     ? 
_reflns.pdbx_aniso_B_tensor_eigenvalue_1               ? 
_reflns.pdbx_aniso_B_tensor_eigenvalue_2               ? 
_reflns.pdbx_aniso_B_tensor_eigenvalue_3               ? 
_reflns.pdbx_orthogonalization_convention              ? 
_reflns.pdbx_percent_possible_ellipsoidal              ? 
_reflns.pdbx_percent_possible_spherical                ? 
_reflns.pdbx_percent_possible_ellipsoidal_anomalous    ? 
_reflns.pdbx_percent_possible_spherical_anomalous      ? 
_reflns.pdbx_redundancy_anomalous                      ? 
_reflns.pdbx_CC_half_anomalous                         ? 
_reflns.pdbx_absDiff_over_sigma_anomalous              ? 
_reflns.pdbx_percent_possible_anomalous                ? 
_reflns.pdbx_observed_signal_threshold                 ? 
_reflns.pdbx_signal_type                               ? 
_reflns.pdbx_signal_details                            ? 
_reflns.pdbx_signal_software_id                        ? 
# 
_reflns_shell.d_res_high                                    3.5 
_reflns_shell.d_res_low                                     3.625 
_reflns_shell.meanI_over_sigI_all                           ? 
_reflns_shell.meanI_over_sigI_obs                           1.67 
_reflns_shell.number_measured_all                           ? 
_reflns_shell.number_measured_obs                           ? 
_reflns_shell.number_possible                               ? 
_reflns_shell.number_unique_all                             ? 
_reflns_shell.number_unique_obs                             488 
_reflns_shell.percent_possible_all                          97.41 
_reflns_shell.percent_possible_obs                          ? 
_reflns_shell.Rmerge_F_all                                  ? 
_reflns_shell.Rmerge_F_obs                                  ? 
_reflns_shell.Rmerge_I_all                                  ? 
_reflns_shell.Rmerge_I_obs                                  0.4226 
_reflns_shell.meanI_over_sigI_gt                            ? 
_reflns_shell.meanI_over_uI_all                             ? 
_reflns_shell.meanI_over_uI_gt                              ? 
_reflns_shell.number_measured_gt                            ? 
_reflns_shell.number_unique_gt                              ? 
_reflns_shell.percent_possible_gt                           ? 
_reflns_shell.Rmerge_F_gt                                   ? 
_reflns_shell.Rmerge_I_gt                                   ? 
_reflns_shell.pdbx_redundancy                               2.0 
_reflns_shell.pdbx_Rsym_value                               ? 
_reflns_shell.pdbx_chi_squared                              ? 
_reflns_shell.pdbx_netI_over_sigmaI_all                     ? 
_reflns_shell.pdbx_netI_over_sigmaI_obs                     ? 
_reflns_shell.pdbx_Rrim_I_all                               0.5977 
_reflns_shell.pdbx_Rpim_I_all                               0.4226 
_reflns_shell.pdbx_rejects                                  ? 
_reflns_shell.pdbx_ordinal                                  1 
_reflns_shell.pdbx_diffrn_id                                1 
_reflns_shell.pdbx_CC_half                                  0.89 
_reflns_shell.pdbx_CC_star                                  0.971 
_reflns_shell.pdbx_R_split                                  ? 
_reflns_shell.pdbx_percent_possible_ellipsoidal             ? 
_reflns_shell.pdbx_percent_possible_spherical               ? 
_reflns_shell.pdbx_percent_possible_ellipsoidal_anomalous   ? 
_reflns_shell.pdbx_percent_possible_spherical_anomalous     ? 
_reflns_shell.pdbx_redundancy_anomalous                     ? 
_reflns_shell.pdbx_CC_half_anomalous                        ? 
_reflns_shell.pdbx_absDiff_over_sigma_anomalous             ? 
_reflns_shell.pdbx_percent_possible_anomalous               ? 
# 
_refine.aniso_B[1][1]                            ? 
_refine.aniso_B[1][2]                            ? 
_refine.aniso_B[1][3]                            ? 
_refine.aniso_B[2][2]                            ? 
_refine.aniso_B[2][3]                            ? 
_refine.aniso_B[3][3]                            ? 
_refine.B_iso_max                                ? 
_refine.B_iso_mean                               94.33 
_refine.B_iso_min                                ? 
_refine.correlation_coeff_Fo_to_Fc               ? 
_refine.correlation_coeff_Fo_to_Fc_free          ? 
_refine.details                                  ? 
_refine.diff_density_max                         ? 
_refine.diff_density_max_esd                     ? 
_refine.diff_density_min                         ? 
_refine.diff_density_min_esd                     ? 
_refine.diff_density_rms                         ? 
_refine.diff_density_rms_esd                     ? 
_refine.entry_id                                 7SZX 
_refine.pdbx_refine_id                           'X-RAY DIFFRACTION' 
_refine.ls_abs_structure_details                 ? 
_refine.ls_abs_structure_Flack                   ? 
_refine.ls_abs_structure_Flack_esd               ? 
_refine.ls_abs_structure_Rogers                  ? 
_refine.ls_abs_structure_Rogers_esd              ? 
_refine.ls_d_res_high                            3.50 
_refine.ls_d_res_low                             50.08 
_refine.ls_extinction_coef                       ? 
_refine.ls_extinction_coef_esd                   ? 
_refine.ls_extinction_expression                 ? 
_refine.ls_extinction_method                     ? 
_refine.ls_goodness_of_fit_all                   ? 
_refine.ls_goodness_of_fit_all_esd               ? 
_refine.ls_goodness_of_fit_obs                   ? 
_refine.ls_goodness_of_fit_obs_esd               ? 
_refine.ls_hydrogen_treatment                    ? 
_refine.ls_matrix_type                           ? 
_refine.ls_number_constraints                    ? 
_refine.ls_number_parameters                     ? 
_refine.ls_number_reflns_all                     ? 
_refine.ls_number_reflns_obs                     5076 
_refine.ls_number_reflns_R_free                  508 
_refine.ls_number_reflns_R_work                  4568 
_refine.ls_number_restraints                     ? 
_refine.ls_percent_reflns_obs                    98.77 
_refine.ls_percent_reflns_R_free                 10.01 
_refine.ls_R_factor_all                          ? 
_refine.ls_R_factor_obs                          0.2658 
_refine.ls_R_factor_R_free                       0.2991 
_refine.ls_R_factor_R_free_error                 ? 
_refine.ls_R_factor_R_free_error_details         ? 
_refine.ls_R_factor_R_work                       0.2622 
_refine.ls_R_Fsqd_factor_obs                     ? 
_refine.ls_R_I_factor_obs                        ? 
_refine.ls_redundancy_reflns_all                 ? 
_refine.ls_redundancy_reflns_obs                 ? 
_refine.ls_restrained_S_all                      ? 
_refine.ls_restrained_S_obs                      ? 
_refine.ls_shift_over_esd_max                    ? 
_refine.ls_shift_over_esd_mean                   ? 
_refine.ls_structure_factor_coef                 ? 
_refine.ls_weighting_details                     ? 
_refine.ls_weighting_scheme                      ? 
_refine.ls_wR_factor_all                         ? 
_refine.ls_wR_factor_obs                         ? 
_refine.ls_wR_factor_R_free                      ? 
_refine.ls_wR_factor_R_work                      ? 
_refine.occupancy_max                            ? 
_refine.occupancy_min                            ? 
_refine.solvent_model_details                    'FLAT BULK SOLVENT MODEL' 
_refine.solvent_model_param_bsol                 ? 
_refine.solvent_model_param_ksol                 ? 
_refine.pdbx_R_complete                          ? 
_refine.ls_R_factor_gt                           ? 
_refine.ls_goodness_of_fit_gt                    ? 
_refine.ls_goodness_of_fit_ref                   ? 
_refine.ls_shift_over_su_max                     ? 
_refine.ls_shift_over_su_max_lt                  ? 
_refine.ls_shift_over_su_mean                    ? 
_refine.ls_shift_over_su_mean_lt                 ? 
_refine.pdbx_ls_sigma_I                          ? 
_refine.pdbx_ls_sigma_F                          1.34 
_refine.pdbx_ls_sigma_Fsqd                       ? 
_refine.pdbx_data_cutoff_high_absF               ? 
_refine.pdbx_data_cutoff_high_rms_absF           ? 
_refine.pdbx_data_cutoff_low_absF                ? 
_refine.pdbx_isotropic_thermal_model             ? 
_refine.pdbx_ls_cross_valid_method               'FREE R-VALUE' 
_refine.pdbx_method_to_determine_struct          'MOLECULAR REPLACEMENT' 
_refine.pdbx_starting_model                      6USM 
_refine.pdbx_stereochemistry_target_values       'GeoStd + Monomer Library + CDL v1.2' 
_refine.pdbx_R_Free_selection_details            ? 
_refine.pdbx_stereochem_target_val_spec_case     ? 
_refine.pdbx_overall_ESU_R                       ? 
_refine.pdbx_overall_ESU_R_Free                  ? 
_refine.pdbx_solvent_vdw_probe_radii             1.1100 
_refine.pdbx_solvent_ion_probe_radii             ? 
_refine.pdbx_solvent_shrinkage_radii             0.9000 
_refine.pdbx_real_space_R                        ? 
_refine.pdbx_density_correlation                 ? 
_refine.pdbx_pd_number_of_powder_patterns        ? 
_refine.pdbx_pd_number_of_points                 ? 
_refine.pdbx_pd_meas_number_of_points            ? 
_refine.pdbx_pd_proc_ls_prof_R_factor            ? 
_refine.pdbx_pd_proc_ls_prof_wR_factor           ? 
_refine.pdbx_pd_Marquardt_correlation_coeff      ? 
_refine.pdbx_pd_Fsqrd_R_factor                   ? 
_refine.pdbx_pd_ls_matrix_band_width             ? 
_refine.pdbx_overall_phase_error                 32.9938 
_refine.pdbx_overall_SU_R_free_Cruickshank_DPI   ? 
_refine.pdbx_overall_SU_R_free_Blow_DPI          ? 
_refine.pdbx_overall_SU_R_Blow_DPI               ? 
_refine.pdbx_TLS_residual_ADP_flag               ? 
_refine.pdbx_diffrn_id                           1 
_refine.overall_SU_B                             ? 
_refine.overall_SU_ML                            0.4762 
_refine.overall_SU_R_Cruickshank_DPI             ? 
_refine.overall_SU_R_free                        ? 
_refine.overall_FOM_free_R_set                   ? 
_refine.overall_FOM_work_R_set                   ? 
_refine.pdbx_average_fsc_overall                 ? 
_refine.pdbx_average_fsc_work                    ? 
_refine.pdbx_average_fsc_free                    ? 
# 
_refine_hist.pdbx_refine_id                   'X-RAY DIFFRACTION' 
_refine_hist.cycle_id                         LAST 
_refine_hist.details                          ? 
_refine_hist.d_res_high                       3.50 
_refine_hist.d_res_low                        50.08 
_refine_hist.number_atoms_solvent             4 
_refine_hist.number_atoms_total               1294 
_refine_hist.number_reflns_all                ? 
_refine_hist.number_reflns_obs                ? 
_refine_hist.number_reflns_R_free             ? 
_refine_hist.number_reflns_R_work             ? 
_refine_hist.R_factor_all                     ? 
_refine_hist.R_factor_obs                     ? 
_refine_hist.R_factor_R_free                  ? 
_refine_hist.R_factor_R_work                  ? 
_refine_hist.pdbx_number_residues_total       ? 
_refine_hist.pdbx_B_iso_mean_ligand           ? 
_refine_hist.pdbx_B_iso_mean_solvent          ? 
_refine_hist.pdbx_number_atoms_protein        1289 
_refine_hist.pdbx_number_atoms_nucleic_acid   0 
_refine_hist.pdbx_number_atoms_ligand         1 
_refine_hist.pdbx_number_atoms_lipid          ? 
_refine_hist.pdbx_number_atoms_carb           ? 
_refine_hist.pdbx_pseudo_atom_details         ? 
# 
loop_
_refine_ls_restr.pdbx_refine_id 
_refine_ls_restr.criterion 
_refine_ls_restr.dev_ideal 
_refine_ls_restr.dev_ideal_target 
_refine_ls_restr.number 
_refine_ls_restr.rejects 
_refine_ls_restr.type 
_refine_ls_restr.weight 
_refine_ls_restr.pdbx_restraint_function 
'X-RAY DIFFRACTION' ? 0.0036  ? 1320 ? f_bond_d           ? ? 
'X-RAY DIFFRACTION' ? 0.8672  ? 1801 ? f_angle_d          ? ? 
'X-RAY DIFFRACTION' ? 0.0557  ? 203  ? f_chiral_restr     ? ? 
'X-RAY DIFFRACTION' ? 0.0057  ? 232  ? f_plane_restr      ? ? 
'X-RAY DIFFRACTION' ? 14.0876 ? 437  ? f_dihedral_angle_d ? ? 
# 
loop_
_refine_ls_shell.pdbx_refine_id 
_refine_ls_shell.d_res_high 
_refine_ls_shell.d_res_low 
_refine_ls_shell.number_reflns_all 
_refine_ls_shell.number_reflns_obs 
_refine_ls_shell.number_reflns_R_free 
_refine_ls_shell.number_reflns_R_work 
_refine_ls_shell.percent_reflns_obs 
_refine_ls_shell.percent_reflns_R_free 
_refine_ls_shell.R_factor_all 
_refine_ls_shell.R_factor_obs 
_refine_ls_shell.R_factor_R_free 
_refine_ls_shell.R_factor_R_free_error 
_refine_ls_shell.R_factor_R_work 
_refine_ls_shell.redundancy_reflns_all 
_refine_ls_shell.redundancy_reflns_obs 
_refine_ls_shell.wR_factor_all 
_refine_ls_shell.wR_factor_obs 
_refine_ls_shell.wR_factor_R_free 
_refine_ls_shell.wR_factor_R_work 
_refine_ls_shell.pdbx_R_complete 
_refine_ls_shell.pdbx_total_number_of_bins_used 
_refine_ls_shell.pdbx_phase_error 
_refine_ls_shell.pdbx_fsc_work 
_refine_ls_shell.pdbx_fsc_free 
'X-RAY DIFFRACTION' 3.50 3.85  . . 122 1105 98.00 . . . 0.3567 . 0.3363 . . . . . . . . . . . 
'X-RAY DIFFRACTION' 3.85 4.41  . . 125 1136 99.53 . . . 0.3401 . 0.2626 . . . . . . . . . . . 
'X-RAY DIFFRACTION' 4.41 5.55  . . 130 1137 98.22 . . . 0.2877 . 0.2468 . . . . . . . . . . . 
'X-RAY DIFFRACTION' 5.56 50.08 . . 131 1190 99.32 . . . 0.2654 . 0.2464 . . . . . . . . . . . 
# 
_struct.entry_id                     7SZX 
_struct.title                        'Structure of the N-terminal nuclease and origin binding domain of Human Parvovirus B19' 
_struct.pdbx_model_details           ? 
_struct.pdbx_formula_weight          ? 
_struct.pdbx_formula_weight_method   ? 
_struct.pdbx_model_type_details      ? 
_struct.pdbx_CASP_flag               N 
# 
_struct_keywords.entry_id        7SZX 
_struct_keywords.text            
'viral replication, DNA binding, DNA cleaving, DNA nicking, viral origin of replication, VIRAL PROTEIN' 
_struct_keywords.pdbx_keywords   'VIRAL PROTEIN' 
# 
loop_
_struct_asym.id 
_struct_asym.pdbx_blank_PDB_chainid_flag 
_struct_asym.pdbx_modified 
_struct_asym.entity_id 
_struct_asym.details 
A N N 1 ? 
B N N 2 ? 
C N N 3 ? 
# 
loop_
_struct_conf.conf_type_id 
_struct_conf.id 
_struct_conf.pdbx_PDB_helix_id 
_struct_conf.beg_label_comp_id 
_struct_conf.beg_label_asym_id 
_struct_conf.beg_label_seq_id 
_struct_conf.pdbx_beg_PDB_ins_code 
_struct_conf.end_label_comp_id 
_struct_conf.end_label_asym_id 
_struct_conf.end_label_seq_id 
_struct_conf.pdbx_end_PDB_ins_code 
_struct_conf.beg_auth_comp_id 
_struct_conf.beg_auth_asym_id 
_struct_conf.beg_auth_seq_id 
_struct_conf.end_auth_comp_id 
_struct_conf.end_auth_asym_id 
_struct_conf.end_auth_seq_id 
_struct_conf.pdbx_PDB_helix_class 
_struct_conf.details 
_struct_conf.pdbx_PDB_helix_length 
HELX_P HELX_P1 AA1 SER A 30  ? CYS A 36  ? SER B 11  CYS B 17  1 ? 7  
HELX_P HELX_P2 AA2 ASN A 38  ? CYS A 43  ? ASN B 19  CYS B 24  1 ? 6  
HELX_P HELX_P3 AA3 THR A 57  ? PHE A 76  ? THR B 38  PHE B 57  1 ? 20 
HELX_P HELX_P4 AA4 GLY A 78  ? ALA A 82  ? GLY B 59  ALA B 63  5 ? 5  
HELX_P HELX_P5 AA5 ASN A 114 ? LEU A 130 ? ASN B 95  LEU B 111 1 ? 17 
HELX_P HELX_P6 AA6 ASP A 152 ? TYR A 160 ? ASP B 133 TYR B 141 1 ? 9  
HELX_P HELX_P7 AA7 LEU A 161 ? LYS A 164 ? LEU B 142 LYS B 145 5 ? 4  
HELX_P HELX_P8 AA8 GLY A 178 ? CYS A 183 ? GLY B 159 CYS B 164 1 ? 6  
HELX_P HELX_P9 AA9 SER A 185 ? CYS A 193 ? SER B 166 CYS B 174 1 ? 9  
# 
_struct_conf_type.id          HELX_P 
_struct_conf_type.criteria    ? 
_struct_conf_type.reference   ? 
# 
_struct_conn.id                            metalc1 
_struct_conn.conn_type_id                  metalc 
_struct_conn.pdbx_leaving_atom_flag        ? 
_struct_conn.pdbx_PDB_id                   ? 
_struct_conn.ptnr1_label_asym_id           A 
_struct_conn.ptnr1_label_comp_id           GLU 
_struct_conn.ptnr1_label_seq_id            91 
_struct_conn.ptnr1_label_atom_id           OE1 
_struct_conn.pdbx_ptnr1_label_alt_id       ? 
_struct_conn.pdbx_ptnr1_PDB_ins_code       ? 
_struct_conn.pdbx_ptnr1_standard_comp_id   ? 
_struct_conn.ptnr1_symmetry                1_555 
_struct_conn.ptnr2_label_asym_id           B 
_struct_conn.ptnr2_label_comp_id           MG 
_struct_conn.ptnr2_label_seq_id            . 
_struct_conn.ptnr2_label_atom_id           MG 
_struct_conn.pdbx_ptnr2_label_alt_id       ? 
_struct_conn.pdbx_ptnr2_PDB_ins_code       ? 
_struct_conn.ptnr1_auth_asym_id            B 
_struct_conn.ptnr1_auth_comp_id            GLU 
_struct_conn.ptnr1_auth_seq_id             72 
_struct_conn.ptnr2_auth_asym_id            B 
_struct_conn.ptnr2_auth_comp_id            MG 
_struct_conn.ptnr2_auth_seq_id             301 
_struct_conn.ptnr2_symmetry                1_555 
_struct_conn.pdbx_ptnr3_label_atom_id      ? 
_struct_conn.pdbx_ptnr3_label_seq_id       ? 
_struct_conn.pdbx_ptnr3_label_comp_id      ? 
_struct_conn.pdbx_ptnr3_label_asym_id      ? 
_struct_conn.pdbx_ptnr3_label_alt_id       ? 
_struct_conn.pdbx_ptnr3_PDB_ins_code       ? 
_struct_conn.details                       ? 
_struct_conn.pdbx_dist_value               2.639 
_struct_conn.pdbx_value_order              ? 
_struct_conn.pdbx_role                     ? 
# 
_struct_conn_type.id          metalc 
_struct_conn_type.criteria    ? 
_struct_conn_type.reference   ? 
# 
_struct_mon_prot_cis.pdbx_id                1 
_struct_mon_prot_cis.label_comp_id          PRO 
_struct_mon_prot_cis.label_seq_id           166 
_struct_mon_prot_cis.label_asym_id          A 
_struct_mon_prot_cis.label_alt_id           . 
_struct_mon_prot_cis.pdbx_PDB_ins_code      ? 
_struct_mon_prot_cis.auth_comp_id           PRO 
_struct_mon_prot_cis.auth_seq_id            147 
_struct_mon_prot_cis.auth_asym_id           B 
_struct_mon_prot_cis.pdbx_label_comp_id_2   LEU 
_struct_mon_prot_cis.pdbx_label_seq_id_2    167 
_struct_mon_prot_cis.pdbx_label_asym_id_2   A 
_struct_mon_prot_cis.pdbx_PDB_ins_code_2    ? 
_struct_mon_prot_cis.pdbx_auth_comp_id_2    LEU 
_struct_mon_prot_cis.pdbx_auth_seq_id_2     148 
_struct_mon_prot_cis.pdbx_auth_asym_id_2    B 
_struct_mon_prot_cis.pdbx_PDB_model_num     1 
_struct_mon_prot_cis.pdbx_omega_angle       5.53 
# 
_struct_sheet.id               AA1 
_struct_sheet.type             ? 
_struct_sheet.number_strands   5 
_struct_sheet.details          ? 
# 
loop_
_struct_sheet_order.sheet_id 
_struct_sheet_order.range_id_1 
_struct_sheet_order.range_id_2 
_struct_sheet_order.offset 
_struct_sheet_order.sense 
AA1 1 2 ? anti-parallel 
AA1 2 3 ? anti-parallel 
AA1 3 4 ? anti-parallel 
AA1 4 5 ? anti-parallel 
# 
loop_
_struct_sheet_range.sheet_id 
_struct_sheet_range.id 
_struct_sheet_range.beg_label_comp_id 
_struct_sheet_range.beg_label_asym_id 
_struct_sheet_range.beg_label_seq_id 
_struct_sheet_range.pdbx_beg_PDB_ins_code 
_struct_sheet_range.end_label_comp_id 
_struct_sheet_range.end_label_asym_id 
_struct_sheet_range.end_label_seq_id 
_struct_sheet_range.pdbx_end_PDB_ins_code 
_struct_sheet_range.beg_auth_comp_id 
_struct_sheet_range.beg_auth_asym_id 
_struct_sheet_range.beg_auth_seq_id 
_struct_sheet_range.end_auth_comp_id 
_struct_sheet_range.end_auth_asym_id 
_struct_sheet_range.end_auth_seq_id 
AA1 1 PHE A 139 ? PRO A 141 ? PHE B 120 PRO B 122 
AA1 2 PHE A 23  ? ILE A 29  ? PHE B 4   ILE B 10  
AA1 3 TYR A 99  ? GLY A 106 ? TYR B 80  GLY B 87  
AA1 4 LEU A 85  ? CYS A 92  ? LEU B 66  CYS B 73  
AA1 5 VAL A 169 ? THR A 174 ? VAL B 150 THR B 155 
# 
loop_
_pdbx_struct_sheet_hbond.sheet_id 
_pdbx_struct_sheet_hbond.range_id_1 
_pdbx_struct_sheet_hbond.range_id_2 
_pdbx_struct_sheet_hbond.range_1_label_atom_id 
_pdbx_struct_sheet_hbond.range_1_label_comp_id 
_pdbx_struct_sheet_hbond.range_1_label_asym_id 
_pdbx_struct_sheet_hbond.range_1_label_seq_id 
_pdbx_struct_sheet_hbond.range_1_PDB_ins_code 
_pdbx_struct_sheet_hbond.range_1_auth_atom_id 
_pdbx_struct_sheet_hbond.range_1_auth_comp_id 
_pdbx_struct_sheet_hbond.range_1_auth_asym_id 
_pdbx_struct_sheet_hbond.range_1_auth_seq_id 
_pdbx_struct_sheet_hbond.range_2_label_atom_id 
_pdbx_struct_sheet_hbond.range_2_label_comp_id 
_pdbx_struct_sheet_hbond.range_2_label_asym_id 
_pdbx_struct_sheet_hbond.range_2_label_seq_id 
_pdbx_struct_sheet_hbond.range_2_PDB_ins_code 
_pdbx_struct_sheet_hbond.range_2_auth_atom_id 
_pdbx_struct_sheet_hbond.range_2_auth_comp_id 
_pdbx_struct_sheet_hbond.range_2_auth_asym_id 
_pdbx_struct_sheet_hbond.range_2_auth_seq_id 
AA1 1 2 O LEU A 140 ? O LEU B 121 N VAL A 26  ? N VAL B 7   
AA1 2 3 N LEU A 27  ? N LEU B 8   O ILE A 101 ? O ILE B 82  
AA1 3 4 O GLY A 106 ? O GLY B 87  N LEU A 85  ? N LEU B 66  
AA1 4 5 N PHE A 88  ? N PHE B 69  O VAL A 173 ? O VAL B 154 
# 
_atom_sites.entry_id                    7SZX 
_atom_sites.Cartn_transf_matrix[1][1]   ? 
_atom_sites.Cartn_transf_matrix[1][2]   ? 
_atom_sites.Cartn_transf_matrix[1][3]   ? 
_atom_sites.Cartn_transf_matrix[2][1]   ? 
_atom_sites.Cartn_transf_matrix[2][2]   ? 
_atom_sites.Cartn_transf_matrix[2][3]   ? 
_atom_sites.Cartn_transf_matrix[3][1]   ? 
_atom_sites.Cartn_transf_matrix[3][2]   ? 
_atom_sites.Cartn_transf_matrix[3][3]   ? 
_atom_sites.Cartn_transf_vector[1]      ? 
_atom_sites.Cartn_transf_vector[2]      ? 
_atom_sites.Cartn_transf_vector[3]      ? 
_atom_sites.fract_transf_matrix[1][1]   0.00642618 
_atom_sites.fract_transf_matrix[1][2]   0.00863855 
_atom_sites.fract_transf_matrix[1][3]   0.00107862 
_atom_sites.fract_transf_matrix[2][1]   0.00200905 
_atom_sites.fract_transf_matrix[2][2]   0.00634739 
_atom_sites.fract_transf_matrix[2][3]   -0.00853044 
_atom_sites.fract_transf_matrix[3][1]   -0.01332786 
_atom_sites.fract_transf_matrix[3][2]   0.00943032 
_atom_sites.fract_transf_matrix[3][3]   0.00387806 
_atom_sites.fract_transf_vector[1]      -0.491661 
_atom_sites.fract_transf_vector[2]      -0.285710 
_atom_sites.fract_transf_vector[3]      -0.157251 
_atom_sites.solution_primary            ? 
_atom_sites.solution_secondary          ? 
_atom_sites.solution_hydrogens          ? 
_atom_sites.special_details             ? 
# 
loop_
_atom_type.symbol 
_atom_type.scat_dispersion_real 
_atom_type.scat_dispersion_imag 
_atom_type.scat_Cromer_Mann_a1 
_atom_type.scat_Cromer_Mann_a2 
_atom_type.scat_Cromer_Mann_a3 
_atom_type.scat_Cromer_Mann_a4 
_atom_type.scat_Cromer_Mann_b1 
_atom_type.scat_Cromer_Mann_b2 
_atom_type.scat_Cromer_Mann_b3 
_atom_type.scat_Cromer_Mann_b4 
_atom_type.scat_Cromer_Mann_c 
_atom_type.scat_source 
_atom_type.scat_dispersion_source 
C  ? ? 5.96793  ?       ? ? 14.89577 ?        ? ? 0.0 
;1-Gaussian fit: Grosse-Kunstleve RW, Sauter NK, Adams PD: Newsletter of the IUCr Commission on Crystallographic Computing 2004, 3, 22-31.
;
? 
MG ? ? 9.41153  2.53737 ? ? 2.59044  63.03566 ? ? 0.0 
;2-Gaussian fit: Grosse-Kunstleve RW, Sauter NK, Adams PD: Newsletter of the IUCr Commission on Crystallographic Computing 2004, 3, 22-31.
;
? 
N  ? ? 6.96715  ?       ? ? 11.43723 ?        ? ? 0.0 
;1-Gaussian fit: Grosse-Kunstleve RW, Sauter NK, Adams PD: Newsletter of the IUCr Commission on Crystallographic Computing 2004, 3, 22-31.
;
? 
O  ? ? 7.96527  ?       ? ? 9.05267  ?        ? ? 0.0 
;1-Gaussian fit: Grosse-Kunstleve RW, Sauter NK, Adams PD: Newsletter of the IUCr Commission on Crystallographic Computing 2004, 3, 22-31.
;
? 
S  ? ? 15.91112 ?       ? ? 10.84690 ?        ? ? 0.0 
;1-Gaussian fit: Grosse-Kunstleve RW, Sauter NK, Adams PD: Newsletter of the IUCr Commission on Crystallographic Computing 2004, 3, 22-31.
;
? 
# 
loop_
_atom_site.group_PDB 
_atom_site.id 
_atom_site.type_symbol 
_atom_site.label_atom_id 
_atom_site.label_alt_id 
_atom_site.label_comp_id 
_atom_site.label_asym_id 
_atom_site.label_entity_id 
_atom_site.label_seq_id 
_atom_site.pdbx_PDB_ins_code 
_atom_site.Cartn_x 
_atom_site.Cartn_y 
_atom_site.Cartn_z 
_atom_site.occupancy 
_atom_site.B_iso_or_equiv 
_atom_site.pdbx_formal_charge 
_atom_site.auth_seq_id 
_atom_site.auth_comp_id 
_atom_site.auth_asym_id 
_atom_site.auth_atom_id 
_atom_site.pdbx_PDB_model_num 
ATOM   1    N  N   . GLU A 1 21  ? 17.95212  4.22631   -0.69793  1.000 108.92693 ? 2   GLU B N   1 
ATOM   2    C  CA  . GLU A 1 21  ? 17.28043  4.96470   -1.76422  1.000 120.01520 ? 2   GLU B CA  1 
ATOM   3    C  C   . GLU A 1 21  ? 16.00515  4.26003   -2.22231  1.000 124.44244 ? 2   GLU B C   1 
ATOM   4    O  O   . GLU A 1 21  ? 16.05662  3.15571   -2.76551  1.000 130.47592 ? 2   GLU B O   1 
ATOM   5    C  CB  . GLU A 1 21  ? 18.22472  5.16088   -2.95105  1.000 83.22824  ? 2   GLU B CB  1 
ATOM   6    N  N   . LEU A 1 22  ? 14.86455  4.92197   -2.03138  1.000 104.77024 ? 3   LEU B N   1 
ATOM   7    C  CA  . LEU A 1 22  ? 13.55435  4.30395   -2.18839  1.000 84.25465  ? 3   LEU B CA  1 
ATOM   8    C  C   . LEU A 1 22  ? 12.77035  5.00312   -3.29001  1.000 97.25665  ? 3   LEU B C   1 
ATOM   9    O  O   . LEU A 1 22  ? 12.70838  6.23578   -3.32864  1.000 110.61733 ? 3   LEU B O   1 
ATOM   10   C  CB  . LEU A 1 22  ? 12.77045  4.36366   -0.87359  1.000 63.84801  ? 3   LEU B CB  1 
ATOM   11   N  N   . PHE A 1 23  ? 12.20213  4.21072   -4.19866  1.000 99.70144  ? 4   PHE B N   1 
ATOM   12   C  CA  . PHE A 1 23  ? 11.37098  4.69937   -5.28791  1.000 95.40585  ? 4   PHE B CA  1 
ATOM   13   C  C   . PHE A 1 23  ? 9.98394   5.07969   -4.76583  1.000 101.01029 ? 4   PHE B C   1 
ATOM   14   O  O   . PHE A 1 23  ? 9.54764   4.62183   -3.70228  1.000 106.25004 ? 4   PHE B O   1 
ATOM   15   C  CB  . PHE A 1 23  ? 11.24649  3.63945   -6.38370  1.000 99.77890  ? 4   PHE B CB  1 
ATOM   16   C  CG  . PHE A 1 23  ? 12.48307  3.47897   -7.23050  1.000 117.10587 ? 4   PHE B CG  1 
ATOM   17   C  CD1 . PHE A 1 23  ? 13.64183  2.94122   -6.69176  1.000 119.35843 ? 4   PHE B CD1 1 
ATOM   18   C  CD2 . PHE A 1 23  ? 12.48129  3.84467   -8.56728  1.000 114.50609 ? 4   PHE B CD2 1 
ATOM   19   C  CE1 . PHE A 1 23  ? 14.77837  2.78307   -7.46398  1.000 106.84299 ? 4   PHE B CE1 1 
ATOM   20   C  CE2 . PHE A 1 23  ? 13.61584  3.68827   -9.34628  1.000 110.09698 ? 4   PHE B CE2 1 
ATOM   21   C  CZ  . PHE A 1 23  ? 14.76487  3.15717   -8.79219  1.000 109.25072 ? 4   PHE B CZ  1 
ATOM   22   N  N   . ARG A 1 24  ? 9.23329   5.79542   -5.61134  1.000 96.86596  ? 5   ARG B N   1 
ATOM   23   C  CA  . ARG A 1 24  ? 7.89121   6.28150   -5.30442  1.000 89.23425  ? 5   ARG B CA  1 
ATOM   24   C  C   . ARG A 1 24  ? 6.97869   6.05236   -6.50295  1.000 95.52818  ? 5   ARG B C   1 
ATOM   25   O  O   . ARG A 1 24  ? 7.40271   6.20921   -7.65130  1.000 101.15602 ? 5   ARG B O   1 
ATOM   26   C  CB  . ARG A 1 24  ? 7.88125   7.78174   -4.94522  1.000 105.30555 ? 5   ARG B CB  1 
ATOM   27   C  CG  . ARG A 1 24  ? 6.56111   8.46845   -5.31473  1.000 99.89938  ? 5   ARG B CG  1 
ATOM   28   C  CD  . ARG A 1 24  ? 6.45366   9.93566   -4.93330  1.000 98.21852  ? 5   ARG B CD  1 
ATOM   29   N  NE  . ARG A 1 24  ? 7.71867   10.65548  -4.98011  1.000 103.95761 ? 5   ARG B NE  1 
ATOM   30   C  CZ  . ARG A 1 24  ? 7.81057   11.97122  -5.11603  1.000 109.93476 ? 5   ARG B CZ  1 
ATOM   31   N  NH1 . ARG A 1 24  ? 6.73405   12.73125  -5.22899  1.000 122.99104 ? 5   ARG B NH1 1 
ATOM   32   N  NH2 . ARG A 1 24  ? 9.01235   12.53632  -5.15967  1.000 109.45844 ? 5   ARG B NH2 1 
ATOM   33   N  N   . GLY A 1 25  ? 5.72825   5.68565   -6.23055  1.000 95.57047  ? 6   GLY B N   1 
ATOM   34   C  CA  . GLY A 1 25  ? 4.75414   5.47113   -7.28683  1.000 93.52158  ? 6   GLY B CA  1 
ATOM   35   C  C   . GLY A 1 25  ? 3.37153   5.31396   -6.69303  1.000 96.34681  ? 6   GLY B C   1 
ATOM   36   O  O   . GLY A 1 25  ? 3.18757   5.35301   -5.47303  1.000 91.48675  ? 6   GLY B O   1 
ATOM   37   N  N   . VAL A 1 26  ? 2.37714   5.21037   -7.57387  1.000 90.70705  ? 7   VAL B N   1 
ATOM   38   C  CA  . VAL A 1 26  ? 0.98223   5.13682   -7.14781  1.000 75.76611  ? 7   VAL B CA  1 
ATOM   39   C  C   . VAL A 1 26  ? 0.27527   4.05600   -7.95742  1.000 79.62852  ? 7   VAL B C   1 
ATOM   40   O  O   . VAL A 1 26  ? 0.53902   3.88475   -9.15298  1.000 91.90027  ? 7   VAL B O   1 
ATOM   41   C  CB  . VAL A 1 26  ? 0.26715   6.49886   -7.31375  1.000 79.36560  ? 7   VAL B CB  1 
ATOM   42   C  CG1 . VAL A 1 26  ? -1.20295  6.39376   -6.93521  1.000 83.97970  ? 7   VAL B CG1 1 
ATOM   43   C  CG2 . VAL A 1 26  ? 0.95335   7.57801   -6.48488  1.000 87.46798  ? 7   VAL B CG2 1 
ATOM   44   N  N   . LEU A 1 27  ? -0.62755  3.32230   -7.30286  1.000 80.64886  ? 8   LEU B N   1 
ATOM   45   C  CA  . LEU A 1 27  ? -1.58037  2.45342   -7.98858  1.000 79.66541  ? 8   LEU B CA  1 
ATOM   46   C  C   . LEU A 1 27  ? -3.00213  2.88596   -7.65655  1.000 90.19960  ? 8   LEU B C   1 
ATOM   47   O  O   . LEU A 1 27  ? -3.33697  3.06192   -6.48311  1.000 96.91395  ? 8   LEU B O   1 
ATOM   48   C  CB  . LEU A 1 27  ? -1.36749  0.98746   -7.59963  1.000 56.81056  ? 8   LEU B CB  1 
ATOM   49   N  N   . HIS A 1 28  ? -3.84792  3.03254   -8.67396  1.000 81.11356  ? 9   HIS B N   1 
ATOM   50   C  CA  . HIS A 1 28  ? -5.25387  3.33091   -8.43296  1.000 92.11120  ? 9   HIS B CA  1 
ATOM   51   C  C   . HIS A 1 28  ? -6.07582  2.04758   -8.37510  1.000 91.94389  ? 9   HIS B C   1 
ATOM   52   O  O   . HIS A 1 28  ? -5.85944  1.12117   -9.16061  1.000 92.61789  ? 9   HIS B O   1 
ATOM   53   C  CB  . HIS A 1 28  ? -5.80145  4.25296   -9.52364  1.000 91.89438  ? 9   HIS B CB  1 
ATOM   54   N  N   . ILE A 1 29  ? -7.02162  2.00106   -7.43625  1.000 87.21624  ? 10  ILE B N   1 
ATOM   55   C  CA  . ILE A 1 29  ? -7.94943  0.88603   -7.27301  1.000 83.10755  ? 10  ILE B CA  1 
ATOM   56   C  C   . ILE A 1 29  ? -9.36062  1.45798   -7.33455  1.000 89.50131  ? 10  ILE B C   1 
ATOM   57   O  O   . ILE A 1 29  ? -9.83857  2.06609   -6.36671  1.000 85.32789  ? 10  ILE B O   1 
ATOM   58   C  CB  . ILE A 1 29  ? -7.70472  0.10618   -5.97660  1.000 78.37635  ? 10  ILE B CB  1 
ATOM   59   C  CG1 . ILE A 1 29  ? -6.39550  -0.67468  -6.09072  1.000 87.04627  ? 10  ILE B CG1 1 
ATOM   60   C  CG2 . ILE A 1 29  ? -8.85495  -0.84782  -5.70152  1.000 76.45450  ? 10  ILE B CG2 1 
ATOM   61   C  CD1 . ILE A 1 29  ? -5.81988  -1.11520  -4.77214  1.000 88.17983  ? 10  ILE B CD1 1 
ATOM   62   N  N   . SER A 1 30  ? -10.01864 1.30330   -8.47989  1.000 92.88446  ? 11  SER B N   1 
ATOM   63   C  CA  . SER A 1 30  ? -11.40373 1.72502   -8.62296  1.000 98.37863  ? 11  SER B CA  1 
ATOM   64   C  C   . SER A 1 30  ? -12.32553 0.90367   -7.72096  1.000 91.26410  ? 11  SER B C   1 
ATOM   65   O  O   . SER A 1 30  ? -11.99436 -0.19973  -7.27919  1.000 75.29747  ? 11  SER B O   1 
ATOM   66   C  CB  . SER A 1 30  ? -11.85302 1.59592   -10.07814 1.000 98.43404  ? 11  SER B CB  1 
ATOM   67   O  OG  . SER A 1 30  ? -12.33756 0.29082   -10.34389 1.000 78.05777  ? 11  SER B OG  1 
ATOM   68   N  N   . SER A 1 31  ? -13.50872 1.46730   -7.45465  1.000 99.51135  ? 12  SER B N   1 
ATOM   69   C  CA  . SER A 1 31  ? -14.48417 0.82079   -6.58233  1.000 96.60884  ? 12  SER B CA  1 
ATOM   70   C  C   . SER A 1 31  ? -15.11172 -0.41238  -7.22023  1.000 94.95441  ? 12  SER B C   1 
ATOM   71   O  O   . SER A 1 31  ? -15.68475 -1.23959  -6.50302  1.000 93.89578  ? 12  SER B O   1 
ATOM   72   C  CB  . SER A 1 31  ? -15.57960 1.81227   -6.18503  1.000 72.33755  ? 12  SER B CB  1 
ATOM   73   O  OG  . SER A 1 31  ? -16.28811 2.27452   -7.32086  1.000 116.52434 ? 12  SER B OG  1 
ATOM   74   N  N   . ASN A 1 32  ? -15.03170 -0.54541  -8.54732  1.000 90.63360  ? 13  ASN B N   1 
ATOM   75   C  CA  . ASN A 1 32  ? -15.55957 -1.73629  -9.20510  1.000 91.76031  ? 13  ASN B CA  1 
ATOM   76   C  C   . ASN A 1 32  ? -14.81212 -2.99009  -8.76707  1.000 86.73983  ? 13  ASN B C   1 
ATOM   77   O  O   . ASN A 1 32  ? -15.38868 -4.08346  -8.75615  1.000 91.55102  ? 13  ASN B O   1 
ATOM   78   C  CB  . ASN A 1 32  ? -15.49372 -1.57593  -10.72316 1.000 95.95315  ? 13  ASN B CB  1 
ATOM   79   C  CG  . ASN A 1 32  ? -16.35124 -2.59124  -11.45226 1.000 128.87772 ? 13  ASN B CG  1 
ATOM   80   O  OD1 . ASN A 1 32  ? -17.53669 -2.74624  -11.15544 1.000 131.66311 ? 13  ASN B OD1 1 
ATOM   81   N  ND2 . ASN A 1 32  ? -15.75634 -3.29268  -12.40999 1.000 129.37362 ? 13  ASN B ND2 1 
ATOM   82   N  N   . ILE A 1 33  ? -13.53631 -2.85064  -8.39962  1.000 80.27539  ? 14  ILE B N   1 
ATOM   83   C  CA  . ILE A 1 33  ? -12.73888 -4.00120  -7.98461  1.000 89.58341  ? 14  ILE B CA  1 
ATOM   84   C  C   . ILE A 1 33  ? -13.26396 -4.55893  -6.66744  1.000 84.69911  ? 14  ILE B C   1 
ATOM   85   O  O   . ILE A 1 33  ? -13.26848 -5.77619  -6.44908  1.000 78.76206  ? 14  ILE B O   1 
ATOM   86   C  CB  . ILE A 1 33  ? -11.25127 -3.61640  -7.88832  1.000 89.54780  ? 14  ILE B CB  1 
ATOM   87   C  CG1 . ILE A 1 33  ? -10.79207 -2.93469  -9.17950  1.000 104.11514 ? 14  ILE B CG1 1 
ATOM   88   C  CG2 . ILE A 1 33  ? -10.39767 -4.84187  -7.59575  1.000 63.19548  ? 14  ILE B CG2 1 
ATOM   89   C  CD1 . ILE A 1 33  ? -9.45587  -2.23335  -9.06219  1.000 84.00344  ? 14  ILE B CD1 1 
ATOM   90   N  N   . LEU A 1 34  ? -13.70453 -3.67595  -5.76788  1.000 83.85418  ? 15  LEU B N   1 
ATOM   91   C  CA  . LEU A 1 34  ? -14.26144 -4.11842  -4.49422  1.000 76.12844  ? 15  LEU B CA  1 
ATOM   92   C  C   . LEU A 1 34  ? -15.50516 -4.97460  -4.69607  1.000 75.06736  ? 15  LEU B C   1 
ATOM   93   O  O   . LEU A 1 34  ? -15.78484 -5.86269  -3.88278  1.000 74.53763  ? 15  LEU B O   1 
ATOM   94   C  CB  . LEU A 1 34  ? -14.58225 -2.91336  -3.60714  1.000 67.51003  ? 15  LEU B CB  1 
ATOM   95   C  CG  . LEU A 1 34  ? -13.42700 -2.23604  -2.85899  1.000 72.14789  ? 15  LEU B CG  1 
ATOM   96   C  CD1 . LEU A 1 34  ? -12.64458 -3.25818  -2.04625  1.000 59.78789  ? 15  LEU B CD1 1 
ATOM   97   C  CD2 . LEU A 1 34  ? -12.50585 -1.45719  -3.79403  1.000 76.58789  ? 15  LEU B CD2 1 
ATOM   98   N  N   . ASP A 1 35  ? -16.27091 -4.71655  -5.76138  1.000 67.31012  ? 16  ASP B N   1 
ATOM   99   C  CA  . ASP A 1 35  ? -17.50798 -5.45874  -5.97960  1.000 71.29393  ? 16  ASP B CA  1 
ATOM   100  C  C   . ASP A 1 35  ? -17.23576 -6.92533  -6.29385  1.000 74.41781  ? 16  ASP B C   1 
ATOM   101  O  O   . ASP A 1 35  ? -18.08262 -7.78455  -6.02015  1.000 67.31420  ? 16  ASP B O   1 
ATOM   102  C  CB  . ASP A 1 35  ? -18.29510 -4.83026  -7.13203  1.000 82.07446  ? 16  ASP B CB  1 
ATOM   103  C  CG  . ASP A 1 35  ? -18.78411 -3.42862  -6.82076  1.000 99.45475  ? 16  ASP B CG  1 
ATOM   104  O  OD1 . ASP A 1 35  ? -18.97199 -3.10817  -5.63205  1.000 98.28679  ? 16  ASP B OD1 1 
ATOM   105  O  OD2 . ASP A 1 35  ? -18.97078 -2.63938  -7.77177  1.000 90.04165  ? 16  ASP B OD2 1 
ATOM   106  N  N   . CYS A 1 36  ? -16.06660 -7.22886  -6.85578  1.000 89.77497  ? 17  CYS B N   1 
ATOM   107  C  CA  . CYS A 1 36  ? -15.69686 -8.57517  -7.27448  1.000 78.32457  ? 17  CYS B CA  1 
ATOM   108  C  C   . CYS A 1 36  ? -15.08486 -9.41085  -6.15510  1.000 82.77414  ? 17  CYS B C   1 
ATOM   109  O  O   . CYS A 1 36  ? -14.55334 -10.49096 -6.43150  1.000 92.94991  ? 17  CYS B O   1 
ATOM   110  C  CB  . CYS A 1 36  ? -14.73390 -8.51724  -8.46338  1.000 63.35986  ? 17  CYS B CB  1 
ATOM   111  S  SG  . CYS A 1 36  ? -15.02475 -7.14234  -9.59554  1.000 110.42846 ? 17  CYS B SG  1 
ATOM   112  N  N   . ALA A 1 37  ? -15.14833 -8.94489  -4.91000  1.000 88.32038  ? 18  ALA B N   1 
ATOM   113  C  CA  . ALA A 1 37  ? -14.52290 -9.66127  -3.80525  1.000 77.70547  ? 18  ALA B CA  1 
ATOM   114  C  C   . ALA A 1 37  ? -15.14086 -11.04461 -3.64690  1.000 82.75418  ? 18  ALA B C   1 
ATOM   115  O  O   . ALA A 1 37  ? -16.36301 -11.20577 -3.69060  1.000 80.91064  ? 18  ALA B O   1 
ATOM   116  C  CB  . ALA A 1 37  ? -14.66735 -8.86739  -2.50647  1.000 80.94690  ? 18  ALA B CB  1 
ATOM   117  N  N   . ASN A 1 38  ? -14.28586 -12.04813 -3.45650  1.000 92.05581  ? 19  ASN B N   1 
ATOM   118  C  CA  . ASN A 1 38  ? -14.76616 -13.39286 -3.20022  1.000 99.55557  ? 19  ASN B CA  1 
ATOM   119  C  C   . ASN A 1 38  ? -14.64376 -13.70911 -1.71197  1.000 89.06361  ? 19  ASN B C   1 
ATOM   120  O  O   . ASN A 1 38  ? -14.31834 -12.84110 -0.89559  1.000 87.41063  ? 19  ASN B O   1 
ATOM   121  C  CB  . ASN A 1 38  ? -14.01507 -14.40113 -4.07802  1.000 103.87717 ? 19  ASN B CB  1 
ATOM   122  C  CG  . ASN A 1 38  ? -12.50997 -14.39997 -3.83684  1.000 92.90634  ? 19  ASN B CG  1 
ATOM   123  O  OD1 . ASN A 1 38  ? -12.03917 -14.26285 -2.70806  1.000 84.24936  ? 19  ASN B OD1 1 
ATOM   124  N  ND2 . ASN A 1 38  ? -11.74891 -14.57334 -4.91051  1.000 103.71747 ? 19  ASN B ND2 1 
ATOM   125  N  N   . ASP A 1 39  ? -14.85272 -14.97600 -1.35289  1.000 78.40714  ? 20  ASP B N   1 
ATOM   126  C  CA  . ASP A 1 39  ? -14.89723 -15.31712 0.06358   1.000 69.95424  ? 20  ASP B CA  1 
ATOM   127  C  C   . ASP A 1 39  ? -13.53635 -15.24602 0.73383   1.000 79.07392  ? 20  ASP B C   1 
ATOM   128  O  O   . ASP A 1 39  ? -13.46293 -15.03965 1.95121   1.000 57.60041  ? 20  ASP B O   1 
ATOM   129  C  CB  . ASP A 1 39  ? -15.47913 -16.72124 0.22764   1.000 69.48789  ? 20  ASP B CB  1 
ATOM   130  C  CG  . ASP A 1 39  ? -14.73924 -17.76125 -0.60283  1.000 102.72422 ? 20  ASP B CG  1 
ATOM   131  O  OD1 . ASP A 1 39  ? -13.72099 -17.41777 -1.24022  1.000 122.01265 ? 20  ASP B OD1 1 
ATOM   132  O  OD2 . ASP A 1 39  ? -15.17783 -18.92764 -0.62390  1.000 100.74932 ? 20  ASP B OD2 1 
ATOM   133  N  N   . ASN A 1 40  ? -12.45134 -15.40751 -0.02129  1.000 111.85569 ? 21  ASN B N   1 
ATOM   134  C  CA  . ASN A 1 40  ? -11.14417 -15.28275 0.60646   1.000 102.97105 ? 21  ASN B CA  1 
ATOM   135  C  C   . ASN A 1 40  ? -10.86014 -13.84663 1.03285   1.000 84.83150  ? 21  ASN B C   1 
ATOM   136  O  O   . ASN A 1 40  ? -10.21226 -13.61907 2.06132   1.000 79.04465  ? 21  ASN B O   1 
ATOM   137  C  CB  . ASN A 1 40  ? -10.06015 -15.78750 -0.34723  1.000 88.14336  ? 21  ASN B CB  1 
ATOM   138  C  CG  . ASN A 1 40  ? -9.05544  -16.69164 0.33673   1.000 100.94842 ? 21  ASN B CG  1 
ATOM   139  O  OD1 . ASN A 1 40  ? -9.42777  -17.62333 1.05011   1.000 108.36924 ? 21  ASN B OD1 1 
ATOM   140  N  ND2 . ASN A 1 40  ? -7.77304  -16.42469 0.11815   1.000 113.58836 ? 21  ASN B ND2 1 
ATOM   141  N  N   . TRP A 1 41  ? -11.32964 -12.86149 0.25613   1.000 86.16272  ? 22  TRP B N   1 
ATOM   142  C  CA  . TRP A 1 41  ? -11.17432 -11.46851 0.66958   1.000 92.72622  ? 22  TRP B CA  1 
ATOM   143  C  C   . TRP A 1 41  ? -12.08931 -11.06972 1.82145   1.000 87.59117  ? 22  TRP B C   1 
ATOM   144  O  O   . TRP A 1 41  ? -11.63966 -10.45135 2.79340   1.000 75.42947  ? 22  TRP B O   1 
ATOM   145  C  CB  . TRP A 1 41  ? -11.44944 -10.53817 -0.51313  1.000 84.61916  ? 22  TRP B CB  1 
ATOM   146  C  CG  . TRP A 1 41  ? -10.77373 -9.19865  -0.39238  1.000 67.82406  ? 22  TRP B CG  1 
ATOM   147  C  CD1 . TRP A 1 41  ? -10.25909 -8.63696  0.74171   1.000 64.40788  ? 22  TRP B CD1 1 
ATOM   148  C  CD2 . TRP A 1 41  ? -10.63253 -8.21373  -1.42375  1.000 57.64541  ? 22  TRP B CD2 1 
ATOM   149  N  NE1 . TRP A 1 41  ? -9.75377  -7.38982  0.46690   1.000 59.39082  ? 22  TRP B NE1 1 
ATOM   150  C  CE2 . TRP A 1 41  ? -9.97817  -7.10316  -0.85427  1.000 52.05107  ? 22  TRP B CE2 1 
ATOM   151  C  CE3 . TRP A 1 41  ? -10.97766 -8.17145  -2.77760  1.000 64.11004  ? 22  TRP B CE3 1 
ATOM   152  C  CZ2 . TRP A 1 41  ? -9.66062  -5.96494  -1.59177  1.000 48.07360  ? 22  TRP B CZ2 1 
ATOM   153  C  CZ3 . TRP A 1 41  ? -10.66099 -7.03907  -3.50823  1.000 66.73335  ? 22  TRP B CZ3 1 
ATOM   154  C  CH2 . TRP A 1 41  ? -10.00955 -5.95183  -2.91368  1.000 52.29889  ? 22  TRP B CH2 1 
ATOM   155  N  N   . TRP A 1 42  ? -13.37791 -11.41540 1.74278   1.000 93.00968  ? 23  TRP B N   1 
ATOM   156  C  CA  . TRP A 1 42  ? -14.28678 -10.91976 2.77535   1.000 79.68310  ? 23  TRP B CA  1 
ATOM   157  C  C   . TRP A 1 42  ? -14.08792 -11.61063 4.11321   1.000 97.84176  ? 23  TRP B C   1 
ATOM   158  O  O   . TRP A 1 42  ? -14.00673 -10.95124 5.15575   1.000 86.14811  ? 23  TRP B O   1 
ATOM   159  C  CB  . TRP A 1 42  ? -15.75053 -10.98041 2.32332   1.000 53.87270  ? 23  TRP B CB  1 
ATOM   160  C  CG  . TRP A 1 42  ? -16.50220 -12.29365 2.21946   1.000 75.17558  ? 23  TRP B CG  1 
ATOM   161  C  CD1 . TRP A 1 42  ? -16.83246 -13.13283 3.24624   1.000 81.05528  ? 23  TRP B CD1 1 
ATOM   162  C  CD2 . TRP A 1 42  ? -17.13578 -12.84037 1.04693   1.000 74.66562  ? 23  TRP B CD2 1 
ATOM   163  N  NE1 . TRP A 1 42  ? -17.57063 -14.19250 2.77989   1.000 84.94379  ? 23  TRP B NE1 1 
ATOM   164  C  CE2 . TRP A 1 42  ? -17.77379 -14.03464 1.43385   1.000 89.69207  ? 23  TRP B CE2 1 
ATOM   165  C  CE3 . TRP A 1 42  ? -17.19575 -12.45598 -0.29726  1.000 71.87328  ? 23  TRP B CE3 1 
ATOM   166  C  CZ2 . TRP A 1 42  ? -18.46141 -14.84124 0.52584   1.000 98.08093  ? 23  TRP B CZ2 1 
ATOM   167  C  CZ3 . TRP A 1 42  ? -17.88118 -13.25284 -1.19116  1.000 85.05098  ? 23  TRP B CZ3 1 
ATOM   168  C  CH2 . TRP A 1 42  ? -18.50082 -14.43138 -0.77934  1.000 96.19736  ? 23  TRP B CH2 1 
ATOM   169  N  N   . CYS A 1 43  ? -14.01115 -12.92877 4.11202   1.000 104.08430 ? 24  CYS B N   1 
ATOM   170  C  CA  . CYS A 1 43  ? -13.90985 -13.62833 5.38238   1.000 89.85623  ? 24  CYS B CA  1 
ATOM   171  C  C   . CYS A 1 43  ? -12.48786 -13.70246 5.92344   1.000 86.43256  ? 24  CYS B C   1 
ATOM   172  O  O   . CYS A 1 43  ? -12.11009 -14.70701 6.53599   1.000 109.09465 ? 24  CYS B O   1 
ATOM   173  C  CB  . CYS A 1 43  ? -14.50639 -15.02208 5.20695   1.000 89.06899  ? 24  CYS B CB  1 
ATOM   174  S  SG  . CYS A 1 43  ? -15.18007 -15.72702 6.71321   1.000 126.47673 ? 24  CYS B SG  1 
ATOM   175  N  N   . SER A 1 44  ? -11.67459 -12.66870 5.70700   1.000 73.93939  ? 25  SER B N   1 
ATOM   176  C  CA  . SER A 1 44  ? -10.34715 -12.66172 6.30136   1.000 89.22859  ? 25  SER B CA  1 
ATOM   177  C  C   . SER A 1 44  ? -10.47673 -12.61931 7.81701   1.000 78.90137  ? 25  SER B C   1 
ATOM   178  O  O   . SER A 1 44  ? -11.32484 -11.90586 8.35998   1.000 97.27149  ? 25  SER B O   1 
ATOM   179  C  CB  . SER A 1 44  ? -9.54198  -11.46197 5.80060   1.000 83.75548  ? 25  SER B CB  1 
ATOM   180  O  OG  . SER A 1 44  ? -8.15101  -11.65587 5.99407   1.000 95.19846  ? 25  SER B OG  1 
ATOM   181  N  N   . MET A 1 45  ? -9.63274  -13.38249 8.50585   1.000 69.35779  ? 26  MET B N   1 
ATOM   182  C  CA  . MET A 1 45  ? -9.67634  -13.45828 9.96395   1.000 63.81157  ? 26  MET B CA  1 
ATOM   183  C  C   . MET A 1 45  ? -8.53718  -12.67059 10.58747  1.000 80.44533  ? 26  MET B C   1 
ATOM   184  O  O   . MET A 1 45  ? -7.90489  -13.13050 11.54219  1.000 97.61595  ? 26  MET B O   1 
ATOM   185  C  CB  . MET A 1 45  ? -9.66055  -14.90180 10.44749  1.000 75.80286  ? 26  MET B CB  1 
ATOM   186  C  CG  . MET A 1 45  ? -10.23765 -15.90759 9.48200   1.000 91.71794  ? 26  MET B CG  1 
ATOM   187  S  SD  . MET A 1 45  ? -10.45127 -17.49504 10.30168  1.000 137.89627 ? 26  MET B SD  1 
ATOM   188  C  CE  . MET A 1 45  ? -10.94427 -18.50780 8.91951   1.000 98.11894  ? 26  MET B CE  1 
ATOM   189  N  N   . LEU A 1 46  ? -8.26088  -11.47821 10.07845  1.000 87.88646  ? 27  LEU B N   1 
ATOM   190  C  CA  . LEU A 1 46  ? -7.11861  -10.72638 10.56187  1.000 97.56814  ? 27  LEU B CA  1 
ATOM   191  C  C   . LEU A 1 46  ? -7.53499  -9.88504  11.75834  1.000 112.42618 ? 27  LEU B C   1 
ATOM   192  O  O   . LEU A 1 46  ? -8.70309  -9.52713  11.92334  1.000 110.12303 ? 27  LEU B O   1 
ATOM   193  C  CB  . LEU A 1 46  ? -6.54959  -9.83570  9.45585   1.000 94.08789  ? 27  LEU B CB  1 
ATOM   194  N  N   . ASP A 1 47  ? -6.55525  -9.55905  12.59318  1.000 101.83408 ? 28  ASP B N   1 
ATOM   195  C  CA  . ASP A 1 47  ? -6.86042  -8.93119  13.86883  1.000 104.93539 ? 28  ASP B CA  1 
ATOM   196  C  C   . ASP A 1 47  ? -6.82646  -7.41749  13.76636  1.000 108.03855 ? 28  ASP B C   1 
ATOM   197  O  O   . ASP A 1 47  ? -7.69744  -6.74266  14.32467  1.000 91.29132  ? 28  ASP B O   1 
ATOM   198  C  CB  . ASP A 1 47  ? -5.87244  -9.40370  14.93853  1.000 96.50080  ? 28  ASP B CB  1 
ATOM   199  N  N   . LEU A 1 48  ? -5.84204  -6.88969  13.03616  1.000 105.82387 ? 29  LEU B N   1 
ATOM   200  C  CA  . LEU A 1 48  ? -5.73334  -5.47289  12.70792  1.000 85.83039  ? 29  LEU B CA  1 
ATOM   201  C  C   . LEU A 1 48  ? -5.67780  -4.62912  13.97549  1.000 102.47495 ? 29  LEU B C   1 
ATOM   202  O  O   . LEU A 1 48  ? -6.70953  -4.34268  14.59258  1.000 116.54480 ? 29  LEU B O   1 
ATOM   203  C  CB  . LEU A 1 48  ? -6.89231  -5.04387  11.80535  1.000 76.93998  ? 29  LEU B CB  1 
ATOM   204  C  CG  . LEU A 1 48  ? -6.95538  -5.76069  10.45415  1.000 71.01542  ? 29  LEU B CG  1 
ATOM   205  C  CD1 . LEU A 1 48  ? -7.98610  -5.11522  9.55256   1.000 98.91812  ? 29  LEU B CD1 1 
ATOM   206  C  CD2 . LEU A 1 48  ? -5.59734  -5.76048  9.78977   1.000 79.10332  ? 29  LEU B CD2 1 
ATOM   207  N  N   . ASP A 1 49  ? -4.48494  -4.17348  14.34049  1.000 86.86960  ? 30  ASP B N   1 
ATOM   208  C  CA  . ASP A 1 49  ? -4.32607  -3.41893  15.57869  1.000 106.93209 ? 30  ASP B CA  1 
ATOM   209  C  C   . ASP A 1 49  ? -4.83650  -2.00602  15.33896  1.000 115.44084 ? 30  ASP B C   1 
ATOM   210  O  O   . ASP A 1 49  ? -4.11722  -1.14722  14.82686  1.000 110.09859 ? 30  ASP B O   1 
ATOM   211  C  CB  . ASP A 1 49  ? -2.86861  -3.41436  16.02429  1.000 111.20585 ? 30  ASP B CB  1 
ATOM   212  C  CG  . ASP A 1 49  ? -2.61540  -2.46934  17.18415  1.000 121.42949 ? 30  ASP B CG  1 
ATOM   213  O  OD1 . ASP A 1 49  ? -3.46292  -2.41468  18.10219  1.000 128.73676 ? 30  ASP B OD1 1 
ATOM   214  O  OD2 . ASP A 1 49  ? -1.57142  -1.78368  17.17910  1.000 109.92045 ? 30  ASP B OD2 1 
ATOM   215  N  N   . THR A 1 50  ? -6.09714  -1.77016  15.70341  1.000 107.85702 ? 31  THR B N   1 
ATOM   216  C  CA  . THR A 1 50  ? -6.71139  -0.45202  15.61861  1.000 115.18674 ? 31  THR B CA  1 
ATOM   217  C  C   . THR A 1 50  ? -6.81582  0.20748   16.98792  1.000 117.88538 ? 31  THR B C   1 
ATOM   218  O  O   . THR A 1 50  ? -7.73610  0.99291   17.23763  1.000 106.89789 ? 31  THR B O   1 
ATOM   219  C  CB  . THR A 1 50  ? -8.09634  -0.54859  14.97956  1.000 109.22138 ? 31  THR B CB  1 
ATOM   220  O  OG1 . THR A 1 50  ? -8.92218  -1.42048  15.75873  1.000 121.33153 ? 31  THR B OG1 1 
ATOM   221  C  CG2 . THR A 1 50  ? -8.00186  -1.08729  13.57220  1.000 68.09163  ? 31  THR B CG2 1 
ATOM   222  N  N   . SER A 1 51  ? -5.87805  -0.11098  17.88262  1.000 126.45425 ? 32  SER B N   1 
ATOM   223  C  CA  . SER A 1 51  ? -5.85997  0.48452   19.21413  1.000 136.41789 ? 32  SER B CA  1 
ATOM   224  C  C   . SER A 1 51  ? -5.64086  1.98835   19.16187  1.000 127.90770 ? 32  SER B C   1 
ATOM   225  O  O   . SER A 1 51  ? -6.02181  2.70292   20.09603  1.000 137.10991 ? 32  SER B O   1 
ATOM   226  C  CB  . SER A 1 51  ? -4.77730  -0.17180  20.06534  1.000 139.10116 ? 32  SER B CB  1 
ATOM   227  O  OG  . SER A 1 51  ? -3.50229  0.06013   19.49548  1.000 137.67724 ? 32  SER B OG  1 
ATOM   228  N  N   . ASP A 1 52  ? -4.97973  2.47770   18.11507  1.000 108.37054 ? 33  ASP B N   1 
ATOM   229  C  CA  . ASP A 1 52  ? -4.78095  3.90556   17.90509  1.000 100.79636 ? 33  ASP B CA  1 
ATOM   230  C  C   . ASP A 1 52  ? -5.21001  4.31978   16.50504  1.000 101.50891 ? 33  ASP B C   1 
ATOM   231  O  O   . ASP A 1 52  ? -4.45891  4.94416   15.75497  1.000 98.00788  ? 33  ASP B O   1 
ATOM   232  C  CB  . ASP A 1 52  ? -3.33065  4.30765   18.15133  1.000 109.80789 ? 33  ASP B CB  1 
ATOM   233  C  CG  . ASP A 1 52  ? -3.17610  5.79722   18.38785  1.000 116.15453 ? 33  ASP B CG  1 
ATOM   234  O  OD1 . ASP A 1 52  ? -3.42921  6.23645   19.52653  1.000 124.32011 ? 33  ASP B OD1 1 
ATOM   235  O  OD2 . ASP A 1 52  ? -2.81238  6.53010   17.44461  1.000 108.21789 ? 33  ASP B OD2 1 
ATOM   236  N  N   . TRP A 1 53  ? -6.43725  3.96871   16.13110  1.000 102.15350 ? 34  TRP B N   1 
ATOM   237  C  CA  . TRP A 1 53  ? -6.93763  4.26626   14.79997  1.000 96.72001  ? 34  TRP B CA  1 
ATOM   238  C  C   . TRP A 1 53  ? -8.43042  4.52577   14.94086  1.000 114.74999 ? 34  TRP B C   1 
ATOM   239  O  O   . TRP A 1 53  ? -9.01686  4.31130   16.00428  1.000 127.41921 ? 34  TRP B O   1 
ATOM   240  C  CB  . TRP A 1 53  ? -6.65523  3.10269   13.83577  1.000 100.02352 ? 34  TRP B CB  1 
ATOM   241  C  CG  . TRP A 1 53  ? -6.51585  3.48141   12.39858  1.000 97.81074  ? 34  TRP B CG  1 
ATOM   242  C  CD1 . TRP A 1 53  ? -7.40848  3.22974   11.40108  1.000 96.94727  ? 34  TRP B CD1 1 
ATOM   243  C  CD2 . TRP A 1 53  ? -5.40576  4.15141   11.78476  1.000 92.42474  ? 34  TRP B CD2 1 
ATOM   244  N  NE1 . TRP A 1 53  ? -6.93623  3.71519   10.20795  1.000 88.84962  ? 34  TRP B NE1 1 
ATOM   245  C  CE2 . TRP A 1 53  ? -5.70755  4.28465   10.41492  1.000 81.41865  ? 34  TRP B CE2 1 
ATOM   246  C  CE3 . TRP A 1 53  ? -4.19217  4.65854   12.26019  1.000 101.54759 ? 34  TRP B CE3 1 
ATOM   247  C  CZ2 . TRP A 1 53  ? -4.84303  4.90288   9.51573   1.000 76.27839  ? 34  TRP B CZ2 1 
ATOM   248  C  CZ3 . TRP A 1 53  ? -3.33346  5.27260   11.36414  1.000 98.35454  ? 34  TRP B CZ3 1 
ATOM   249  C  CH2 . TRP A 1 53  ? -3.66320  5.38909   10.00823  1.000 86.51587  ? 34  TRP B CH2 1 
ATOM   250  N  N   . GLU A 1 54  ? -9.04345  4.98003   13.85837  1.000 108.06541 ? 35  GLU B N   1 
ATOM   251  C  CA  . GLU A 1 54  ? -10.49009 5.10686   13.77947  1.000 112.30666 ? 35  GLU B CA  1 
ATOM   252  C  C   . GLU A 1 54  ? -11.14905 3.78993   13.38011  1.000 99.33634  ? 35  GLU B C   1 
ATOM   253  O  O   . GLU A 1 54  ? -10.52102 2.94990   12.73044  1.000 99.23496  ? 35  GLU B O   1 
ATOM   254  C  CB  . GLU A 1 54  ? -10.87376 6.20480   12.78977  1.000 112.88814 ? 35  GLU B CB  1 
ATOM   255  C  CG  . GLU A 1 54  ? -10.48721 7.60027   13.25192  1.000 121.96752 ? 35  GLU B CG  1 
ATOM   256  C  CD  . GLU A 1 54  ? -11.32282 8.09382   14.42450  1.000 137.35954 ? 35  GLU B CD  1 
ATOM   257  O  OE1 . GLU A 1 54  ? -12.39420 7.51314   14.69021  1.000 147.87197 ? 35  GLU B OE1 1 
ATOM   258  O  OE2 . GLU A 1 54  ? -10.88677 9.04850   15.10310  1.000 140.72332 ? 35  GLU B OE2 1 
ATOM   259  N  N   . PRO A 1 55  ? -12.40406 3.56638   13.80361  1.000 101.56954 ? 36  PRO B N   1 
ATOM   260  C  CA  . PRO A 1 55  ? -13.12260 2.35952   13.37318  1.000 87.75236  ? 36  PRO B CA  1 
ATOM   261  C  C   . PRO A 1 55  ? -13.07344 2.29381   11.85423  1.000 86.07797  ? 36  PRO B C   1 
ATOM   262  O  O   . PRO A 1 55  ? -13.50499 3.23037   11.17462  1.000 101.45015 ? 36  PRO B O   1 
ATOM   263  C  CB  . PRO A 1 55  ? -14.53789 2.57055   13.91993  1.000 121.60540 ? 36  PRO B CB  1 
ATOM   264  C  CG  . PRO A 1 55  ? -14.32986 3.44113   15.12285  1.000 134.52057 ? 36  PRO B CG  1 
ATOM   265  C  CD  . PRO A 1 55  ? -13.17373 4.34774   14.78853  1.000 124.92923 ? 36  PRO B CD  1 
ATOM   266  N  N   . LEU A 1 56  ? -12.54991 1.20402   11.30998  1.000 75.03670  ? 37  LEU B N   1 
ATOM   267  C  CA  . LEU A 1 56  ? -12.42229 1.03863   9.86600   1.000 87.47684  ? 37  LEU B CA  1 
ATOM   268  C  C   . LEU A 1 56  ? -13.66427 0.38985   9.26961   1.000 79.49651  ? 37  LEU B C   1 
ATOM   269  O  O   . LEU A 1 56  ? -13.98729 -0.75975  9.58762   1.000 73.14678  ? 37  LEU B O   1 
ATOM   270  C  CB  . LEU A 1 56  ? -11.18522 0.20556   9.54001   1.000 94.27065  ? 37  LEU B CB  1 
ATOM   271  C  CG  . LEU A 1 56  ? -9.81702  0.87204   9.68331   1.000 100.05145 ? 37  LEU B CG  1 
ATOM   272  C  CD1 . LEU A 1 56  ? -8.71408  -0.13170  9.39790   1.000 94.37039  ? 37  LEU B CD1 1 
ATOM   273  C  CD2 . LEU A 1 56  ? -9.70259  2.06822   8.75590   1.000 103.38597 ? 37  LEU B CD2 1 
ATOM   274  N  N   . THR A 1 57  ? -14.38399 1.15453   8.43736   1.000 75.99202  ? 38  THR B N   1 
ATOM   275  C  CA  . THR A 1 57  ? -15.60604 0.70116   7.78049   1.000 72.83798  ? 38  THR B CA  1 
ATOM   276  C  C   . THR A 1 57  ? -15.29141 -0.59583  7.04808   1.000 91.20272  ? 38  THR B C   1 
ATOM   277  O  O   . THR A 1 57  ? -14.12086 -0.89355  6.79271   1.000 99.10372  ? 38  THR B O   1 
ATOM   278  C  CB  . THR A 1 57  ? -16.15561 1.75274   6.81363   1.000 66.39640  ? 38  THR B CB  1 
ATOM   279  O  OG1 . THR A 1 57  ? -15.09952 2.23983   5.97869   1.000 79.90292  ? 38  THR B OG1 1 
ATOM   280  C  CG2 . THR A 1 57  ? -16.76724 2.91671   7.58008   1.000 100.82340 ? 38  THR B CG2 1 
ATOM   281  N  N   . HIS A 1 58  ? -16.31867 -1.37154  6.70211   1.000 90.20646  ? 39  HIS B N   1 
ATOM   282  C  CA  . HIS A 1 58  ? -16.10366 -2.58092  5.91628   1.000 84.56216  ? 39  HIS B CA  1 
ATOM   283  C  C   . HIS A 1 58  ? -15.14712 -2.43535  4.73020   1.000 78.01445  ? 39  HIS B C   1 
ATOM   284  O  O   . HIS A 1 58  ? -14.18864 -3.20330  4.62554   1.000 72.48722  ? 39  HIS B O   1 
ATOM   285  C  CB  . HIS A 1 58  ? -17.42752 -3.15402  5.43430   1.000 78.02047  ? 39  HIS B CB  1 
ATOM   286  C  CG  . HIS A 1 58  ? -17.27062 -4.51429  4.84599   1.000 75.56988  ? 39  HIS B CG  1 
ATOM   287  N  ND1 . HIS A 1 58  ? -17.35901 -4.75399  3.49373   1.000 67.03023  ? 39  HIS B ND1 1 
ATOM   288  C  CD2 . HIS A 1 58  ? -16.94863 -5.69623  5.42123   1.000 81.87334  ? 39  HIS B CD2 1 
ATOM   289  C  CE1 . HIS A 1 58  ? -17.13430 -6.03495  3.26582   1.000 70.47851  ? 39  HIS B CE1 1 
ATOM   290  N  NE2 . HIS A 1 58  ? -16.89186 -6.63071  4.41834   1.000 85.78093  ? 39  HIS B NE2 1 
ATOM   291  N  N   . SER A 1 59  ? -15.39387 -1.50638  3.79544   1.000 85.33094  ? 40  SER B N   1 
ATOM   292  C  CA  . SER A 1 59  ? -14.50427 -1.47071  2.63359   1.000 70.36706  ? 40  SER B CA  1 
ATOM   293  C  C   . SER A 1 59  ? -13.11768 -0.97615  3.02878   1.000 72.47747  ? 40  SER B C   1 
ATOM   294  O  O   . SER A 1 59  ? -12.11093 -1.36062  2.41278   1.000 90.76798  ? 40  SER B O   1 
ATOM   295  C  CB  . SER A 1 59  ? -15.10292 -0.58993  1.53696   1.000 78.19807  ? 40  SER B CB  1 
ATOM   296  O  OG  . SER A 1 59  ? -15.33346 0.72723   2.00735   1.000 101.21992 ? 40  SER B OG  1 
ATOM   297  N  N   . ASN A 1 60  ? -13.05358 -0.15656  4.07740   1.000 73.33789  ? 41  ASN B N   1 
ATOM   298  C  CA  . ASN A 1 60  ? -11.77629 0.27545   4.62991   1.000 78.73714  ? 41  ASN B CA  1 
ATOM   299  C  C   . ASN A 1 60  ? -11.00311 -0.93395  5.13496   1.000 80.06693  ? 41  ASN B C   1 
ATOM   300  O  O   . ASN A 1 60  ? -9.79007  -1.05629  4.92369   1.000 83.03108  ? 41  ASN B O   1 
ATOM   301  C  CB  . ASN A 1 60  ? -12.00165 1.30848   5.73113   1.000 92.96966  ? 41  ASN B CB  1 
ATOM   302  C  CG  . ASN A 1 60  ? -12.26559 2.69513   5.17346   1.000 93.55730  ? 41  ASN B CG  1 
ATOM   303  O  OD1 . ASN A 1 60  ? -12.20489 2.91084   3.96178   1.000 88.71009  ? 41  ASN B OD1 1 
ATOM   304  N  ND2 . ASN A 1 60  ? -12.57303 3.63775   6.05234   1.000 79.61232  ? 41  ASN B ND2 1 
ATOM   305  N  N   . ARG A 1 61  ? -11.72165 -1.86637  5.76370   1.000 73.76577  ? 42  ARG B N   1 
ATOM   306  C  CA  . ARG A 1 61  ? -11.12999 -3.11781  6.21882   1.000 85.60734  ? 42  ARG B CA  1 
ATOM   307  C  C   . ARG A 1 61  ? -10.72497 -3.99355  5.04101   1.000 77.65083  ? 42  ARG B C   1 
ATOM   308  O  O   . ARG A 1 61  ? -9.71367  -4.69204  5.11336   1.000 71.32861  ? 42  ARG B O   1 
ATOM   309  C  CB  . ARG A 1 61  ? -12.10726 -3.86222  7.12822   1.000 81.31266  ? 42  ARG B CB  1 
ATOM   310  C  CG  . ARG A 1 61  ? -11.63680 -5.25148  7.51059   1.000 92.56880  ? 42  ARG B CG  1 
ATOM   311  C  CD  . ARG A 1 61  ? -12.27943 -5.75032  8.78682   1.000 98.23431  ? 42  ARG B CD  1 
ATOM   312  N  NE  . ARG A 1 61  ? -11.69647 -7.02066  9.20172   1.000 107.86843 ? 42  ARG B NE  1 
ATOM   313  C  CZ  . ARG A 1 61  ? -12.06317 -8.20377  8.72847   1.000 100.38407 ? 42  ARG B CZ  1 
ATOM   314  N  NH1 . ARG A 1 61  ? -13.02539 -8.31935  7.82726   1.000 104.89635 ? 42  ARG B NH1 1 
ATOM   315  N  NH2 . ARG A 1 61  ? -11.45206 -9.29829  9.17174   1.000 77.16494  ? 42  ARG B NH2 1 
ATOM   316  N  N   . LEU A 1 62  ? -11.53746 -4.03780  3.98331   1.000 77.10911  ? 43  LEU B N   1 
ATOM   317  C  CA  . LEU A 1 62  ? -11.15436 -4.80300  2.79887   1.000 66.63446  ? 43  LEU B CA  1 
ATOM   318  C  C   . LEU A 1 62  ? -9.81634  -4.31266  2.25854   1.000 73.86183  ? 43  LEU B C   1 
ATOM   319  O  O   . LEU A 1 62  ? -8.93876  -5.11484  1.91146   1.000 76.47644  ? 43  LEU B O   1 
ATOM   320  C  CB  . LEU A 1 62  ? -12.23335 -4.70446  1.71996   1.000 52.74200  ? 43  LEU B CB  1 
ATOM   321  C  CG  . LEU A 1 62  ? -13.44801 -5.62272  1.85550   1.000 60.10180  ? 43  LEU B CG  1 
ATOM   322  C  CD1 . LEU A 1 62  ? -14.35639 -5.49076  0.64122   1.000 39.46412  ? 43  LEU B CD1 1 
ATOM   323  C  CD2 . LEU A 1 62  ? -13.01300 -7.06493  2.05440   1.000 69.00247  ? 43  LEU B CD2 1 
ATOM   324  N  N   . MET A 1 63  ? -9.62565  -2.99134  2.22361   1.000 64.93648  ? 44  MET B N   1 
ATOM   325  C  CA  . MET A 1 63  ? -8.35582  -2.45813  1.73844   1.000 65.98199  ? 44  MET B CA  1 
ATOM   326  C  C   . MET A 1 63  ? -7.22728  -2.70187  2.73493   1.000 79.55228  ? 44  MET B C   1 
ATOM   327  O  O   . MET A 1 63  ? -6.08945  -2.95974  2.32645   1.000 74.85637  ? 44  MET B O   1 
ATOM   328  C  CB  . MET A 1 63  ? -8.48464  -0.96148  1.45554   1.000 48.55323  ? 44  MET B CB  1 
ATOM   329  C  CG  . MET A 1 63  ? -9.45781  -0.62010  0.34885   1.000 84.55230  ? 44  MET B CG  1 
ATOM   330  S  SD  . MET A 1 63  ? -9.32903  -1.77926  -1.01992  1.000 72.47187  ? 44  MET B SD  1 
ATOM   331  C  CE  . MET A 1 63  ? -8.16929  -0.90594  -2.06569  1.000 57.30837  ? 44  MET B CE  1 
ATOM   332  N  N   . ALA A 1 64  ? -7.52578  -2.67291  4.03588   1.000 75.89987  ? 45  ALA B N   1 
ATOM   333  C  CA  . ALA A 1 64  ? -6.51478  -3.01570  5.03373   1.000 65.75843  ? 45  ALA B CA  1 
ATOM   334  C  C   . ALA A 1 64  ? -6.09015  -4.47766  4.91611   1.000 74.33901  ? 45  ALA B C   1 
ATOM   335  O  O   . ALA A 1 64  ? -4.90154  -4.80095  5.03160   1.000 76.95085  ? 45  ALA B O   1 
ATOM   336  C  CB  . ALA A 1 64  ? -7.04511  -2.72474  6.43697   1.000 79.60615  ? 45  ALA B CB  1 
ATOM   337  N  N   . ILE A 1 65  ? -7.05241  -5.36793  4.67399   1.000 78.10267  ? 46  ILE B N   1 
ATOM   338  C  CA  . ILE A 1 65  ? -6.75763  -6.77633  4.42991   1.000 72.17927  ? 46  ILE B CA  1 
ATOM   339  C  C   . ILE A 1 65  ? -5.85889  -6.91852  3.21272   1.000 73.10922  ? 46  ILE B C   1 
ATOM   340  O  O   . ILE A 1 65  ? -4.86910  -7.65571  3.23599   1.000 80.39887  ? 46  ILE B O   1 
ATOM   341  C  CB  . ILE A 1 65  ? -8.06171  -7.57834  4.25669   1.000 73.84407  ? 46  ILE B CB  1 
ATOM   342  C  CG1 . ILE A 1 65  ? -8.74461  -7.81163  5.60558   1.000 88.89996  ? 46  ILE B CG1 1 
ATOM   343  C  CG2 . ILE A 1 65  ? -7.79210  -8.90292  3.55784   1.000 55.99139  ? 46  ILE B CG2 1 
ATOM   344  C  CD1 . ILE A 1 65  ? -10.25529 -7.86078  5.51386   1.000 92.75704  ? 46  ILE B CD1 1 
ATOM   345  N  N   . TYR A 1 66  ? -6.22446  -6.25602  2.11512   1.000 70.75971  ? 47  TYR B N   1 
ATOM   346  C  CA  . TYR A 1 66  ? -5.43210  -6.34861  0.89201   1.000 71.17469  ? 47  TYR B CA  1 
ATOM   347  C  C   . TYR A 1 66  ? -3.99801  -5.88269  1.13501   1.000 75.69204  ? 47  TYR B C   1 
ATOM   348  O  O   . TYR A 1 66  ? -3.03564  -6.53205  0.70342   1.000 78.05076  ? 47  TYR B O   1 
ATOM   349  C  CB  . TYR A 1 66  ? -6.09478  -5.53120  -0.21865  1.000 69.96983  ? 47  TYR B CB  1 
ATOM   350  C  CG  . TYR A 1 66  ? -5.29569  -5.44769  -1.50068  1.000 71.29942  ? 47  TYR B CG  1 
ATOM   351  C  CD1 . TYR A 1 66  ? -4.99785  -6.59138  -2.23080  1.000 66.77205  ? 47  TYR B CD1 1 
ATOM   352  C  CD2 . TYR A 1 66  ? -4.85377  -4.22545  -1.98907  1.000 71.40722  ? 47  TYR B CD2 1 
ATOM   353  C  CE1 . TYR A 1 66  ? -4.27341  -6.52151  -3.40736  1.000 64.03085  ? 47  TYR B CE1 1 
ATOM   354  C  CE2 . TYR A 1 66  ? -4.12832  -4.14575  -3.16443  1.000 83.10394  ? 47  TYR B CE2 1 
ATOM   355  C  CZ  . TYR A 1 66  ? -3.84173  -5.29618  -3.86923  1.000 77.51550  ? 47  TYR B CZ  1 
ATOM   356  O  OH  . TYR A 1 66  ? -3.12188  -5.22124  -5.03929  1.000 83.77677  ? 47  TYR B OH  1 
ATOM   357  N  N   . LEU A 1 67  ? -3.83989  -4.74752  1.82156   1.000 77.28252  ? 48  LEU B N   1 
ATOM   358  C  CA  . LEU A 1 67  ? -2.50987  -4.21735  2.11322   1.000 72.59346  ? 48  LEU B CA  1 
ATOM   359  C  C   . LEU A 1 67  ? -1.69513  -5.14431  3.01327   1.000 71.16858  ? 48  LEU B C   1 
ATOM   360  O  O   . LEU A 1 67  ? -0.49661  -5.35794  2.77505   1.000 72.66052  ? 48  LEU B O   1 
ATOM   361  C  CB  . LEU A 1 67  ? -2.64944  -2.84755  2.78120   1.000 67.53942  ? 48  LEU B CB  1 
ATOM   362  C  CG  . LEU A 1 67  ? -2.72357  -1.57784  1.93132   1.000 63.07239  ? 48  LEU B CG  1 
ATOM   363  C  CD1 . LEU A 1 67  ? -1.36047  -1.20973  1.42392   1.000 74.19493  ? 48  LEU B CD1 1 
ATOM   364  C  CD2 . LEU A 1 67  ? -3.68900  -1.74065  0.77476   1.000 80.89468  ? 48  LEU B CD2 1 
ATOM   365  N  N   . SER A 1 68  ? -2.33650  -5.75597  4.01430   1.000 80.44734  ? 49  SER B N   1 
ATOM   366  C  CA  . SER A 1 68  ? -1.61199  -6.70713  4.85352   1.000 76.46947  ? 49  SER B CA  1 
ATOM   367  C  C   . SER A 1 68  ? -1.24961  -7.96544  4.07869   1.000 71.47977  ? 49  SER B C   1 
ATOM   368  O  O   . SER A 1 68  ? -0.17723  -8.54093  4.29121   1.000 72.60094  ? 49  SER B O   1 
ATOM   369  C  CB  . SER A 1 68  ? -2.44199  -7.05703  6.08862   1.000 94.36755  ? 49  SER B CB  1 
ATOM   370  O  OG  . SER A 1 68  ? -2.13173  -8.35677  6.55950   1.000 114.16107 ? 49  SER B OG  1 
ATOM   371  N  N   . ASN A 1 69  ? -2.11735  -8.39514  3.16262   1.000 68.12330  ? 50  ASN B N   1 
ATOM   372  C  CA  . ASN A 1 69  ? -1.81123  -9.55471  2.33511   1.000 65.54473  ? 50  ASN B CA  1 
ATOM   373  C  C   . ASN A 1 69  ? -0.60482  -9.27599  1.45029   1.000 70.90090  ? 50  ASN B C   1 
ATOM   374  O  O   . ASN A 1 69  ? 0.27244   -10.13499 1.28792   1.000 83.84979  ? 50  ASN B O   1 
ATOM   375  C  CB  . ASN A 1 69  ? -3.03019  -9.95246  1.50597   1.000 75.15517  ? 50  ASN B CB  1 
ATOM   376  C  CG  . ASN A 1 69  ? -4.06614  -10.69718 2.32267   1.000 79.82437  ? 50  ASN B CG  1 
ATOM   377  O  OD1 . ASN A 1 69  ? -3.77354  -11.18940 3.41309   1.000 69.82262  ? 50  ASN B OD1 1 
ATOM   378  N  ND2 . ASN A 1 69  ? -5.28205  -10.78880 1.79815   1.000 83.42746  ? 50  ASN B ND2 1 
ATOM   379  N  N   . VAL A 1 70  ? -0.54835  -8.07703  0.86647   1.000 65.81401  ? 51  VAL B N   1 
ATOM   380  C  CA  . VAL A 1 70  ? 0.55264   -7.76016  -0.03635  1.000 64.31055  ? 51  VAL B CA  1 
ATOM   381  C  C   . VAL A 1 70  ? 1.85060   -7.66621  0.75152   1.000 63.88468  ? 51  VAL B C   1 
ATOM   382  O  O   . VAL A 1 70  ? 2.89608   -8.16510  0.31321   1.000 69.47653  ? 51  VAL B O   1 
ATOM   383  C  CB  . VAL A 1 70  ? 0.26463   -6.46123  -0.80957  1.000 62.94380  ? 51  VAL B CB  1 
ATOM   384  C  CG1 . VAL A 1 70  ? 1.47797   -6.04948  -1.63055  1.000 62.61121  ? 51  VAL B CG1 1 
ATOM   385  C  CG2 . VAL A 1 70  ? -0.94208  -6.63937  -1.71089  1.000 65.71434  ? 51  VAL B CG2 1 
ATOM   386  N  N   . ALA A 1 71  ? 1.79583   -7.09182  1.95757   1.000 67.88943  ? 52  ALA B N   1 
ATOM   387  C  CA  . ALA A 1 71  ? 3.01270   -7.02650  2.75704   1.000 60.91476  ? 52  ALA B CA  1 
ATOM   388  C  C   . ALA A 1 71  ? 3.45199   -8.42805  3.16606   1.000 72.63623  ? 52  ALA B C   1 
ATOM   389  O  O   . ALA A 1 71  ? 4.65048   -8.73590  3.16979   1.000 84.56524  ? 52  ALA B O   1 
ATOM   390  C  CB  . ALA A 1 71  ? 2.78124   -6.14812  3.98403   1.000 76.84957  ? 52  ALA B CB  1 
ATOM   391  N  N   . SER A 1 72  ? 2.49106   -9.27902  3.53828   1.000 68.52490  ? 53  SER B N   1 
ATOM   392  C  CA  . SER A 1 72  ? 2.79755   -10.64589 3.94309   1.000 68.19119  ? 53  SER B CA  1 
ATOM   393  C  C   . SER A 1 72  ? 3.49000   -11.40040 2.81789   1.000 78.11464  ? 53  SER B C   1 
ATOM   394  O  O   . SER A 1 72  ? 4.52703   -12.04113 3.02428   1.000 103.34895 ? 53  SER B O   1 
ATOM   395  C  CB  . SER A 1 72  ? 1.52055   -11.36650 4.37466   1.000 82.02483  ? 53  SER B CB  1 
ATOM   396  O  OG  . SER A 1 72  ? 1.12616   -10.96558 5.67482   1.000 115.51235 ? 53  SER B OG  1 
ATOM   397  N  N   . ARG A 1 73  ? 2.91880   -11.33655 1.60824   1.000 63.33683  ? 54  ARG B N   1 
ATOM   398  C  CA  . ARG A 1 73  ? 3.53759   -12.00619 0.46923   1.000 74.36367  ? 54  ARG B CA  1 
ATOM   399  C  C   . ARG A 1 73  ? 4.88429   -11.38950 0.11882   1.000 74.61918  ? 54  ARG B C   1 
ATOM   400  O  O   . ARG A 1 73  ? 5.74044   -12.06966 -0.45583  1.000 98.67889  ? 54  ARG B O   1 
ATOM   401  C  CB  . ARG A 1 73  ? 2.60487   -11.93012 -0.74037  1.000 66.08184  ? 54  ARG B CB  1 
ATOM   402  C  CG  . ARG A 1 73  ? 2.95809   -12.84960 -1.90331  1.000 55.88957  ? 54  ARG B CG  1 
ATOM   403  C  CD  . ARG A 1 73  ? 1.91297   -12.71393 -3.00369  1.000 65.71699  ? 54  ARG B CD  1 
ATOM   404  N  NE  . ARG A 1 73  ? 1.88495   -13.82472 -3.94717  1.000 82.08896  ? 54  ARG B NE  1 
ATOM   405  C  CZ  . ARG A 1 73  ? 1.06225   -14.86057 -3.85756  1.000 88.79544  ? 54  ARG B CZ  1 
ATOM   406  N  NH1 . ARG A 1 73  ? 0.18091   -14.95827 -2.87565  1.000 93.61314  ? 54  ARG B NH1 1 
ATOM   407  N  NH2 . ARG A 1 73  ? 1.11528   -15.81476 -4.78213  1.000 90.70416  ? 54  ARG B NH2 1 
ATOM   408  N  N   . LEU A 1 74  ? 5.09617   -10.11567 0.45820   1.000 64.78725  ? 55  LEU B N   1 
ATOM   409  C  CA  . LEU A 1 74  ? 6.35358   -9.47446  0.09614   1.000 62.27218  ? 55  LEU B CA  1 
ATOM   410  C  C   . LEU A 1 74  ? 7.47533   -9.83647  1.06265   1.000 80.07870  ? 55  LEU B C   1 
ATOM   411  O  O   . LEU A 1 74  ? 8.63248   -9.96460  0.64743   1.000 90.08993  ? 55  LEU B O   1 
ATOM   412  C  CB  . LEU A 1 74  ? 6.16859   -7.95734  0.03344   1.000 65.41846  ? 55  LEU B CB  1 
ATOM   413  C  CG  . LEU A 1 74  ? 7.37980   -7.13046  -0.39798  1.000 46.98197  ? 55  LEU B CG  1 
ATOM   414  C  CD1 . LEU A 1 74  ? 7.96860   -7.69102  -1.67600  1.000 80.75708  ? 55  LEU B CD1 1 
ATOM   415  C  CD2 . LEU A 1 74  ? 6.97997   -5.68070  -0.59820  1.000 73.75703  ? 55  LEU B CD2 1 
ATOM   416  N  N   . ASP A 1 75  ? 7.14451   -10.00312 2.34743   1.000 87.16927  ? 56  ASP B N   1 
ATOM   417  C  CA  . ASP A 1 75  ? 8.15270   -10.29588 3.36536   1.000 102.13484 ? 56  ASP B CA  1 
ATOM   418  C  C   . ASP A 1 75  ? 8.90403   -11.59814 3.11243   1.000 106.05247 ? 56  ASP B C   1 
ATOM   419  O  O   . ASP A 1 75  ? 10.06827  -11.72014 3.51150   1.000 111.78513 ? 56  ASP B O   1 
ATOM   420  C  CB  . ASP A 1 75  ? 7.49938   -10.33373 4.74741   1.000 95.26601  ? 56  ASP B CB  1 
ATOM   421  C  CG  . ASP A 1 75  ? 7.03144   -8.96804  5.20560   1.000 97.59741  ? 56  ASP B CG  1 
ATOM   422  O  OD1 . ASP A 1 75  ? 7.49152   -7.95795  4.63340   1.000 95.67508  ? 56  ASP B OD1 1 
ATOM   423  O  OD2 . ASP A 1 75  ? 6.20201   -8.90452  6.13830   1.000 99.26576  ? 56  ASP B OD2 1 
ATOM   424  N  N   . PHE A 1 76  ? 8.27877   -12.57883 2.46125   1.000 96.16363  ? 57  PHE B N   1 
ATOM   425  C  CA  . PHE A 1 76  ? 8.95790   -13.83586 2.17043   1.000 113.18709 ? 57  PHE B CA  1 
ATOM   426  C  C   . PHE A 1 76  ? 9.05520   -14.10936 0.67312   1.000 101.81370 ? 57  PHE B C   1 
ATOM   427  O  O   . PHE A 1 76  ? 9.02735   -15.26325 0.24180   1.000 113.89860 ? 57  PHE B O   1 
ATOM   428  C  CB  . PHE A 1 76  ? 8.26312   -14.99430 2.88522   1.000 126.81866 ? 57  PHE B CB  1 
ATOM   429  C  CG  . PHE A 1 76  ? 8.14343   -14.79846 4.36894   1.000 134.29324 ? 57  PHE B CG  1 
ATOM   430  C  CD1 . PHE A 1 76  ? 9.24917   -14.94137 5.18900   1.000 142.36677 ? 57  PHE B CD1 1 
ATOM   431  C  CD2 . PHE A 1 76  ? 6.92651   -14.46582 4.94255   1.000 101.12378 ? 57  PHE B CD2 1 
ATOM   432  C  CE1 . PHE A 1 76  ? 9.14712   -14.75936 6.55496   1.000 141.42352 ? 57  PHE B CE1 1 
ATOM   433  C  CE2 . PHE A 1 76  ? 6.81720   -14.28335 6.30841   1.000 110.48789 ? 57  PHE B CE2 1 
ATOM   434  C  CZ  . PHE A 1 76  ? 7.92908   -14.43010 7.11563   1.000 137.93758 ? 57  PHE B CZ  1 
ATOM   435  N  N   . THR A 1 77  ? 9.16904   -13.05677 -0.12787  1.000 79.12695  ? 58  THR B N   1 
ATOM   436  C  CA  . THR A 1 77  ? 9.26758   -13.20827 -1.56709  1.000 69.85229  ? 58  THR B CA  1 
ATOM   437  C  C   . THR A 1 77  ? 10.72865  -13.49898 -1.93149  1.000 91.97533  ? 58  THR B C   1 
ATOM   438  O  O   . THR A 1 77  ? 11.64205  -13.31830 -1.12272  1.000 100.44544 ? 58  THR B O   1 
ATOM   439  C  CB  . THR A 1 77  ? 8.71680   -11.94464 -2.24453  1.000 82.42535  ? 58  THR B CB  1 
ATOM   440  O  OG1 . THR A 1 77  ? 7.31098   -11.85660 -1.98494  1.000 122.40995 ? 58  THR B OG1 1 
ATOM   441  C  CG2 . THR A 1 77  ? 8.88911   -11.96322 -3.75775  1.000 72.71992  ? 58  THR B CG2 1 
ATOM   442  N  N   . GLY A 1 78  ? 10.95243  -13.95710 -3.15963  1.000 99.47481  ? 59  GLY B N   1 
ATOM   443  C  CA  . GLY A 1 78  ? 12.29898  -14.17266 -3.64603  1.000 84.87581  ? 59  GLY B CA  1 
ATOM   444  C  C   . GLY A 1 78  ? 12.55504  -13.27751 -4.83892  1.000 86.63553  ? 59  GLY B C   1 
ATOM   445  O  O   . GLY A 1 78  ? 11.71995  -12.43028 -5.16502  1.000 100.71358 ? 59  GLY B O   1 
ATOM   446  N  N   . GLY A 1 79  ? 13.68495  -13.44695 -5.50693  1.000 96.53886  ? 60  GLY B N   1 
ATOM   447  C  CA  . GLY A 1 79  ? 13.96275  -12.66299 -6.68357  1.000 98.78736  ? 60  GLY B CA  1 
ATOM   448  C  C   . GLY A 1 79  ? 14.24551  -11.21239 -6.34437  1.000 104.64360 ? 60  GLY B C   1 
ATOM   449  O  O   . GLY A 1 79  ? 14.70141  -10.88360 -5.24393  1.000 113.41071 ? 60  GLY B O   1 
ATOM   450  N  N   . PRO A 1 80  ? 13.98223  -10.31418 -7.29578  1.000 91.28515  ? 61  PRO B N   1 
ATOM   451  C  CA  . PRO A 1 80  ? 14.30346  -8.89087  -7.07819  1.000 94.56788  ? 61  PRO B CA  1 
ATOM   452  C  C   . PRO A 1 80  ? 13.61389  -8.26681  -5.87686  1.000 101.40309 ? 61  PRO B C   1 
ATOM   453  O  O   . PRO A 1 80  ? 14.09697  -7.24533  -5.37216  1.000 105.66593 ? 61  PRO B O   1 
ATOM   454  C  CB  . PRO A 1 80  ? 13.83742  -8.20785  -8.37192  1.000 81.87488  ? 61  PRO B CB  1 
ATOM   455  C  CG  . PRO A 1 80  ? 13.42552  -9.27166  -9.30363  1.000 78.89458  ? 61  PRO B CG  1 
ATOM   456  C  CD  . PRO A 1 80  ? 13.49792  -10.60515 -8.65511  1.000 86.74131  ? 61  PRO B CD  1 
ATOM   457  N  N   . LEU A 1 81  ? 12.50607  -8.83352  -5.40256  1.000 105.64096 ? 62  LEU B N   1 
ATOM   458  C  CA  . LEU A 1 81  ? 11.78259  -8.24696  -4.28279  1.000 106.21844 ? 62  LEU B CA  1 
ATOM   459  C  C   . LEU A 1 81  ? 12.27333  -8.72333  -2.92208  1.000 101.32155 ? 62  LEU B C   1 
ATOM   460  O  O   . LEU A 1 81  ? 11.80893  -8.20547  -1.90023  1.000 89.22942  ? 62  LEU B O   1 
ATOM   461  C  CB  . LEU A 1 81  ? 10.28527  -8.54788  -4.42170  1.000 86.20025  ? 62  LEU B CB  1 
ATOM   462  C  CG  . LEU A 1 81  ? 9.55281   -7.76700  -5.51890  1.000 95.10126  ? 62  LEU B CG  1 
ATOM   463  C  CD1 . LEU A 1 81  ? 8.04688   -7.77741  -5.29906  1.000 86.78586  ? 62  LEU B CD1 1 
ATOM   464  C  CD2 . LEU A 1 81  ? 10.07411  -6.33908  -5.60722  1.000 108.94195 ? 62  LEU B CD2 1 
ATOM   465  N  N   . ALA A 1 82  ? 13.19282  -9.68248  -2.87756  1.000 96.68899  ? 63  ALA B N   1 
ATOM   466  C  CA  . ALA A 1 82  ? 13.73917  -10.12144 -1.60276  1.000 96.28613  ? 63  ALA B CA  1 
ATOM   467  C  C   . ALA A 1 82  ? 14.66323  -9.06705  -1.00396  1.000 108.37795 ? 63  ALA B C   1 
ATOM   468  O  O   . ALA A 1 82  ? 15.41610  -8.39672  -1.71689  1.000 94.75836  ? 63  ALA B O   1 
ATOM   469  C  CB  . ALA A 1 82  ? 14.49100  -11.43930 -1.77711  1.000 87.50049  ? 63  ALA B CB  1 
ATOM   470  N  N   . GLY A 1 83  ? 14.59373  -8.91879  0.31791   1.000 116.15290 ? 64  GLY B N   1 
ATOM   471  C  CA  . GLY A 1 83  ? 15.37694  -7.91723  1.01548   1.000 113.84911 ? 64  GLY B CA  1 
ATOM   472  C  C   . GLY A 1 83  ? 15.04880  -6.47581  0.70544   1.000 98.12619  ? 64  GLY B C   1 
ATOM   473  O  O   . GLY A 1 83  ? 15.89725  -5.60631  0.91418   1.000 103.95261 ? 64  GLY B O   1 
ATOM   474  N  N   . CYS A 1 84  ? 13.84668  -6.18469  0.22794   1.000 92.58747  ? 65  CYS B N   1 
ATOM   475  C  CA  . CYS A 1 84  ? 13.46430  -4.81638  -0.08205  1.000 87.04486  ? 65  CYS B CA  1 
ATOM   476  C  C   . CYS A 1 84  ? 12.70209  -4.18981  1.07993   1.000 94.24245  ? 65  CYS B C   1 
ATOM   477  O  O   . CYS A 1 84  ? 12.03253  -4.87822  1.85485   1.000 97.33155  ? 65  CYS B O   1 
ATOM   478  C  CB  . CYS A 1 84  ? 12.62448  -4.76071  -1.35978  1.000 81.32572  ? 65  CYS B CB  1 
ATOM   479  S  SG  . CYS A 1 84  ? 10.86012  -5.02468  -1.11295  1.000 105.85689 ? 65  CYS B SG  1 
ATOM   480  N  N   . LEU A 1 85  ? 12.81973  -2.87088  1.19347   1.000 92.62097  ? 66  LEU B N   1 
ATOM   481  C  CA  . LEU A 1 85  ? 12.06661  -2.07168  2.14862   1.000 90.18339  ? 66  LEU B CA  1 
ATOM   482  C  C   . LEU A 1 85  ? 10.89327  -1.42082  1.43183   1.000 93.90398  ? 66  LEU B C   1 
ATOM   483  O  O   . LEU A 1 85  ? 11.05888  -0.85026  0.34526   1.000 93.62848  ? 66  LEU B O   1 
ATOM   484  C  CB  . LEU A 1 85  ? 12.94496  -1.00407  2.80485   1.000 80.09798  ? 66  LEU B CB  1 
ATOM   485  C  CG  . LEU A 1 85  ? 14.36470  -1.39255  3.21548   1.000 76.88628  ? 66  LEU B CG  1 
ATOM   486  C  CD1 . LEU A 1 85  ? 15.05554  -0.21159  3.87764   1.000 59.09070  ? 66  LEU B CD1 1 
ATOM   487  C  CD2 . LEU A 1 85  ? 14.34470  -2.59406  4.14722   1.000 98.43789  ? 66  LEU B CD2 1 
ATOM   488  N  N   . TYR A 1 86  ? 9.71901   -1.48917  2.05834   1.000 91.88062  ? 67  TYR B N   1 
ATOM   489  C  CA  . TYR A 1 86  ? 8.47566   -1.01720  1.47103   1.000 90.51131  ? 67  TYR B CA  1 
ATOM   490  C  C   . TYR A 1 86  ? 7.67716   -0.22335  2.49523   1.000 92.92533  ? 67  TYR B C   1 
ATOM   491  O  O   . TYR A 1 86  ? 7.84511   -0.36755  3.70869   1.000 89.63810  ? 67  TYR B O   1 
ATOM   492  C  CB  . TYR A 1 86  ? 7.64724   -2.19043  0.92303   1.000 91.60842  ? 67  TYR B CB  1 
ATOM   493  C  CG  . TYR A 1 86  ? 7.10123   -3.10818  1.99656   1.000 81.83399  ? 67  TYR B CG  1 
ATOM   494  C  CD1 . TYR A 1 86  ? 5.85443   -2.89676  2.57187   1.000 88.04983  ? 67  TYR B CD1 1 
ATOM   495  C  CD2 . TYR A 1 86  ? 7.83559   -4.20732  2.41594   1.000 82.76400  ? 67  TYR B CD2 1 
ATOM   496  C  CE1 . TYR A 1 86  ? 5.36940   -3.74752  3.55359   1.000 95.43173  ? 67  TYR B CE1 1 
ATOM   497  C  CE2 . TYR A 1 86  ? 7.35514   -5.06308  3.38233   1.000 80.75237  ? 67  TYR B CE2 1 
ATOM   498  C  CZ  . TYR A 1 86  ? 6.12895   -4.82932  3.95248   1.000 88.31583  ? 67  TYR B CZ  1 
ATOM   499  O  OH  . TYR A 1 86  ? 5.67352   -5.69104  4.92413   1.000 85.50402  ? 67  TYR B OH  1 
ATOM   500  N  N   . PHE A 1 87  ? 6.79004   0.62221   1.96408   1.000 92.06011  ? 68  PHE B N   1 
ATOM   501  C  CA  . PHE A 1 87  ? 5.89596   1.44782   2.76869   1.000 83.58027  ? 68  PHE B CA  1 
ATOM   502  C  C   . PHE A 1 87  ? 4.69131   1.75069   1.87312   1.000 87.74167  ? 68  PHE B C   1 
ATOM   503  O  O   . PHE A 1 87  ? 4.80243   2.53755   0.92577   1.000 81.93713  ? 68  PHE B O   1 
ATOM   504  C  CB  . PHE A 1 87  ? 6.60844   2.71091   3.23193   1.000 80.36359  ? 68  PHE B CB  1 
ATOM   505  C  CG  . PHE A 1 87  ? 5.77618   3.61509   4.09688   1.000 93.83589  ? 68  PHE B CG  1 
ATOM   506  C  CD1 . PHE A 1 87  ? 4.90250   4.53326   3.53920   1.000 105.25775 ? 68  PHE B CD1 1 
ATOM   507  C  CD2 . PHE A 1 87  ? 5.89300   3.56173   5.47625   1.000 95.61866  ? 68  PHE B CD2 1 
ATOM   508  C  CE1 . PHE A 1 87  ? 4.14791   5.36823   4.34176   1.000 102.44823 ? 68  PHE B CE1 1 
ATOM   509  C  CE2 . PHE A 1 87  ? 5.14298   4.39385   6.28410   1.000 97.48516  ? 68  PHE B CE2 1 
ATOM   510  C  CZ  . PHE A 1 87  ? 4.26990   5.29940   5.71592   1.000 99.58126  ? 68  PHE B CZ  1 
ATOM   511  N  N   . PHE A 1 88  ? 3.58628   1.05115   2.12619   1.000 93.96437  ? 69  PHE B N   1 
ATOM   512  C  CA  . PHE A 1 88  ? 2.36960   1.16766   1.33521   1.000 97.10785  ? 69  PHE B CA  1 
ATOM   513  C  C   . PHE A 1 88  ? 1.29418   1.87514   2.15001   1.000 95.70428  ? 69  PHE B C   1 
ATOM   514  O  O   . PHE A 1 88  ? 1.09392   1.55160   3.32597   1.000 91.39743  ? 69  PHE B O   1 
ATOM   515  C  CB  . PHE A 1 88  ? 1.84549   -0.21099  0.93056   1.000 98.98775  ? 69  PHE B CB  1 
ATOM   516  C  CG  . PHE A 1 88  ? 2.85732   -1.09390  0.26326   1.000 89.38275  ? 69  PHE B CG  1 
ATOM   517  C  CD1 . PHE A 1 88  ? 3.86161   -0.57051  -0.52643  1.000 93.99221  ? 69  PHE B CD1 1 
ATOM   518  C  CD2 . PHE A 1 88  ? 2.78940   -2.46836  0.42965   1.000 81.15149  ? 69  PHE B CD2 1 
ATOM   519  C  CE1 . PHE A 1 88  ? 4.78376   -1.40352  -1.12570  1.000 100.12590 ? 69  PHE B CE1 1 
ATOM   520  C  CE2 . PHE A 1 88  ? 3.70569   -3.30318  -0.17236  1.000 83.86332  ? 69  PHE B CE2 1 
ATOM   521  C  CZ  . PHE A 1 88  ? 4.70413   -2.77014  -0.95370  1.000 91.07839  ? 69  PHE B CZ  1 
ATOM   522  N  N   . GLN A 1 89  ? 0.60468   2.83736   1.53402   1.000 91.65053  ? 70  GLN B N   1 
ATOM   523  C  CA  . GLN A 1 89  ? -0.42809  3.61584   2.21889   1.000 77.19485  ? 70  GLN B CA  1 
ATOM   524  C  C   . GLN A 1 89  ? -1.64176  3.69121   1.30033   1.000 84.54653  ? 70  GLN B C   1 
ATOM   525  O  O   . GLN A 1 89  ? -1.58559  4.34214   0.25666   1.000 79.94563  ? 70  GLN B O   1 
ATOM   526  C  CB  . GLN A 1 89  ? 0.09609   5.01171   2.56026   1.000 71.51535  ? 70  GLN B CB  1 
ATOM   527  C  CG  . GLN A 1 89  ? -0.89398  5.91849   3.25297   1.000 80.18522  ? 70  GLN B CG  1 
ATOM   528  C  CD  . GLN A 1 89  ? -0.21695  6.91770   4.17115   1.000 86.85687  ? 70  GLN B CD  1 
ATOM   529  O  OE1 . GLN A 1 89  ? 0.73124   6.58176   4.88023   1.000 82.89475  ? 70  GLN B OE1 1 
ATOM   530  N  NE2 . GLN A 1 89  ? -0.69760  8.15678   4.15793   1.000 86.10879  ? 70  GLN B NE2 1 
ATOM   531  N  N   . VAL A 1 90  ? -2.75193  3.06560   1.69346   1.000 82.91165  ? 71  VAL B N   1 
ATOM   532  C  CA  . VAL A 1 90  ? -3.99893  3.15538   0.93253   1.000 68.89500  ? 71  VAL B CA  1 
ATOM   533  C  C   . VAL A 1 90  ? -4.89044  4.26825   1.47580   1.000 82.86485  ? 71  VAL B C   1 
ATOM   534  O  O   . VAL A 1 90  ? -5.12183  4.34981   2.69342   1.000 93.10264  ? 71  VAL B O   1 
ATOM   535  C  CB  . VAL A 1 90  ? -4.73814  1.80465   0.92802   1.000 68.29909  ? 71  VAL B CB  1 
ATOM   536  C  CG1 . VAL A 1 90  ? -4.98483  1.31336   2.34371   1.000 68.24134  ? 71  VAL B CG1 1 
ATOM   537  C  CG2 . VAL A 1 90  ? -6.04614  1.91653   0.15903   1.000 69.32872  ? 71  VAL B CG2 1 
ATOM   538  N  N   . GLU A 1 91  ? -5.38668  5.12974   0.57033   1.000 80.67735  ? 72  GLU B N   1 
ATOM   539  C  CA  . GLU A 1 91  ? -6.24706  6.25262   0.92795   1.000 80.30274  ? 72  GLU B CA  1 
ATOM   540  C  C   . GLU A 1 91  ? -7.44915  6.31624   -0.01312  1.000 93.37542  ? 72  GLU B C   1 
ATOM   541  O  O   . GLU A 1 91  ? -7.41010  5.81316   -1.13937  1.000 89.36280  ? 72  GLU B O   1 
ATOM   542  C  CB  . GLU A 1 91  ? -5.48341  7.58365   0.84364   1.000 79.51949  ? 72  GLU B CB  1 
ATOM   543  C  CG  . GLU A 1 91  ? -4.04021  7.51742   1.30424   1.000 84.40068  ? 72  GLU B CG  1 
ATOM   544  C  CD  . GLU A 1 91  ? -3.28696  8.79837   1.02038   1.000 96.13680  ? 72  GLU B CD  1 
ATOM   545  O  OE1 . GLU A 1 91  ? -3.70361  9.54923   0.11223   1.000 100.41351 ? 72  GLU B OE1 1 
ATOM   546  O  OE2 . GLU A 1 91  ? -2.26427  9.04147   1.68949   1.000 94.71446  ? 72  GLU B OE2 1 
ATOM   547  N  N   . CYS A 1 92  ? -8.52425  6.95121   0.45986   1.000 102.52990 ? 73  CYS B N   1 
ATOM   548  C  CA  . CYS A 1 92  ? -9.67776  7.24709   -0.38574  1.000 94.37045  ? 73  CYS B CA  1 
ATOM   549  C  C   . CYS A 1 92  ? -9.34528  8.35515   -1.37938  1.000 91.68407  ? 73  CYS B C   1 
ATOM   550  O  O   . CYS A 1 92  ? -8.65041  9.31862   -1.04428  1.000 84.13014  ? 73  CYS B O   1 
ATOM   551  C  CB  . CYS A 1 92  ? -10.88608 7.63321   0.46816   1.000 83.83396  ? 73  CYS B CB  1 
ATOM   552  S  SG  . CYS A 1 92  ? -10.58420 8.97388   1.65100   1.000 138.65023 ? 73  CYS B SG  1 
ATOM   553  N  N   . ASN A 1 93  ? -9.84346  8.22293   -2.60990  1.000 87.16988  ? 74  ASN B N   1 
ATOM   554  C  CA  . ASN A 1 93  ? -9.71232  9.31457   -3.57184  1.000 99.26345  ? 74  ASN B CA  1 
ATOM   555  C  C   . ASN A 1 93  ? -10.43445 10.57766  -3.11032  1.000 119.97838 ? 74  ASN B C   1 
ATOM   556  O  O   . ASN A 1 93  ? -11.58168 10.53011  -2.65351  1.000 114.38696 ? 74  ASN B O   1 
ATOM   557  C  CB  . ASN A 1 93  ? -10.24288 8.88540   -4.93581  1.000 94.61974  ? 74  ASN B CB  1 
ATOM   558  C  CG  . ASN A 1 93  ? -9.25520  8.03517   -5.70498  1.000 105.05634 ? 74  ASN B CG  1 
ATOM   559  O  OD1 . ASN A 1 93  ? -8.04876  8.11157   -5.48324  1.000 111.84578 ? 74  ASN B OD1 1 
ATOM   560  N  ND2 . ASN A 1 93  ? -9.76256  7.23938   -6.63859  1.000 114.95789 ? 74  ASN B ND2 1 
ATOM   561  N  N   . LYS A 1 94  ? -9.74750  11.71543  -3.24359  1.000 118.90750 ? 75  LYS B N   1 
ATOM   562  C  CA  . LYS A 1 94  ? -10.21243 12.95641  -2.62758  1.000 123.75894 ? 75  LYS B CA  1 
ATOM   563  C  C   . LYS A 1 94  ? -11.49126 13.48252  -3.27811  1.000 124.70613 ? 75  LYS B C   1 
ATOM   564  O  O   . LYS A 1 94  ? -12.36587 14.01944  -2.58732  1.000 127.25913 ? 75  LYS B O   1 
ATOM   565  C  CB  . LYS A 1 94  ? -9.11141  14.01645  -2.68059  1.000 116.96188 ? 75  LYS B CB  1 
ATOM   566  N  N   . PHE A 1 95  ? -11.61661 13.33843  -4.60471  1.000 128.52671 ? 76  PHE B N   1 
ATOM   567  C  CA  . PHE A 1 95  ? -12.69825 13.94854  -5.37463  1.000 119.20247 ? 76  PHE B CA  1 
ATOM   568  C  C   . PHE A 1 95  ? -13.61892 12.95617  -6.07363  1.000 116.27001 ? 76  PHE B C   1 
ATOM   569  O  O   . PHE A 1 95  ? -14.60117 13.38037  -6.69462  1.000 127.93810 ? 76  PHE B O   1 
ATOM   570  C  CB  . PHE A 1 95  ? -12.12100 14.90939  -6.42396  1.000 87.15462  ? 76  PHE B CB  1 
ATOM   571  N  N   . GLU A 1 96  ? -13.36314 11.65590  -5.96609  1.000 110.64186 ? 77  GLU B N   1 
ATOM   572  C  CA  . GLU A 1 96  ? -14.10028 10.66606  -6.73288  1.000 106.61121 ? 77  GLU B CA  1 
ATOM   573  C  C   . GLU A 1 96  ? -14.30396 9.45759   -5.83564  1.000 103.36909 ? 77  GLU B C   1 
ATOM   574  O  O   . GLU A 1 96  ? -13.86226 9.44042   -4.68264  1.000 104.69314 ? 77  GLU B O   1 
ATOM   575  C  CB  . GLU A 1 96  ? -13.34596 10.27643  -8.01345  1.000 96.81254  ? 77  GLU B CB  1 
ATOM   576  N  N   . GLU A 1 97  ? -15.01515 8.45820   -6.34719  1.000 93.87805  ? 78  GLU B N   1 
ATOM   577  C  CA  . GLU A 1 97  ? -15.01924 7.14665   -5.72065  1.000 100.64559 ? 78  GLU B CA  1 
ATOM   578  C  C   . GLU A 1 97  ? -13.68691 6.43297   -5.96200  1.000 114.00213 ? 78  GLU B C   1 
ATOM   579  O  O   . GLU A 1 97  ? -12.86670 6.84777   -6.78706  1.000 105.07068 ? 78  GLU B O   1 
ATOM   580  C  CB  . GLU A 1 97  ? -16.19471 6.31770   -6.23882  1.000 70.41882  ? 78  GLU B CB  1 
ATOM   581  N  N   . GLY A 1 98  ? -13.47848 5.33282   -5.23594  1.000 102.73483 ? 79  GLY B N   1 
ATOM   582  C  CA  . GLY A 1 98  ? -12.24871 4.57494   -5.36310  1.000 81.90789  ? 79  GLY B CA  1 
ATOM   583  C  C   . GLY A 1 98  ? -11.15946 4.99133   -4.39335  1.000 89.35789  ? 79  GLY B C   1 
ATOM   584  O  O   . GLY A 1 98  ? -11.27657 5.94962   -3.62542  1.000 100.31807 ? 79  GLY B O   1 
ATOM   585  N  N   . TYR A 1 99  ? -10.06386 4.23514   -4.44047  1.000 83.63127  ? 80  TYR B N   1 
ATOM   586  C  CA  . TYR A 1 99  ? -8.91399  4.42231   -3.56612  1.000 87.28807  ? 80  TYR B CA  1 
ATOM   587  C  C   . TYR A 1 99  ? -7.64394  4.47021   -4.40220  1.000 80.94760  ? 80  TYR B C   1 
ATOM   588  O  O   . TYR A 1 99  ? -7.62912  4.13000   -5.58802  1.000 81.00819  ? 80  TYR B O   1 
ATOM   589  C  CB  . TYR A 1 99  ? -8.77070  3.32019   -2.49660  1.000 76.94075  ? 80  TYR B CB  1 
ATOM   590  C  CG  . TYR A 1 99  ? -9.94427  3.10636   -1.56591  1.000 67.72437  ? 80  TYR B CG  1 
ATOM   591  C  CD1 . TYR A 1 99  ? -11.03998 2.34123   -1.93916  1.000 65.29193  ? 80  TYR B CD1 1 
ATOM   592  C  CD2 . TYR A 1 99  ? -9.92065  3.63011   -0.27887  1.000 78.87789  ? 80  TYR B CD2 1 
ATOM   593  C  CE1 . TYR A 1 99  ? -12.09882 2.13789   -1.06371  1.000 88.91434  ? 80  TYR B CE1 1 
ATOM   594  C  CE2 . TYR A 1 99  ? -10.96646 3.43333   0.59946   1.000 100.92329 ? 80  TYR B CE2 1 
ATOM   595  C  CZ  . TYR A 1 99  ? -12.05288 2.68641   0.20516   1.000 103.86679 ? 80  TYR B CZ  1 
ATOM   596  O  OH  . TYR A 1 99  ? -13.09737 2.49256   1.08091   1.000 114.45982 ? 80  TYR B OH  1 
ATOM   597  N  N   . HIS A 1 100 ? -6.56235  4.89009   -3.76146  1.000 68.50241  ? 81  HIS B N   1 
ATOM   598  C  CA  . HIS A 1 100 ? -5.24783  4.83315   -4.37586  1.000 78.11988  ? 81  HIS B CA  1 
ATOM   599  C  C   . HIS A 1 100 ? -4.21216  4.49436   -3.31594  1.000 94.79715  ? 81  HIS B C   1 
ATOM   600  O  O   . HIS A 1 100 ? -4.30523  4.94611   -2.16831  1.000 94.49994  ? 81  HIS B O   1 
ATOM   601  C  CB  . HIS A 1 100 ? -4.90095  6.14670   -5.09269  1.000 78.97264  ? 81  HIS B CB  1 
ATOM   602  C  CG  . HIS A 1 100 ? -4.81831  7.33086   -4.18323  1.000 88.14138  ? 81  HIS B CG  1 
ATOM   603  N  ND1 . HIS A 1 100 ? -5.88080  8.18343   -3.97540  1.000 80.92096  ? 81  HIS B ND1 1 
ATOM   604  C  CD2 . HIS A 1 100 ? -3.80001  7.80653   -3.42836  1.000 100.64392 ? 81  HIS B CD2 1 
ATOM   605  C  CE1 . HIS A 1 100 ? -5.52147  9.13207   -3.13036  1.000 92.18729  ? 81  HIS B CE1 1 
ATOM   606  N  NE2 . HIS A 1 100 ? -4.26460  8.92718   -2.78257  1.000 89.77269  ? 81  HIS B NE2 1 
ATOM   607  N  N   . ILE A 1 101 ? -3.26513  3.64515   -3.69942  1.000 92.59093  ? 82  ILE B N   1 
ATOM   608  C  CA  . ILE A 1 101 ? -2.20984  3.17753   -2.81700  1.000 79.10218  ? 82  ILE B CA  1 
ATOM   609  C  C   . ILE A 1 101 ? -0.93039  3.89328   -3.21101  1.000 86.20205  ? 82  ILE B C   1 
ATOM   610  O  O   . ILE A 1 101 ? -0.45980  3.76274   -4.35293  1.000 91.75541  ? 82  ILE B O   1 
ATOM   611  C  CB  . ILE A 1 101 ? -2.02249  1.65645   -2.91398  1.000 72.70683  ? 82  ILE B CB  1 
ATOM   612  C  CG1 . ILE A 1 101 ? -3.33287  0.92313   -2.63547  1.000 77.79687  ? 82  ILE B CG1 1 
ATOM   613  C  CG2 . ILE A 1 101 ? -0.93161  1.19695   -1.95498  1.000 89.15316  ? 82  ILE B CG2 1 
ATOM   614  C  CD1 . ILE A 1 101 ? -3.15556  -0.56768  -2.48141  1.000 75.73837  ? 82  ILE B CD1 1 
ATOM   615  N  N   . HIS A 1 102 ? -0.38719  4.67004   -2.27677  1.000 82.86240  ? 83  HIS B N   1 
ATOM   616  C  CA  . HIS A 1 102 ? 0.93067   5.25765   -2.43488  1.000 94.18510  ? 83  HIS B CA  1 
ATOM   617  C  C   . HIS A 1 102 ? 1.95413   4.19169   -2.07621  1.000 89.61042  ? 83  HIS B C   1 
ATOM   618  O  O   . HIS A 1 102 ? 1.91617   3.63532   -0.97058  1.000 94.76712  ? 83  HIS B O   1 
ATOM   619  C  CB  . HIS A 1 102 ? 1.08321   6.47129   -1.52127  1.000 103.23642 ? 83  HIS B CB  1 
ATOM   620  C  CG  . HIS A 1 102 ? 0.50174   7.73176   -2.08017  1.000 103.43141 ? 83  HIS B CG  1 
ATOM   621  N  ND1 . HIS A 1 102 ? 1.04888   8.39204   -3.15981  1.000 116.06433 ? 83  HIS B ND1 1 
ATOM   622  C  CD2 . HIS A 1 102 ? -0.57519  8.45921   -1.69991  1.000 98.82109  ? 83  HIS B CD2 1 
ATOM   623  C  CE1 . HIS A 1 102 ? 0.33027   9.46891   -3.42334  1.000 119.80024 ? 83  HIS B CE1 1 
ATOM   624  N  NE2 . HIS A 1 102 ? -0.66024  9.53300   -2.55226  1.000 105.10875 ? 83  HIS B NE2 1 
ATOM   625  N  N   . VAL A 1 103 ? 2.85193   3.89604   -3.00570  1.000 88.81670  ? 84  VAL B N   1 
ATOM   626  C  CA  . VAL A 1 103 ? 3.79527   2.79584   -2.88673  1.000 89.89036  ? 84  VAL B CA  1 
ATOM   627  C  C   . VAL A 1 103 ? 5.20495   3.38600   -2.86529  1.000 81.60225  ? 84  VAL B C   1 
ATOM   628  O  O   . VAL A 1 103 ? 5.62252   4.04431   -3.82723  1.000 72.90570  ? 84  VAL B O   1 
ATOM   629  C  CB  . VAL A 1 103 ? 3.58806   1.75543   -4.00271  1.000 79.11973  ? 84  VAL B CB  1 
ATOM   630  C  CG1 . VAL A 1 103 ? 3.75277   2.34890   -5.37309  1.000 86.21302  ? 84  VAL B CG1 1 
ATOM   631  C  CG2 . VAL A 1 103 ? 4.51101   0.61058   -3.82790  1.000 72.19216  ? 84  VAL B CG2 1 
ATOM   632  N  N   . VAL A 1 104 ? 5.92727   3.19045   -1.76371  1.000 73.96873  ? 85  VAL B N   1 
ATOM   633  C  CA  . VAL A 1 104 ? 7.33719   3.56433   -1.70018  1.000 82.61358  ? 85  VAL B CA  1 
ATOM   634  C  C   . VAL A 1 104 ? 8.14618   2.30931   -1.41980  1.000 97.14656  ? 85  VAL B C   1 
ATOM   635  O  O   . VAL A 1 104 ? 7.91434   1.63080   -0.41519  1.000 92.48393  ? 85  VAL B O   1 
ATOM   636  C  CB  . VAL A 1 104 ? 7.59186   4.62719   -0.61847  1.000 77.85102  ? 85  VAL B CB  1 
ATOM   637  C  CG1 . VAL A 1 104 ? 9.04397   5.06590   -0.63250  1.000 85.70773  ? 85  VAL B CG1 1 
ATOM   638  C  CG2 . VAL A 1 104 ? 6.66728   5.82011   -0.81625  1.000 86.27025  ? 85  VAL B CG2 1 
ATOM   639  N  N   . ILE A 1 105 ? 9.10197   1.99579   -2.29692  1.000 99.79040  ? 86  ILE B N   1 
ATOM   640  C  CA  . ILE A 1 105 ? 9.84520   0.74015   -2.16315  1.000 87.84800  ? 86  ILE B CA  1 
ATOM   641  C  C   . ILE A 1 105 ? 11.21750  0.86856   -2.79600  1.000 88.04654  ? 86  ILE B C   1 
ATOM   642  O  O   . ILE A 1 105 ? 11.39352  1.53065   -3.81837  1.000 81.19352  ? 86  ILE B O   1 
ATOM   643  C  CB  . ILE A 1 105 ? 9.18541   -0.50086  -2.83223  1.000 84.66572  ? 86  ILE B CB  1 
ATOM   644  C  CG1 . ILE A 1 105 ? 7.67085   -0.54908  -2.74911  1.000 111.75897 ? 86  ILE B CG1 1 
ATOM   645  C  CG2 . ILE A 1 105 ? 9.73588   -1.80583  -2.26301  1.000 85.50991  ? 86  ILE B CG2 1 
ATOM   646  C  CD1 . ILE A 1 105 ? 7.11584   -1.50660  -3.78639  1.000 115.21786 ? 86  ILE B CD1 1 
ATOM   647  N  N   . GLY A 1 106 ? 12.16650  0.13180   -2.23021  1.000 97.55380  ? 87  GLY B N   1 
ATOM   648  C  CA  . GLY A 1 106 ? 13.50967  0.06440   -2.76827  1.000 98.99423  ? 87  GLY B CA  1 
ATOM   649  C  C   . GLY A 1 106 ? 14.25241  -1.05910  -2.08343  1.000 102.56032 ? 87  GLY B C   1 
ATOM   650  O  O   . GLY A 1 106 ? 13.99638  -1.35640  -0.91630  1.000 95.60487  ? 87  GLY B O   1 
ATOM   651  N  N   . GLY A 1 107 ? 15.17982  -1.68911  -2.79045  1.000 105.20319 ? 88  GLY B N   1 
ATOM   652  C  CA  . GLY A 1 107 ? 15.90490  -2.80441  -2.23814  1.000 114.83533 ? 88  GLY B CA  1 
ATOM   653  C  C   . GLY A 1 107 ? 16.93314  -3.33948  -3.20595  1.000 115.36989 ? 88  GLY B C   1 
ATOM   654  O  O   . GLY A 1 107 ? 16.98793  -2.92904  -4.37054  1.000 110.32115 ? 88  GLY B O   1 
ATOM   655  N  N   . PRO A 1 108 ? 17.79241  -4.24279  -2.73829  1.000 112.28053 ? 89  PRO B N   1 
ATOM   656  C  CA  . PRO A 1 108 ? 18.79921  -4.81802  -3.63449  1.000 113.81327 ? 89  PRO B CA  1 
ATOM   657  C  C   . PRO A 1 108 ? 18.09531  -5.52842  -4.78046  1.000 111.84572 ? 89  PRO B C   1 
ATOM   658  O  O   . PRO A 1 108 ? 17.13244  -6.27132  -4.57818  1.000 101.73724 ? 89  PRO B O   1 
ATOM   659  C  CB  . PRO A 1 108 ? 19.56601  -5.79718  -2.73764  1.000 118.42348 ? 89  PRO B CB  1 
ATOM   660  C  CG  . PRO A 1 108 ? 18.67813  -6.02242  -1.55026  1.000 106.76019 ? 89  PRO B CG  1 
ATOM   661  C  CD  . PRO A 1 108 ? 17.91672  -4.75159  -1.36369  1.000 107.12130 ? 89  PRO B CD  1 
ATOM   662  N  N   . GLY A 1 109 ? 18.57200  -5.27719  -5.99460  1.000 116.00875 ? 90  GLY B N   1 
ATOM   663  C  CA  . GLY A 1 109 ? 18.00246  -5.87469  -7.17841  1.000 125.25666 ? 90  GLY B CA  1 
ATOM   664  C  C   . GLY A 1 109 ? 16.93346  -5.02964  -7.83141  1.000 111.75694 ? 90  GLY B C   1 
ATOM   665  O  O   . GLY A 1 109 ? 16.48552  -5.36460  -8.93711  1.000 109.47392 ? 90  GLY B O   1 
ATOM   666  N  N   . LEU A 1 110 ? 16.50085  -3.95470  -7.17658  1.000 105.28473 ? 91  LEU B N   1 
ATOM   667  C  CA  . LEU A 1 110 ? 15.38329  -3.14313  -7.63381  1.000 95.32746  ? 91  LEU B CA  1 
ATOM   668  C  C   . LEU A 1 110 ? 15.96499  -1.93351  -8.35110  1.000 94.09738  ? 91  LEU B C   1 
ATOM   669  O  O   . LEU A 1 110 ? 16.76121  -1.18782  -7.76982  1.000 95.15383  ? 91  LEU B O   1 
ATOM   670  C  CB  . LEU A 1 110 ? 14.50358  -2.70808  -6.46187  1.000 99.29631  ? 91  LEU B CB  1 
ATOM   671  C  CG  . LEU A 1 110 ? 13.04569  -2.35686  -6.76588  1.000 97.66515  ? 91  LEU B CG  1 
ATOM   672  C  CD1 . LEU A 1 110 ? 12.37527  -3.46255  -7.56257  1.000 101.86491 ? 91  LEU B CD1 1 
ATOM   673  C  CD2 . LEU A 1 110 ? 12.28560  -2.07594  -5.47876  1.000 104.25621 ? 91  LEU B CD2 1 
ATOM   674  N  N   . ASN A 1 111 ? 15.57454  -1.74086  -9.60755  1.000 78.52017  ? 92  ASN B N   1 
ATOM   675  C  CA  . ASN A 1 111 ? 16.05386  -0.61222  -10.38892 1.000 97.05447  ? 92  ASN B CA  1 
ATOM   676  C  C   . ASN A 1 111 ? 14.90658  -0.05304  -11.21726 1.000 99.89942  ? 92  ASN B C   1 
ATOM   677  O  O   . ASN A 1 111 ? 13.77105  -0.53572  -11.15505 1.000 109.90274 ? 92  ASN B O   1 
ATOM   678  C  CB  . ASN A 1 111 ? 17.23039  -1.03271  -11.27714 1.000 118.38105 ? 92  ASN B CB  1 
ATOM   679  C  CG  . ASN A 1 111 ? 16.92796  -2.27624  -12.09227 1.000 123.33868 ? 92  ASN B CG  1 
ATOM   680  O  OD1 . ASN A 1 111 ? 16.12475  -2.24159  -13.02438 1.000 119.92130 ? 92  ASN B OD1 1 
ATOM   681  N  ND2 . ASN A 1 111 ? 17.56539  -3.38639  -11.73689 1.000 123.70483 ? 92  ASN B ND2 1 
ATOM   682  N  N   . ALA A 1 112 ? 15.20750  0.99103   -11.99067 1.000 90.79652  ? 93  ALA B N   1 
ATOM   683  C  CA  . ALA A 1 112 ? 14.16940  1.68089   -12.74427 1.000 107.09806 ? 93  ALA B CA  1 
ATOM   684  C  C   . ALA A 1 112 ? 13.62245  0.82181   -13.87638 1.000 111.14458 ? 93  ALA B C   1 
ATOM   685  O  O   . ALA A 1 112 ? 12.49328  1.04698   -14.32361 1.000 113.98827 ? 93  ALA B O   1 
ATOM   686  C  CB  . ALA A 1 112 ? 14.71105  2.99890   -13.30028 1.000 118.55849 ? 93  ALA B CB  1 
ATOM   687  N  N   . ARG A 1 113 ? 14.40239  -0.15499  -14.34214 1.000 118.10952 ? 94  ARG B N   1 
ATOM   688  C  CA  . ARG A 1 113 ? 14.03647  -1.03540  -15.44495 1.000 113.71127 ? 94  ARG B CA  1 
ATOM   689  C  C   . ARG A 1 113 ? 13.08703  -2.16462  -15.05761 1.000 107.69726 ? 94  ARG B C   1 
ATOM   690  O  O   . ARG A 1 113 ? 12.51618  -2.79316  -15.95404 1.000 114.14463 ? 94  ARG B O   1 
ATOM   691  C  CB  . ARG A 1 113 ? 15.29993  -1.63246  -16.07242 1.000 117.50650 ? 94  ARG B CB  1 
ATOM   692  N  N   . ASN A 1 114 ? 12.89668  -2.44555  -13.76515 1.000 104.49417 ? 95  ASN B N   1 
ATOM   693  C  CA  . ASN A 1 114 ? 11.99585  -3.51577  -13.35418 1.000 107.31516 ? 95  ASN B CA  1 
ATOM   694  C  C   . ASN A 1 114 ? 10.99906  -3.12888  -12.26849 1.000 106.25342 ? 95  ASN B C   1 
ATOM   695  O  O   . ASN A 1 114 ? 10.23650  -3.99313  -11.82264 1.000 102.39958 ? 95  ASN B O   1 
ATOM   696  C  CB  . ASN A 1 114 ? 12.80097  -4.73540  -12.87459 1.000 97.35814  ? 95  ASN B CB  1 
ATOM   697  C  CG  . ASN A 1 114 ? 13.67486  -4.42727  -11.67205 1.000 98.81099  ? 95  ASN B CG  1 
ATOM   698  O  OD1 . ASN A 1 114 ? 14.00507  -3.27151  -11.40914 1.000 98.27604  ? 95  ASN B OD1 1 
ATOM   699  N  ND2 . ASN A 1 114 ? 14.05247  -5.46454  -10.93293 1.000 90.45288  ? 95  ASN B ND2 1 
ATOM   700  N  N   . LEU A 1 115 ? 10.98860  -1.86948  -11.82730 1.000 96.68198  ? 96  LEU B N   1 
ATOM   701  C  CA  . LEU A 1 115 ? 10.11208  -1.45052  -10.73509 1.000 82.62731  ? 96  LEU B CA  1 
ATOM   702  C  C   . LEU A 1 115 ? 8.64018   -1.70576  -11.05348 1.000 89.29301  ? 96  LEU B C   1 
ATOM   703  O  O   . LEU A 1 115 ? 7.92003   -2.33795  -10.26895 1.000 82.21011  ? 96  LEU B O   1 
ATOM   704  C  CB  . LEU A 1 115 ? 10.35022  0.02784   -10.42635 1.000 79.10803  ? 96  LEU B CB  1 
ATOM   705  C  CG  . LEU A 1 115 ? 9.28343   0.75739   -9.60957  1.000 89.14681  ? 96  LEU B CG  1 
ATOM   706  C  CD1 . LEU A 1 115 ? 9.43480   0.44459   -8.12969  1.000 96.48296  ? 96  LEU B CD1 1 
ATOM   707  C  CD2 . LEU A 1 115 ? 9.35978   2.25501   -9.85611  1.000 90.02369  ? 96  LEU B CD2 1 
ATOM   708  N  N   . THR A 1 116 ? 8.17620   -1.21777  -12.20770 1.000 77.01552  ? 97  THR B N   1 
ATOM   709  C  CA  . THR A 1 116 ? 6.76532   -1.33938  -12.57212 1.000 73.65588  ? 97  THR B CA  1 
ATOM   710  C  C   . THR A 1 116 ? 6.33231   -2.79643  -12.70667 1.000 83.55748  ? 97  THR B C   1 
ATOM   711  O  O   . THR A 1 116 ? 5.27940   -3.19214  -12.19115 1.000 80.86811  ? 97  THR B O   1 
ATOM   712  C  CB  . THR A 1 116 ? 6.50674   -0.58568  -13.87857 1.000 88.53836  ? 97  THR B CB  1 
ATOM   713  O  OG1 . THR A 1 116 ? 6.74857   0.81275   -13.68298 1.000 119.79040 ? 97  THR B OG1 1 
ATOM   714  C  CG2 . THR A 1 116 ? 5.07054   -0.78782  -14.34185 1.000 92.80910  ? 97  THR B CG2 1 
ATOM   715  N  N   . VAL A 1 117 ? 7.13786   -3.61526  -13.38628 1.000 96.33861  ? 98  VAL B N   1 
ATOM   716  C  CA  . VAL A 1 117 ? 6.76373   -5.00880  -13.61573 1.000 95.96413  ? 98  VAL B CA  1 
ATOM   717  C  C   . VAL A 1 117 ? 6.74732   -5.78520  -12.30342 1.000 90.49175  ? 98  VAL B C   1 
ATOM   718  O  O   . VAL A 1 117 ? 5.84596   -6.60186  -12.05655 1.000 85.09789  ? 98  VAL B O   1 
ATOM   719  C  CB  . VAL A 1 117 ? 7.72013   -5.64398  -14.64325 1.000 81.70673  ? 98  VAL B CB  1 
ATOM   720  C  CG1 . VAL A 1 117 ? 7.77259   -7.15093  -14.47227 1.000 83.92161  ? 98  VAL B CG1 1 
ATOM   721  C  CG2 . VAL A 1 117 ? 7.29915   -5.27802  -16.05828 1.000 105.83085 ? 98  VAL B CG2 1 
ATOM   722  N  N   . CYS A 1 118 ? 7.66740   -5.45617  -11.39538 1.000 94.48355  ? 99  CYS B N   1 
ATOM   723  C  CA  . CYS A 1 118 ? 7.72564   -6.13812  -10.10810 1.000 90.55771  ? 99  CYS B CA  1 
ATOM   724  C  C   . CYS A 1 118 ? 6.52916   -5.76745  -9.24514  1.000 89.35123  ? 99  CYS B C   1 
ATOM   725  O  O   . CYS A 1 118 ? 5.87907   -6.64412  -8.65520  1.000 88.66647  ? 99  CYS B O   1 
ATOM   726  C  CB  . CYS A 1 118 ? 9.02041   -5.75962  -9.38706  1.000 96.02646  ? 99  CYS B CB  1 
ATOM   727  S  SG  . CYS A 1 118 ? 10.51265  -6.61955  -9.93045  1.000 126.96910 ? 99  CYS B SG  1 
ATOM   728  N  N   . VAL A 1 119 ? 6.19849   -4.47716  -9.19635  1.000 91.40082  ? 100 VAL B N   1 
ATOM   729  C  CA  . VAL A 1 119 ? 5.07762   -4.02224  -8.38228  1.000 80.72320  ? 100 VAL B CA  1 
ATOM   730  C  C   . VAL A 1 119 ? 3.76590   -4.57331  -8.92367  1.000 75.27584  ? 100 VAL B C   1 
ATOM   731  O  O   . VAL A 1 119 ? 2.89886   -5.01506  -8.15507  1.000 70.07050  ? 100 VAL B O   1 
ATOM   732  C  CB  . VAL A 1 119 ? 5.05965   -2.48535  -8.30849  1.000 57.21451  ? 100 VAL B CB  1 
ATOM   733  C  CG2 . VAL A 1 119 ? 6.20912   -1.98160  -7.45236  1.000 67.91511  ? 100 VAL B CG2 1 
ATOM   734  N  N   . GLU A 1 120 ? 3.61068   -4.60069  -10.25165 1.000 77.57169  ? 101 GLU B N   1 
ATOM   735  C  CA  . GLU A 1 120 ? 2.36908   -5.11226  -10.81689 1.000 65.01440  ? 101 GLU B CA  1 
ATOM   736  C  C   . GLU A 1 120 ? 2.22175   -6.61105  -10.57779 1.000 67.21763  ? 101 GLU B C   1 
ATOM   737  O  O   . GLU A 1 120 ? 1.13421   -7.07151  -10.20994 1.000 76.62316  ? 101 GLU B O   1 
ATOM   738  C  CB  . GLU A 1 120 ? 2.31643   -4.80283  -12.31281 1.000 67.36610  ? 101 GLU B CB  1 
ATOM   739  C  CG  . GLU A 1 120 ? 1.58882   -3.51414  -12.65933 1.000 57.71969  ? 101 GLU B CG  1 
ATOM   740  C  CD  . GLU A 1 120 ? 1.97973   -2.96822  -14.01943 1.000 43.51526  ? 101 GLU B CD  1 
ATOM   741  N  N   . GLY A 1 121 ? 3.30600   -7.38125  -10.70779 1.000 73.16000  ? 102 GLY B N   1 
ATOM   742  C  CA  . GLY A 1 121 ? 3.20524   -8.80458  -10.41426 1.000 78.93531  ? 102 GLY B CA  1 
ATOM   743  C  C   . GLY A 1 121 ? 2.84975   -9.06069  -8.96210  1.000 80.57214  ? 102 GLY B C   1 
ATOM   744  O  O   . GLY A 1 121 ? 1.94666   -9.85476  -8.65063  1.000 80.05092  ? 102 GLY B O   1 
ATOM   745  N  N   . LEU A 1 122 ? 3.52024   -8.34101  -8.05304  1.000 69.94199  ? 103 LEU B N   1 
ATOM   746  C  CA  . LEU A 1 122 ? 3.31248   -8.54241  -6.62433  1.000 62.25486  ? 103 LEU B CA  1 
ATOM   747  C  C   . LEU A 1 122 ? 1.87113   -8.23527  -6.24940  1.000 66.85696  ? 103 LEU B C   1 
ATOM   748  O  O   . LEU A 1 122 ? 1.19581   -9.04695  -5.60563  1.000 62.52004  ? 103 LEU B O   1 
ATOM   749  C  CB  . LEU A 1 122 ? 4.27861   -7.66954  -5.82468  1.000 50.72357  ? 103 LEU B CB  1 
ATOM   750  C  CG  . LEU A 1 122 ? 3.86983   -7.35192  -4.38438  1.000 63.42777  ? 103 LEU B CG  1 
ATOM   751  C  CD1 . LEU A 1 122 ? 3.99628   -8.58404  -3.49802  1.000 60.58551  ? 103 LEU B CD1 1 
ATOM   752  C  CD2 . LEU A 1 122 ? 4.69648   -6.20066  -3.83666  1.000 77.27430  ? 103 LEU B CD2 1 
ATOM   753  N  N   . PHE A 1 123 ? 1.38456   -7.05926  -6.64457  1.000 85.92686  ? 104 PHE B N   1 
ATOM   754  C  CA  . PHE A 1 123 ? 0.04062   -6.64538  -6.26369  1.000 85.75064  ? 104 PHE B CA  1 
ATOM   755  C  C   . PHE A 1 123 ? -1.02433  -7.49542  -6.94785  1.000 80.81636  ? 104 PHE B C   1 
ATOM   756  O  O   . PHE A 1 123 ? -2.06724  -7.78655  -6.34074  1.000 87.45593  ? 104 PHE B O   1 
ATOM   757  C  CB  . PHE A 1 123 ? -0.16059  -5.15972  -6.55659  1.000 67.47204  ? 104 PHE B CB  1 
ATOM   758  C  CG  . PHE A 1 123 ? 0.42659   -4.25893  -5.50447  1.000 75.63740  ? 104 PHE B CG  1 
ATOM   759  C  CD1 . PHE A 1 123 ? 1.76730   -3.91151  -5.53656  1.000 86.70945  ? 104 PHE B CD1 1 
ATOM   760  C  CD2 . PHE A 1 123 ? -0.35864  -3.77790  -4.47016  1.000 74.11636  ? 104 PHE B CD2 1 
ATOM   761  C  CE1 . PHE A 1 123 ? 2.31110   -3.08996  -4.56631  1.000 82.40590  ? 104 PHE B CE1 1 
ATOM   762  C  CE2 . PHE A 1 123 ? 0.17831   -2.95708  -3.49572  1.000 79.16619  ? 104 PHE B CE2 1 
ATOM   763  C  CZ  . PHE A 1 123 ? 1.51436   -2.61309  -3.54414  1.000 87.28529  ? 104 PHE B CZ  1 
ATOM   764  N  N   . ASN A 1 124 ? -0.77186  -7.96750  -8.17328  1.000 82.26710  ? 105 ASN B N   1 
ATOM   765  C  CA  . ASN A 1 124 ? -1.84128  -8.69477  -8.83817  1.000 75.90300  ? 105 ASN B CA  1 
ATOM   766  C  C   . ASN A 1 124 ? -1.96970  -10.12370 -8.32319  1.000 88.85368  ? 105 ASN B C   1 
ATOM   767  O  O   . ASN A 1 124 ? -3.08640  -10.64109 -8.28491  1.000 94.40929  ? 105 ASN B O   1 
ATOM   768  C  CB  . ASN A 1 124 ? -1.62272  -8.67678  -10.34628 1.000 77.80661  ? 105 ASN B CB  1 
ATOM   769  C  CG  . ASN A 1 124 ? -2.12837  -7.40164  -10.99184 1.000 69.04232  ? 105 ASN B CG  1 
ATOM   770  O  OD1 . ASN A 1 124 ? -3.32940  -7.12847  -10.99786 1.000 93.41688  ? 105 ASN B OD1 1 
ATOM   771  N  ND2 . ASN A 1 124 ? -1.21252  -6.61363  -11.54330 1.000 71.47800  ? 105 ASN B ND2 1 
ATOM   772  N  N   . ASN A 1 125 ? -0.87717  -10.82903 -7.99831  1.000 79.66019  ? 106 ASN B N   1 
ATOM   773  C  CA  . ASN A 1 125 ? -1.10347  -12.16649 -7.43198  1.000 92.78329  ? 106 ASN B CA  1 
ATOM   774  C  C   . ASN A 1 125 ? -1.91856  -12.10707 -6.15011  1.000 103.36337 ? 106 ASN B C   1 
ATOM   775  O  O   . ASN A 1 125 ? -2.74103  -12.99403 -5.89384  1.000 113.64455 ? 106 ASN B O   1 
ATOM   776  C  CB  . ASN A 1 125 ? 0.14900   -13.00392 -7.21846  1.000 69.84536  ? 106 ASN B CB  1 
ATOM   777  C  CG  . ASN A 1 125 ? 0.68734   -13.53880 -8.49434  1.000 92.57922  ? 106 ASN B CG  1 
ATOM   778  O  OD1 . ASN A 1 125 ? 0.06363   -13.40670 -9.53112  1.000 75.99571  ? 106 ASN B OD1 1 
ATOM   779  N  ND2 . ASN A 1 125 ? 1.69480   -14.35484 -8.38731  1.000 100.93243 ? 106 ASN B ND2 1 
ATOM   780  N  N   . VAL A 1 126 ? -1.71126  -11.07888 -5.32862  1.000 86.43599  ? 107 VAL B N   1 
ATOM   781  C  CA  . VAL A 1 126 ? -2.53903  -10.98089 -4.13648  1.000 73.09499  ? 107 VAL B CA  1 
ATOM   782  C  C   . VAL A 1 126 ? -3.97114  -10.65860 -4.52824  1.000 81.35524  ? 107 VAL B C   1 
ATOM   783  O  O   . VAL A 1 126 ? -4.91635  -11.24666 -3.98840  1.000 84.72974  ? 107 VAL B O   1 
ATOM   784  C  CB  . VAL A 1 126 ? -1.97156  -9.91746  -3.17983  1.000 60.06822  ? 107 VAL B CB  1 
ATOM   785  C  CG1 . VAL A 1 126 ? -2.89706  -9.72640  -1.99600  1.000 85.74095  ? 107 VAL B CG1 1 
ATOM   786  C  CG2 . VAL A 1 126 ? -0.58064  -10.29470 -2.71814  1.000 62.24686  ? 107 VAL B CG2 1 
ATOM   787  N  N   . LEU A 1 127 ? -4.16802  -9.73275  -5.47008  1.000 86.87413  ? 108 LEU B N   1 
ATOM   788  C  CA  . LEU A 1 127 ? -5.53926  -9.35622  -5.79319  1.000 89.94336  ? 108 LEU B CA  1 
ATOM   789  C  C   . LEU A 1 127 ? -6.29920  -10.52184 -6.42722  1.000 95.59654  ? 108 LEU B C   1 
ATOM   790  O  O   . LEU A 1 127 ? -7.48725  -10.71889 -6.14963  1.000 104.71885 ? 108 LEU B O   1 
ATOM   791  C  CB  . LEU A 1 127 ? -5.54674  -8.14194  -6.72062  1.000 80.45878  ? 108 LEU B CB  1 
ATOM   792  C  CG  . LEU A 1 127 ? -6.92235  -7.53485  -6.99626  1.000 71.10543  ? 108 LEU B CG  1 
ATOM   793  C  CD1 . LEU A 1 127 ? -7.51629  -6.97209  -5.71528  1.000 69.94777  ? 108 LEU B CD1 1 
ATOM   794  C  CD2 . LEU A 1 127 ? -6.83113  -6.46271  -8.06964  1.000 75.17473  ? 108 LEU B CD2 1 
ATOM   795  N  N   . TYR A 1 128 ? -5.61014  -11.32254 -7.25270  1.000 81.11966  ? 109 TYR B N   1 
ATOM   796  C  CA  . TYR A 1 128 ? -6.21255  -12.47886 -7.91755  1.000 82.74662  ? 109 TYR B CA  1 
ATOM   797  C  C   . TYR A 1 128 ? -6.81996  -13.46630 -6.93317  1.000 81.77382  ? 109 TYR B C   1 
ATOM   798  O  O   . TYR A 1 128 ? -7.85931  -14.07464 -7.21708  1.000 58.52689  ? 109 TYR B O   1 
ATOM   799  C  CB  . TYR A 1 128 ? -5.15202  -13.16542 -8.78246  1.000 86.98815  ? 109 TYR B CB  1 
ATOM   800  C  CG  . TYR A 1 128 ? -5.62823  -14.37472 -9.55976  1.000 87.51461  ? 109 TYR B CG  1 
ATOM   801  C  CD1 . TYR A 1 128 ? -6.17304  -14.23950 -10.83061 1.000 99.43575  ? 109 TYR B CD1 1 
ATOM   802  C  CD2 . TYR A 1 128 ? -5.50346  -15.65440 -9.03519  1.000 72.25570  ? 109 TYR B CD2 1 
ATOM   803  C  CE1 . TYR A 1 128 ? -6.60024  -15.34388 -11.54747 1.000 96.32970  ? 109 TYR B CE1 1 
ATOM   804  C  CE2 . TYR A 1 128 ? -5.92671  -16.75992 -9.74437  1.000 66.84252  ? 109 TYR B CE2 1 
ATOM   805  C  CZ  . TYR A 1 128 ? -6.47309  -16.60176 -10.99851 1.000 74.54306  ? 109 TYR B CZ  1 
ATOM   806  O  OH  . TYR A 1 128 ? -6.89474  -17.70903 -11.70226 1.000 44.52107  ? 109 TYR B OH  1 
ATOM   807  N  N   . HIS A 1 129 ? -6.18970  -13.64541 -5.77254  1.000 86.41893  ? 110 HIS B N   1 
ATOM   808  C  CA  . HIS A 1 129 ? -6.71537  -14.59668 -4.80288  1.000 91.74578  ? 110 HIS B CA  1 
ATOM   809  C  C   . HIS A 1 129 ? -8.03763  -14.12736 -4.21834  1.000 87.45494  ? 110 HIS B C   1 
ATOM   810  O  O   . HIS A 1 129 ? -8.77768  -14.94071 -3.65448  1.000 86.95486  ? 110 HIS B O   1 
ATOM   811  C  CB  . HIS A 1 129 ? -5.68217  -14.88260 -3.71561  1.000 79.35916  ? 110 HIS B CB  1 
ATOM   812  C  CG  . HIS A 1 129 ? -4.49943  -15.65179 -4.21491  1.000 111.27935 ? 110 HIS B CG  1 
ATOM   813  N  ND1 . HIS A 1 129 ? -3.25796  -15.08259 -4.40471  1.000 144.39950 ? 110 HIS B ND1 1 
ATOM   814  C  CD2 . HIS A 1 129 ? -4.37767  -16.94848 -4.58532  1.000 88.95881  ? 110 HIS B CD2 1 
ATOM   815  C  CE1 . HIS A 1 129 ? -2.42104  -15.99727 -4.86029  1.000 125.37141 ? 110 HIS B CE1 1 
ATOM   816  N  NE2 . HIS A 1 129 ? -3.07566  -17.13895 -4.97855  1.000 108.03250 ? 110 HIS B NE2 1 
ATOM   817  N  N   . LEU A 1 130 ? -8.34250  -12.83593 -4.33895  1.000 87.94587  ? 111 LEU B N   1 
ATOM   818  C  CA  . LEU A 1 130 ? -9.42076  -12.21523 -3.58685  1.000 79.96545  ? 111 LEU B CA  1 
ATOM   819  C  C   . LEU A 1 130 ? -10.54864 -11.71299 -4.47836  1.000 70.59363  ? 111 LEU B C   1 
ATOM   820  O  O   . LEU A 1 130 ? -11.46891 -11.05823 -3.97577  1.000 83.36295  ? 111 LEU B O   1 
ATOM   821  C  CB  . LEU A 1 130 ? -8.87698  -11.05547 -2.74677  1.000 59.17068  ? 111 LEU B CB  1 
ATOM   822  C  CG  . LEU A 1 130 ? -7.51248  -11.21643 -2.07963  1.000 77.24026  ? 111 LEU B CG  1 
ATOM   823  C  CD1 . LEU A 1 130 ? -7.05287  -9.89110  -1.49010  1.000 57.80959  ? 111 LEU B CD1 1 
ATOM   824  C  CD2 . LEU A 1 130 ? -7.56423  -12.29135 -1.00664  1.000 98.52256  ? 111 LEU B CD2 1 
ATOM   825  N  N   . VAL A 1 131 ? -10.51565 -11.99483 -5.78265  1.000 75.66303  ? 112 VAL B N   1 
ATOM   826  C  CA  . VAL A 1 131 ? -11.48769 -11.40832 -6.69399  1.000 64.11652  ? 112 VAL B CA  1 
ATOM   827  C  C   . VAL A 1 131 ? -12.06122 -12.49367 -7.59226  1.000 67.72555  ? 112 VAL B C   1 
ATOM   828  O  O   . VAL A 1 131 ? -11.43553 -13.52905 -7.83984  1.000 86.78228  ? 112 VAL B O   1 
ATOM   829  C  CB  . VAL A 1 131 ? -10.88185 -10.28203 -7.56275  1.000 67.84312  ? 112 VAL B CB  1 
ATOM   830  C  CG1 . VAL A 1 131 ? -10.57631 -9.04790  -6.71836  1.000 50.11460  ? 112 VAL B CG1 1 
ATOM   831  C  CG2 . VAL A 1 131 ? -9.66101  -10.77718 -8.32485  1.000 94.32619  ? 112 VAL B CG2 1 
ATOM   832  N  N   . ASN A 1 132 ? -13.27138 -12.23724 -8.08225  1.000 83.70964  ? 113 ASN B N   1 
ATOM   833  C  CA  . ASN A 1 132 ? -13.99521 -13.13819 -8.96750  1.000 71.22833  ? 113 ASN B CA  1 
ATOM   834  C  C   . ASN A 1 132 ? -13.71875 -12.89481 -10.44394 1.000 61.62962  ? 113 ASN B C   1 
ATOM   835  O  O   . ASN A 1 132 ? -13.90585 -13.81013 -11.25407 1.000 87.89679  ? 113 ASN B O   1 
ATOM   836  C  CB  . ASN A 1 132 ? -15.50022 -13.04207 -8.70498  1.000 107.62863 ? 113 ASN B CB  1 
ATOM   837  C  CG  . ASN A 1 132 ? -15.92841 -13.85138 -7.49890  1.000 109.45749 ? 113 ASN B CG  1 
ATOM   838  O  OD1 . ASN A 1 132 ? -15.46013 -14.97200 -7.29263  1.000 105.68821 ? 113 ASN B OD1 1 
ATOM   839  N  ND2 . ASN A 1 132 ? -16.82048 -13.28908 -6.69185  1.000 96.81224  ? 113 ASN B ND2 1 
ATOM   840  N  N   . GLU A 1 133 ? -13.29278 -11.68876 -10.81367 1.000 62.94838  ? 114 GLU B N   1 
ATOM   841  C  CA  . GLU A 1 133 ? -13.09056 -11.31334 -12.20427 1.000 85.52556  ? 114 GLU B CA  1 
ATOM   842  C  C   . GLU A 1 133 ? -11.63042 -11.00571 -12.50803 1.000 78.09041  ? 114 GLU B C   1 
ATOM   843  O  O   . GLU A 1 133 ? -10.80671 -10.79721 -11.61216 1.000 55.35212  ? 114 GLU B O   1 
ATOM   844  C  CB  . GLU A 1 133 ? -13.93782 -10.08155 -12.55535 1.000 96.56867  ? 114 GLU B CB  1 
ATOM   845  C  CG  . GLU A 1 133 ? -15.43051 -10.24431 -12.31764 1.000 103.10447 ? 114 GLU B CG  1 
ATOM   846  C  CD  . GLU A 1 133 ? -16.21953 -10.35862 -13.60460 1.000 116.27914 ? 114 GLU B CD  1 
ATOM   847  O  OE1 . GLU A 1 133 ? -15.76946 -11.07732 -14.52049 1.000 117.49191 ? 114 GLU B OE1 1 
ATOM   848  O  OE2 . GLU A 1 133 ? -17.29018 -9.72161  -13.70116 1.000 122.45575 ? 114 GLU B OE2 1 
ATOM   849  N  N   . SER A 1 134 ? -11.33273 -10.97638 -13.80639 1.000 75.56194  ? 115 SER B N   1 
ATOM   850  C  CA  . SER A 1 134 ? -9.99680  -10.69298 -14.32233 1.000 76.91352  ? 115 SER B CA  1 
ATOM   851  C  C   . SER A 1 134 ? -9.73275  -9.19771  -14.20801 1.000 80.10803  ? 115 SER B C   1 
ATOM   852  O  O   . SER A 1 134 ? -10.39805 -8.38838  -14.86229 1.000 84.04993  ? 115 SER B O   1 
ATOM   853  C  CB  . SER A 1 134 ? -9.87328  -11.16563 -15.76884 1.000 109.37573 ? 115 SER B CB  1 
ATOM   854  O  OG  . SER A 1 134 ? -10.68140 -10.38206 -16.63068 1.000 117.97193 ? 115 SER B OG  1 
ATOM   855  N  N   . VAL A 1 135 ? -8.75904  -8.82964  -13.37500 1.000 82.31380  ? 116 VAL B N   1 
ATOM   856  C  CA  . VAL A 1 135 ? -8.39801  -7.43865  -13.14545 1.000 97.47332  ? 116 VAL B CA  1 
ATOM   857  C  C   . VAL A 1 135 ? -6.88708  -7.28405  -13.25301 1.000 81.18641  ? 116 VAL B C   1 
ATOM   858  O  O   . VAL A 1 135 ? -6.12281  -8.23585  -13.08482 1.000 74.09598  ? 116 VAL B O   1 
ATOM   859  C  CB  . VAL A 1 135 ? -8.89036  -6.92967  -11.77400 1.000 95.68438  ? 116 VAL B CB  1 
ATOM   860  N  N   . LYS A 1 136 ? -6.46659  -6.05388  -13.54013 1.000 85.48550  ? 117 LYS B N   1 
ATOM   861  C  CA  . LYS A 1 136 ? -5.05723  -5.69681  -13.62370 1.000 73.45044  ? 117 LYS B CA  1 
ATOM   862  C  C   . LYS A 1 136 ? -4.90467  -4.27813  -13.10045 1.000 74.62099  ? 117 LYS B C   1 
ATOM   863  O  O   . LYS A 1 136 ? -5.67501  -3.38785  -13.47314 1.000 109.28144 ? 117 LYS B O   1 
ATOM   864  C  CB  . LYS A 1 136 ? -4.53308  -5.80111  -15.06076 1.000 61.25425  ? 117 LYS B CB  1 
ATOM   865  N  N   . LEU A 1 137 ? -3.91194  -4.07855  -12.24244 1.000 66.75626  ? 118 LEU B N   1 
ATOM   866  C  CA  . LEU A 1 137 ? -3.52765  -2.76715  -11.73936 1.000 68.43981  ? 118 LEU B CA  1 
ATOM   867  C  C   . LEU A 1 137 ? -2.38943  -2.16274  -12.55139 1.000 77.45122  ? 118 LEU B C   1 
ATOM   868  O  O   . LEU A 1 137 ? -1.46337  -2.86659  -12.96230 1.000 87.50868  ? 118 LEU B O   1 
ATOM   869  C  CB  . LEU A 1 137 ? -3.11993  -2.86466  -10.26978 1.000 52.75093  ? 118 LEU B CB  1 
ATOM   870  C  CG  . LEU A 1 137 ? -4.15480  -3.53325  -9.36193  1.000 52.64341  ? 118 LEU B CG  1 
ATOM   871  C  CD1 . LEU A 1 137 ? -3.71655  -3.47998  -7.90743  1.000 72.50077  ? 118 LEU B CD1 1 
ATOM   872  C  CD2 . LEU A 1 137 ? -5.52687  -2.90200  -9.54137  1.000 83.19219  ? 118 LEU B CD2 1 
ATOM   873  N  N   . LYS A 1 138 ? -2.47883  -0.85741  -12.79611 1.000 71.44269  ? 119 LYS B N   1 
ATOM   874  C  CA  . LYS A 1 138 ? -1.47065  -0.11599  -13.54442 1.000 66.79800  ? 119 LYS B CA  1 
ATOM   875  C  C   . LYS A 1 138 ? -0.67217  0.73530   -12.56311 1.000 74.84059  ? 119 LYS B C   1 
ATOM   876  O  O   . LYS A 1 138 ? -1.24033  1.56313   -11.84245 1.000 98.96035  ? 119 LYS B O   1 
ATOM   877  C  CB  . LYS A 1 138 ? -2.11224  0.75296   -14.62572 1.000 62.70125  ? 119 LYS B CB  1 
ATOM   878  N  N   . PHE A 1 139 ? 0.64023   0.52112   -12.54277 1.000 78.18538  ? 120 PHE B N   1 
ATOM   879  C  CA  . PHE A 1 139 ? 1.58039   1.26337   -11.70943 1.000 85.26698  ? 120 PHE B CA  1 
ATOM   880  C  C   . PHE A 1 139 ? 2.01189   2.55049   -12.40443 1.000 116.94894 ? 120 PHE B C   1 
ATOM   881  O  O   . PHE A 1 139 ? 2.38019   2.52587   -13.58423 1.000 131.62967 ? 120 PHE B O   1 
ATOM   882  C  CB  . PHE A 1 139 ? 2.79268   0.38118   -11.39534 1.000 83.28261  ? 120 PHE B CB  1 
ATOM   883  C  CG  . PHE A 1 139 ? 3.80724   1.02022   -10.48809 1.000 95.34644  ? 120 PHE B CG  1 
ATOM   884  C  CD1 . PHE A 1 139 ? 4.69728   1.97518   -10.95438 1.000 105.22084 ? 120 PHE B CD1 1 
ATOM   885  C  CD2 . PHE A 1 139 ? 3.87043   0.65332   -9.15803  1.000 91.07640  ? 120 PHE B CD2 1 
ATOM   886  C  CE1 . PHE A 1 139 ? 5.62428   2.54906   -10.10735 1.000 113.00328 ? 120 PHE B CE1 1 
ATOM   887  C  CE2 . PHE A 1 139 ? 4.79756   1.21971   -8.31400  1.000 83.01855  ? 120 PHE B CE2 1 
ATOM   888  C  CZ  . PHE A 1 139 ? 5.67275   2.17157   -8.78483  1.000 94.82499  ? 120 PHE B CZ  1 
ATOM   889  N  N   . LEU A 1 140 ? 1.97714   3.66760   -11.67907 1.000 118.98192 ? 121 LEU B N   1 
ATOM   890  C  CA  . LEU A 1 140 ? 2.38983   4.95682   -12.23613 1.000 104.42295 ? 121 LEU B CA  1 
ATOM   891  C  C   . LEU A 1 140 ? 3.51275   5.55491   -11.39344 1.000 100.12939 ? 121 LEU B C   1 
ATOM   892  O  O   . LEU A 1 140 ? 3.26928   5.99255   -10.25240 1.000 91.58043  ? 121 LEU B O   1 
ATOM   893  C  CB  . LEU A 1 140 ? 1.20121   5.91612   -12.30587 1.000 89.95789  ? 121 LEU B CB  1 
ATOM   894  N  N   . PRO A 1 141 ? 4.74869   5.51885   -11.89157 1.000 109.32126 ? 122 PRO B N   1 
ATOM   895  C  CA  . PRO A 1 141 ? 5.91889   5.95601   -11.11817 1.000 111.12212 ? 122 PRO B CA  1 
ATOM   896  C  C   . PRO A 1 141 ? 6.11832   7.46624   -11.06756 1.000 111.83327 ? 122 PRO B C   1 
ATOM   897  O  O   . PRO A 1 141 ? 5.72776   8.20541   -11.97445 1.000 115.49036 ? 122 PRO B O   1 
ATOM   898  C  CB  . PRO A 1 141 ? 7.09455   5.28429   -11.84851 1.000 116.04955 ? 122 PRO B CB  1 
ATOM   899  C  CG  . PRO A 1 141 ? 6.48643   4.44701   -12.94962 1.000 109.13319 ? 122 PRO B CG  1 
ATOM   900  C  CD  . PRO A 1 141 ? 5.13902   5.01179   -13.21585 1.000 107.73790 ? 122 PRO B CD  1 
ATOM   901  N  N   . GLY A 1 142 ? 6.73258   7.92606   -9.97947  1.000 98.50419  ? 123 GLY B N   1 
ATOM   902  C  CA  . GLY A 1 142 ? 7.06534   9.33779   -9.88449  1.000 106.60056 ? 123 GLY B CA  1 
ATOM   903  C  C   . GLY A 1 142 ? 8.20320   9.63149   -10.84661 1.000 111.68813 ? 123 GLY B C   1 
ATOM   904  O  O   . GLY A 1 142 ? 9.27579   9.01779   -10.77411 1.000 115.80763 ? 123 GLY B O   1 
ATOM   905  N  N   . MET A 1 143 ? 7.98175   10.59576  -11.73266 1.000 111.21789 ? 124 MET B N   1 
ATOM   906  C  CA  . MET A 1 143 ? 8.89017   10.89400  -12.82789 1.000 136.96013 ? 124 MET B CA  1 
ATOM   907  C  C   . MET A 1 143 ? 8.62934   12.30627  -13.32898 1.000 145.18097 ? 124 MET B C   1 
ATOM   908  O  O   . MET A 1 143 ? 7.48803   12.77852  -13.33264 1.000 147.06801 ? 124 MET B O   1 
ATOM   909  C  CB  . MET A 1 143 ? 8.79978   9.89111   -13.97978 1.000 135.33185 ? 124 MET B CB  1 
ATOM   910  C  CG  . MET A 1 143 ? 7.42345   9.54904   -14.51152 1.000 134.34384 ? 124 MET B CG  1 
ATOM   911  S  SD  . MET A 1 143 ? 7.56824   7.99692   -15.41922 1.000 160.42240 ? 124 MET B SD  1 
ATOM   912  C  CE  . MET A 1 143 ? 9.06700   8.30249   -16.35982 1.000 154.76459 ? 124 MET B CE  1 
ATOM   913  N  N   . THR A 1 144 ? 9.69847   12.96731  -13.76756 1.000 137.70966 ? 125 THR B N   1 
ATOM   914  C  CA  . THR A 1 144 ? 9.53427   14.27977  -14.36456 1.000 143.57144 ? 125 THR B CA  1 
ATOM   915  C  C   . THR A 1 144 ? 8.99924   14.12987  -15.78690 1.000 140.12306 ? 125 THR B C   1 
ATOM   916  O  O   . THR A 1 144 ? 8.75579   13.02176  -16.27426 1.000 138.26597 ? 125 THR B O   1 
ATOM   917  C  CB  . THR A 1 144 ? 10.87237  15.01473  -14.41334 1.000 134.51255 ? 125 THR B CB  1 
ATOM   918  O  OG1 . THR A 1 144 ? 11.71467  14.37772  -15.38283 1.000 118.15345 ? 125 THR B OG1 1 
ATOM   919  C  CG2 . THR A 1 144 ? 11.57359  14.95612  -13.06387 1.000 102.88948 ? 125 THR B CG2 1 
ATOM   920  N  N   . THR A 1 145 ? 8.81286   15.26005  -16.46259 1.000 135.50989 ? 126 THR B N   1 
ATOM   921  C  CA  . THR A 1 145 ? 8.28158   15.27955  -17.82523 1.000 144.76271 ? 126 THR B CA  1 
ATOM   922  C  C   . THR A 1 145 ? 9.14754   14.55498  -18.84669 1.000 136.84060 ? 126 THR B C   1 
ATOM   923  O  O   . THR A 1 145 ? 8.62895   13.87648  -19.73628 1.000 146.55263 ? 126 THR B O   1 
ATOM   924  C  CB  . THR A 1 145 ? 8.07699   16.72964  -18.31157 1.000 153.92346 ? 126 THR B CB  1 
ATOM   925  O  OG1 . THR A 1 145 ? 9.32386   17.43402  -18.26631 1.000 157.56064 ? 126 THR B OG1 1 
ATOM   926  C  CG2 . THR A 1 145 ? 7.07369   17.45343  -17.42705 1.000 132.32841 ? 126 THR B CG2 1 
ATOM   927  N  N   . LYS A 1 148 ? 12.55097  10.38295  -15.92320 1.000 99.40913  ? 129 LYS B N   1 
ATOM   928  C  CA  . LYS A 1 148 ? 13.50761  9.99738   -14.89133 1.000 120.90429 ? 129 LYS B CA  1 
ATOM   929  C  C   . LYS A 1 148 ? 12.78832  9.63336   -13.59627 1.000 116.23648 ? 129 LYS B C   1 
ATOM   930  O  O   . LYS A 1 148 ? 12.11398  10.47300  -13.00093 1.000 96.01217  ? 129 LYS B O   1 
ATOM   931  C  CB  . LYS A 1 148 ? 14.50986  11.12735  -14.64030 1.000 102.66338 ? 129 LYS B CB  1 
ATOM   932  N  N   . TYR A 1 149 ? 12.93651  8.38078   -13.16526 1.000 130.54877 ? 130 TYR B N   1 
ATOM   933  C  CA  . TYR A 1 149 ? 12.25210  7.92565   -11.96149 1.000 124.21001 ? 130 TYR B CA  1 
ATOM   934  C  C   . TYR A 1 149 ? 12.74307  8.67793   -10.73175 1.000 123.57057 ? 130 TYR B C   1 
ATOM   935  O  O   . TYR A 1 149 ? 13.93983  8.92721   -10.56125 1.000 116.07410 ? 130 TYR B O   1 
ATOM   936  C  CB  . TYR A 1 149 ? 12.41918  6.41474   -11.76772 1.000 118.01411 ? 130 TYR B CB  1 
ATOM   937  C  CG  . TYR A 1 149 ? 11.70432  5.54790   -12.79166 1.000 115.32847 ? 130 TYR B CG  1 
ATOM   938  C  CD1 . TYR A 1 149 ? 11.56782  5.94583   -14.11590 1.000 130.13830 ? 130 TYR B CD1 1 
ATOM   939  C  CD2 . TYR A 1 149 ? 11.13960  4.33477   -12.41421 1.000 104.54504 ? 130 TYR B CD2 1 
ATOM   940  C  CE1 . TYR A 1 149 ? 10.90561  5.15535   -15.03637 1.000 134.09151 ? 130 TYR B CE1 1 
ATOM   941  C  CE2 . TYR A 1 149 ? 10.47594  3.53786   -13.32839 1.000 108.07689 ? 130 TYR B CE2 1 
ATOM   942  C  CZ  . TYR A 1 149 ? 10.36132  3.95279   -14.63609 1.000 120.54854 ? 130 TYR B CZ  1 
ATOM   943  O  OH  . TYR A 1 149 ? 9.70107   3.16229   -15.54977 1.000 79.72791  ? 130 TYR B OH  1 
ATOM   944  N  N   . PHE A 1 150 ? 11.79147  9.04369   -9.88074  1.000 118.02759 ? 131 PHE B N   1 
ATOM   945  C  CA  . PHE A 1 150 ? 12.07994  9.73287   -8.63529  1.000 110.54721 ? 131 PHE B CA  1 
ATOM   946  C  C   . PHE A 1 150 ? 12.79738  8.79731   -7.65927  1.000 114.33743 ? 131 PHE B C   1 
ATOM   947  O  O   . PHE A 1 150 ? 12.56593  7.58575   -7.64614  1.000 115.85956 ? 131 PHE B O   1 
ATOM   948  C  CB  . PHE A 1 150 ? 10.75791  10.22294  -8.04415  1.000 104.60817 ? 131 PHE B CB  1 
ATOM   949  C  CG  . PHE A 1 150 ? 10.54898  11.70541  -8.16111  1.000 132.51390 ? 131 PHE B CG  1 
ATOM   950  C  CD1 . PHE A 1 150 ? 11.45054  12.60860  -7.62683  1.000 139.88646 ? 131 PHE B CD1 1 
ATOM   951  C  CD2 . PHE A 1 150 ? 9.44912   12.19162  -8.85245  1.000 122.90430 ? 131 PHE B CD2 1 
ATOM   952  C  CE1 . PHE A 1 150 ? 11.24187  13.97343  -7.76404  1.000 139.29350 ? 131 PHE B CE1 1 
ATOM   953  C  CE2 . PHE A 1 150 ? 9.23454   13.54711  -8.99165  1.000 110.60774 ? 131 PHE B CE2 1 
ATOM   954  C  CZ  . PHE A 1 150 ? 10.13038  14.44033  -8.44839  1.000 130.09868 ? 131 PHE B CZ  1 
ATOM   955  N  N   . ARG A 1 151 ? 13.68378  9.37009   -6.83657  1.000 109.35685 ? 132 ARG B N   1 
ATOM   956  C  CA  . ARG A 1 151 ? 14.45500  8.61379   -5.84769  1.000 112.87565 ? 132 ARG B CA  1 
ATOM   957  C  C   . ARG A 1 151 ? 14.47380  9.29334   -4.48011  1.000 112.55957 ? 132 ARG B C   1 
ATOM   958  O  O   . ARG A 1 151 ? 15.46074  9.18945   -3.74779  1.000 126.01452 ? 132 ARG B O   1 
ATOM   959  C  CB  . ARG A 1 151 ? 15.88062  8.34011   -6.33208  1.000 119.55062 ? 132 ARG B CB  1 
ATOM   960  C  CG  . ARG A 1 151 ? 15.98222  7.22881   -7.36973  1.000 109.79367 ? 132 ARG B CG  1 
ATOM   961  C  CD  . ARG A 1 151 ? 17.34813  7.19282   -8.04015  1.000 109.41075 ? 132 ARG B CD  1 
ATOM   962  N  NE  . ARG A 1 151 ? 17.50926  6.01296   -8.88393  1.000 106.01471 ? 132 ARG B NE  1 
ATOM   963  C  CZ  . ARG A 1 151 ? 17.19104  5.95299   -10.16926 1.000 105.87743 ? 132 ARG B CZ  1 
ATOM   964  N  NH1 . ARG A 1 151 ? 16.67923  6.99466   -10.80479 1.000 103.55304 ? 132 ARG B NH1 1 
ATOM   965  N  NH2 . ARG A 1 151 ? 17.38639  4.81684   -10.83292 1.000 108.51446 ? 132 ARG B NH2 1 
ATOM   966  N  N   . ASP A 1 152 ? 13.39902  9.98690   -4.11822  1.000 119.32371 ? 133 ASP B N   1 
ATOM   967  C  CA  . ASP A 1 152 ? 13.27187  10.66508  -2.82915  1.000 134.26700 ? 133 ASP B CA  1 
ATOM   968  C  C   . ASP A 1 152 ? 12.23640  9.99653   -1.92775  1.000 120.52002 ? 133 ASP B C   1 
ATOM   969  O  O   . ASP A 1 152 ? 11.49145  10.66948  -1.21303  1.000 117.60937 ? 133 ASP B O   1 
ATOM   970  C  CB  . ASP A 1 152 ? 12.92228  12.13589  -3.02470  1.000 143.47271 ? 133 ASP B CB  1 
ATOM   971  C  CG  . ASP A 1 152 ? 11.69110  12.32944  -3.87975  1.000 134.91084 ? 133 ASP B CG  1 
ATOM   972  O  OD1 . ASP A 1 152 ? 11.27429  11.36234  -4.55291  1.000 134.33157 ? 133 ASP B OD1 1 
ATOM   973  O  OD2 . ASP A 1 152 ? 11.12964  13.44454  -3.87359  1.000 125.29643 ? 133 ASP B OD2 1 
ATOM   974  N  N   . GLY A 1 153 ? 12.17397  8.66344   -1.95129  1.000 105.82674 ? 134 GLY B N   1 
ATOM   975  C  CA  . GLY A 1 153 ? 11.08576  7.97718   -1.27465  1.000 99.94955  ? 134 GLY B CA  1 
ATOM   976  C  C   . GLY A 1 153 ? 11.09655  8.13697   0.23455   1.000 107.13012 ? 134 GLY B C   1 
ATOM   977  O  O   . GLY A 1 153 ? 10.03741  8.26183   0.85181   1.000 102.74422 ? 134 GLY B O   1 
ATOM   978  N  N   . GLU A 1 154 ? 12.27738  8.10424   0.85871   1.000 109.03706 ? 135 GLU B N   1 
ATOM   979  C  CA  . GLU A 1 154 ? 12.31820  8.26209   2.31137   1.000 107.85164 ? 135 GLU B CA  1 
ATOM   980  C  C   . GLU A 1 154 ? 11.82482  9.64616   2.72397   1.000 103.03346 ? 135 GLU B C   1 
ATOM   981  O  O   . GLU A 1 154 ? 11.03426  9.78705   3.67139   1.000 105.15546 ? 135 GLU B O   1 
ATOM   982  C  CB  . GLU A 1 154 ? 13.74584  8.01918   2.81063   1.000 98.65901  ? 135 GLU B CB  1 
ATOM   983  C  CG  . GLU A 1 154 ? 14.13186  8.72871   4.10815   1.000 117.52965 ? 135 GLU B CG  1 
ATOM   984  C  CD  . GLU A 1 154 ? 13.28223  8.32223   5.29652   1.000 131.81971 ? 135 GLU B CD  1 
ATOM   985  O  OE1 . GLU A 1 154 ? 12.79156  7.17424   5.32001   1.000 133.34230 ? 135 GLU B OE1 1 
ATOM   986  O  OE2 . GLU A 1 154 ? 13.10949  9.15546   6.21199   1.000 138.60839 ? 135 GLU B OE2 1 
ATOM   987  N  N   . GLN A 1 155 ? 12.19279  10.66942  1.95468   1.000 96.94540  ? 136 GLN B N   1 
ATOM   988  C  CA  . GLN A 1 155 ? 11.70808  12.01425  2.22850   1.000 101.33444 ? 136 GLN B CA  1 
ATOM   989  C  C   . GLN A 1 155 ? 10.25842  12.19328  1.80464   1.000 119.59793 ? 136 GLN B C   1 
ATOM   990  O  O   . GLN A 1 155 ? 9.54857   13.02204  2.38226   1.000 128.58099 ? 136 GLN B O   1 
ATOM   991  C  CB  . GLN A 1 155 ? 12.59316  13.04654  1.52682   1.000 96.27727  ? 136 GLN B CB  1 
ATOM   992  N  N   . PHE A 1 156 ? 9.80253   11.43699  0.80472   1.000 124.28279 ? 137 PHE B N   1 
ATOM   993  C  CA  . PHE A 1 156 ? 8.37709   11.40946  0.49038   1.000 112.66886 ? 137 PHE B CA  1 
ATOM   994  C  C   . PHE A 1 156 ? 7.55281   10.82937  1.63419   1.000 101.62234 ? 137 PHE B C   1 
ATOM   995  O  O   . PHE A 1 156 ? 6.47790   11.34824  1.95740   1.000 99.42512  ? 137 PHE B O   1 
ATOM   996  C  CB  . PHE A 1 156 ? 8.14623   10.60952  -0.78967  1.000 126.31929 ? 137 PHE B CB  1 
ATOM   997  C  CG  . PHE A 1 156 ? 6.71744   10.59105  -1.24140  1.000 109.03094 ? 137 PHE B CG  1 
ATOM   998  C  CD1 . PHE A 1 156 ? 6.11918   11.73529  -1.73978  1.000 92.08488  ? 137 PHE B CD1 1 
ATOM   999  C  CD2 . PHE A 1 156 ? 5.96892   9.42837   -1.16399  1.000 105.90840 ? 137 PHE B CD2 1 
ATOM   1000 C  CE1 . PHE A 1 156 ? 4.80373   11.71966  -2.15509  1.000 91.71501  ? 137 PHE B CE1 1 
ATOM   1001 C  CE2 . PHE A 1 156 ? 4.65319   9.40637   -1.57776  1.000 94.25341  ? 137 PHE B CE2 1 
ATOM   1002 C  CZ  . PHE A 1 156 ? 4.06961   10.55258  -2.07375  1.000 95.21513  ? 137 PHE B CZ  1 
ATOM   1003 N  N   . ILE A 1 157 ? 8.03062   9.74568   2.25074   1.000 105.80645 ? 138 ILE B N   1 
ATOM   1004 C  CA  . ILE A 1 157 ? 7.36597   9.20270   3.43312   1.000 104.40659 ? 138 ILE B CA  1 
ATOM   1005 C  C   . ILE A 1 157 ? 7.33649   10.23959  4.54910   1.000 108.28597 ? 138 ILE B C   1 
ATOM   1006 O  O   . ILE A 1 157 ? 6.30449   10.45187  5.19847   1.000 93.33020  ? 138 ILE B O   1 
ATOM   1007 C  CB  . ILE A 1 157 ? 8.03915   7.89953   3.89178   1.000 90.90454  ? 138 ILE B CB  1 
ATOM   1008 C  CG1 . ILE A 1 157 ? 7.91472   6.82504   2.81433   1.000 88.03159  ? 138 ILE B CG1 1 
ATOM   1009 C  CG2 . ILE A 1 157 ? 7.34632   7.38743   5.12729   1.000 85.92687  ? 138 ILE B CG2 1 
ATOM   1010 C  CD1 . ILE A 1 157 ? 8.92120   5.70436   2.96211   1.000 98.86667  ? 138 ILE B CD1 1 
ATOM   1011 N  N   . GLU A 1 158 ? 8.46956   10.90590  4.78911   1.000 121.33385 ? 139 GLU B N   1 
ATOM   1012 C  CA  . GLU A 1 158 ? 8.57058   11.75976  5.97215   1.000 110.43968 ? 139 GLU B CA  1 
ATOM   1013 C  C   . GLU A 1 158 ? 7.78526   13.05538  5.79986   1.000 95.77255  ? 139 GLU B C   1 
ATOM   1014 O  O   . GLU A 1 158 ? 7.09950   13.49792  6.72875   1.000 90.76989  ? 139 GLU B O   1 
ATOM   1015 C  CB  . GLU A 1 158 ? 10.03028  12.06319  6.30449   1.000 114.94583 ? 139 GLU B CB  1 
ATOM   1016 C  CG  . GLU A 1 158 ? 10.18962  12.89313  7.57734   1.000 122.69404 ? 139 GLU B CG  1 
ATOM   1017 C  CD  . GLU A 1 158 ? 9.73350   12.16851  8.82336   1.000 126.47415 ? 139 GLU B CD  1 
ATOM   1018 O  OE1 . GLU A 1 158 ? 9.52266   10.94293  8.75100   1.000 116.49789 ? 139 GLU B OE1 1 
ATOM   1019 O  OE2 . GLU A 1 158 ? 9.57639   12.82717  9.87520   1.000 142.63574 ? 139 GLU B OE2 1 
ATOM   1020 N  N   . ASN A 1 159 ? 7.86795   13.67771  4.62699   1.000 102.00445 ? 140 ASN B N   1 
ATOM   1021 C  CA  . ASN A 1 159 ? 7.27610   14.99087  4.41057   1.000 102.79259 ? 140 ASN B CA  1 
ATOM   1022 C  C   . ASN A 1 159 ? 5.80636   14.94875  4.01405   1.000 107.72688 ? 140 ASN B C   1 
ATOM   1023 O  O   . ASN A 1 159 ? 5.14166   15.98951  4.07123   1.000 110.62995 ? 140 ASN B O   1 
ATOM   1024 C  CB  . ASN A 1 159 ? 8.06039   15.75221  3.33766   1.000 114.28016 ? 140 ASN B CB  1 
ATOM   1025 C  CG  . ASN A 1 159 ? 9.54502   15.80402  3.63199   1.000 118.69192 ? 140 ASN B CG  1 
ATOM   1026 O  OD1 . ASN A 1 159 ? 9.95963   15.85679  4.79006   1.000 101.76220 ? 140 ASN B OD1 1 
ATOM   1027 N  ND2 . ASN A 1 159 ? 10.35696  15.78554  2.58154   1.000 116.25012 ? 140 ASN B ND2 1 
ATOM   1028 N  N   . TYR A 1 160 ? 5.27717   13.79468  3.60406   1.000 109.46788 ? 141 TYR B N   1 
ATOM   1029 C  CA  . TYR A 1 160 ? 3.93102   13.78194  3.04160   1.000 97.27552  ? 141 TYR B CA  1 
ATOM   1030 C  C   . TYR A 1 160 ? 3.07989   12.63085  3.56901   1.000 84.80137  ? 141 TYR B C   1 
ATOM   1031 O  O   . TYR A 1 160 ? 2.01828   12.86387  4.15707   1.000 101.78313 ? 141 TYR B O   1 
ATOM   1032 C  CB  . TYR A 1 160 ? 4.00215   13.70454  1.51406   1.000 94.43966  ? 141 TYR B CB  1 
ATOM   1033 C  CG  . TYR A 1 160 ? 2.65157   13.64990  0.83057   1.000 94.78714  ? 141 TYR B CG  1 
ATOM   1034 C  CD1 . TYR A 1 160 ? 1.74171   14.69108  0.95719   1.000 105.42300 ? 141 TYR B CD1 1 
ATOM   1035 C  CD2 . TYR A 1 160 ? 2.28527   12.55040  0.06446   1.000 114.64337 ? 141 TYR B CD2 1 
ATOM   1036 C  CE1 . TYR A 1 160 ? 0.50777   14.64206  0.33200   1.000 105.59719 ? 141 TYR B CE1 1 
ATOM   1037 C  CE2 . TYR A 1 160 ? 1.05423   12.49221  -0.56307  1.000 118.95936 ? 141 TYR B CE2 1 
ATOM   1038 C  CZ  . TYR A 1 160 ? 0.17032   13.54128  -0.42701  1.000 105.91513 ? 141 TYR B CZ  1 
ATOM   1039 O  OH  . TYR A 1 160 ? -1.05821  13.48539  -1.04716  1.000 106.94868 ? 141 TYR B OH  1 
ATOM   1040 N  N   . LEU A 1 161 ? 3.52085   11.39050  3.35375   1.000 86.35155  ? 142 LEU B N   1 
ATOM   1041 C  CA  . LEU A 1 161 ? 2.66700   10.24452  3.65599   1.000 89.17087  ? 142 LEU B CA  1 
ATOM   1042 C  C   . LEU A 1 161 ? 2.37241   10.13122  5.14757   1.000 82.86263  ? 142 LEU B C   1 
ATOM   1043 O  O   . LEU A 1 161 ? 1.23505   9.85216   5.54353   1.000 86.50526  ? 142 LEU B O   1 
ATOM   1044 C  CB  . LEU A 1 161 ? 3.31166   8.95679   3.14393   1.000 98.40166  ? 142 LEU B CB  1 
ATOM   1045 C  CG  . LEU A 1 161 ? 3.12492   8.66213   1.65657   1.000 93.73533  ? 142 LEU B CG  1 
ATOM   1046 C  CD1 . LEU A 1 161 ? 3.79713   7.35015   1.28518   1.000 99.75664  ? 142 LEU B CD1 1 
ATOM   1047 C  CD2 . LEU A 1 161 ? 1.64489   8.62636   1.31311   1.000 80.70384  ? 142 LEU B CD2 1 
ATOM   1048 N  N   . MET A 1 162 ? 3.38438   10.33993  5.98899   1.000 79.61111  ? 143 MET B N   1 
ATOM   1049 C  CA  . MET A 1 162 ? 3.21147   10.22160  7.43064   1.000 78.10484  ? 143 MET B CA  1 
ATOM   1050 C  C   . MET A 1 162 ? 2.50608   11.40620  8.07999   1.000 92.83178  ? 143 MET B C   1 
ATOM   1051 O  O   . MET A 1 162 ? 2.15592   11.31158  9.26160   1.000 102.80181 ? 143 MET B O   1 
ATOM   1052 C  CB  . MET A 1 162 ? 4.57435   10.01904  8.09815   1.000 78.80863  ? 143 MET B CB  1 
ATOM   1053 C  CG  . MET A 1 162 ? 5.05246   8.57495   8.10791   1.000 84.12809  ? 143 MET B CG  1 
ATOM   1054 S  SD  . MET A 1 162 ? 4.14057   7.51580   9.25010   1.000 90.50819  ? 143 MET B SD  1 
ATOM   1055 C  CE  . MET A 1 162 ? 3.80091   8.65302   10.59221  1.000 100.57514 ? 143 MET B CE  1 
ATOM   1056 N  N   . LYS A 1 163 ? 2.28035   12.50825  7.36776   1.000 92.00013  ? 144 LYS B N   1 
ATOM   1057 C  CA  . LYS A 1 163 ? 1.58681   13.64146  7.96644   1.000 92.04223  ? 144 LYS B CA  1 
ATOM   1058 C  C   . LYS A 1 163 ? 0.07900   13.62693  7.73117   1.000 99.84532  ? 144 LYS B C   1 
ATOM   1059 O  O   . LYS A 1 163 ? -0.58742  14.62550  8.01914   1.000 117.97715 ? 144 LYS B O   1 
ATOM   1060 C  CB  . LYS A 1 163 ? 2.17721   14.95375  7.44048   1.000 67.09871  ? 144 LYS B CB  1 
ATOM   1061 N  N   . LYS A 1 164 ? -0.47336  12.52919  7.22571   1.000 91.45461  ? 145 LYS B N   1 
ATOM   1062 C  CA  . LYS A 1 164 ? -1.91501  12.38867  7.07846   1.000 102.95159 ? 145 LYS B CA  1 
ATOM   1063 C  C   . LYS A 1 164 ? -2.53207  11.71459  8.29754   1.000 101.89354 ? 145 LYS B C   1 
ATOM   1064 O  O   . LYS A 1 164 ? -1.91418  10.86753  8.94557   1.000 94.85455  ? 145 LYS B O   1 
ATOM   1065 C  CB  . LYS A 1 164 ? -2.28153  11.64066  5.79875   1.000 104.22400 ? 145 LYS B CB  1 
ATOM   1066 C  CG  . LYS A 1 164 ? -1.74377  12.31759  4.55550   1.000 81.35430  ? 145 LYS B CG  1 
ATOM   1067 C  CD  . LYS A 1 164 ? -2.29887  11.68796  3.30045   1.000 80.82937  ? 145 LYS B CD  1 
ATOM   1068 C  CE  . LYS A 1 164 ? -1.78069  12.39740  2.06663   1.000 92.70793  ? 145 LYS B CE  1 
ATOM   1069 N  NZ  . LYS A 1 164 ? -2.30367  11.79316  0.81265   1.000 103.34584 ? 145 LYS B NZ  1 
ATOM   1070 N  N   . ILE A 1 165 ? -3.77069  12.09285  8.59046   1.000 98.14680  ? 146 ILE B N   1 
ATOM   1071 C  CA  . ILE A 1 165 ? -4.49512  11.63721  9.77047   1.000 92.39934  ? 146 ILE B CA  1 
ATOM   1072 C  C   . ILE A 1 165 ? -5.74726  10.90994  9.29976   1.000 94.17187  ? 146 ILE B C   1 
ATOM   1073 O  O   . ILE A 1 165 ? -6.43258  11.39739  8.39872   1.000 103.41403 ? 146 ILE B O   1 
ATOM   1074 C  CB  . ILE A 1 165 ? -4.86103  12.78667  10.72861  1.000 111.61834 ? 146 ILE B CB  1 
ATOM   1075 C  CG1 . ILE A 1 165 ? -5.71704  13.84767  10.03147  1.000 123.24072 ? 146 ILE B CG1 1 
ATOM   1076 C  CG2 . ILE A 1 165 ? -3.60229  13.40747  11.32081  1.000 110.95509 ? 146 ILE B CG2 1 
ATOM   1077 C  CD1 . ILE A 1 165 ? -6.45405  14.75857  10.99108  1.000 144.31614 ? 146 ILE B CD1 1 
ATOM   1078 N  N   . PRO A 1 166 ? -6.05317  9.72894   9.83945   1.000 80.97535  ? 147 PRO B N   1 
ATOM   1079 C  CA  . PRO A 1 166 ? -7.24638  8.99729   9.39584   1.000 82.72024  ? 147 PRO B CA  1 
ATOM   1080 C  C   . PRO A 1 166 ? -8.51410  9.78736   9.68643   1.000 101.93520 ? 147 PRO B C   1 
ATOM   1081 O  O   . PRO A 1 166 ? -8.58153  10.56610  10.64196  1.000 126.81024 ? 147 PRO B O   1 
ATOM   1082 C  CB  . PRO A 1 166 ? -7.19434  7.69970   10.21597  1.000 78.72503  ? 147 PRO B CB  1 
ATOM   1083 C  CG  . PRO A 1 166 ? -6.29209  7.98796   11.36093  1.000 75.11589  ? 147 PRO B CG  1 
ATOM   1084 C  CD  . PRO A 1 166 ? -5.31406  9.01606   10.89367  1.000 76.73068  ? 147 PRO B CD  1 
ATOM   1085 N  N   . LEU A 1 167 ? -9.53174  9.57736   8.85032   1.000 93.40812  ? 148 LEU B N   1 
ATOM   1086 C  CA  . LEU A 1 167 ? -9.50609  8.56945   7.78926   1.000 76.18304  ? 148 LEU B CA  1 
ATOM   1087 C  C   . LEU A 1 167 ? -9.12462  9.08251   6.39869   1.000 86.19110  ? 148 LEU B C   1 
ATOM   1088 O  O   . LEU A 1 167 ? -9.51189  8.48568   5.39403   1.000 98.71155  ? 148 LEU B O   1 
ATOM   1089 C  CB  . LEU A 1 167 ? -10.87986 7.89774   7.71307   1.000 88.52757  ? 148 LEU B CB  1 
ATOM   1090 C  CG  . LEU A 1 167 ? -11.16573 6.75996   8.69683   1.000 92.26873  ? 148 LEU B CG  1 
ATOM   1091 C  CD1 . LEU A 1 167 ? -12.36571 5.95437   8.24101   1.000 84.05785  ? 148 LEU B CD1 1 
ATOM   1092 C  CD2 . LEU A 1 167 ? -9.95394  5.85764   8.84613   1.000 84.42979  ? 148 LEU B CD2 1 
ATOM   1093 N  N   . ASN A 1 168 ? -8.37684  10.18616  6.33680   1.000 87.75353  ? 149 ASN B N   1 
ATOM   1094 C  CA  . ASN A 1 168 ? -7.77627  10.59988  5.07105   1.000 94.44660  ? 149 ASN B CA  1 
ATOM   1095 C  C   . ASN A 1 168 ? -6.86676  9.51169   4.51233   1.000 94.35561  ? 149 ASN B C   1 
ATOM   1096 O  O   . ASN A 1 168 ? -7.01869  9.08344   3.36127   1.000 98.25810  ? 149 ASN B O   1 
ATOM   1097 C  CB  . ASN A 1 168 ? -6.99790  11.90260  5.25329   1.000 92.41218  ? 149 ASN B CB  1 
ATOM   1098 C  CG  . ASN A 1 168 ? -7.90249  13.10425  5.40160   1.000 116.86627 ? 149 ASN B CG  1 
ATOM   1099 O  OD1 . ASN A 1 168 ? -8.94644  13.19439  4.75346   1.000 138.34530 ? 149 ASN B OD1 1 
ATOM   1100 N  ND2 . ASN A 1 168 ? -7.50493  14.04254  6.25176   1.000 122.73589 ? 149 ASN B ND2 1 
ATOM   1101 N  N   . VAL A 1 169 ? -5.91736  9.05204   5.31866   1.000 92.65087  ? 150 VAL B N   1 
ATOM   1102 C  CA  . VAL A 1 169 ? -5.26048  7.76810   5.09899   1.000 85.02024  ? 150 VAL B CA  1 
ATOM   1103 C  C   . VAL A 1 169 ? -6.11154  6.64893   5.68315   1.000 86.69092  ? 150 VAL B C   1 
ATOM   1104 O  O   . VAL A 1 169 ? -6.53483  6.71027   6.84434   1.000 91.86713  ? 150 VAL B O   1 
ATOM   1105 C  CB  . VAL A 1 169 ? -3.85211  7.76883   5.71410   1.000 83.42063  ? 150 VAL B CB  1 
ATOM   1106 C  CG1 . VAL A 1 169 ? -3.88582  8.34381   7.12090   1.000 84.68331  ? 150 VAL B CG1 1 
ATOM   1107 C  CG2 . VAL A 1 169 ? -3.30197  6.35694   5.75463   1.000 91.67195  ? 150 VAL B CG2 1 
ATOM   1108 N  N   . VAL A 1 170 ? -6.37622  5.62658   4.87532   1.000 91.49571  ? 151 VAL B N   1 
ATOM   1109 C  CA  . VAL A 1 170 ? -7.21759  4.52192   5.31906   1.000 78.56513  ? 151 VAL B CA  1 
ATOM   1110 C  C   . VAL A 1 170 ? -6.38850  3.45239   6.01365   1.000 77.52777  ? 151 VAL B C   1 
ATOM   1111 O  O   . VAL A 1 170 ? -6.73050  3.00975   7.11328   1.000 70.71043  ? 151 VAL B O   1 
ATOM   1112 C  CB  . VAL A 1 170 ? -8.00431  3.93805   4.12596   1.000 74.18208  ? 151 VAL B CB  1 
ATOM   1113 C  CG1 . VAL A 1 170 ? -8.77691  2.70129   4.55611   1.000 71.72290  ? 151 VAL B CG1 1 
ATOM   1114 C  CG2 . VAL A 1 170 ? -8.94163  4.98521   3.54653   1.000 79.35862  ? 151 VAL B CG2 1 
ATOM   1115 N  N   . TRP A 1 171 ? -5.29000  3.01406   5.39822   1.000 83.72418  ? 152 TRP B N   1 
ATOM   1116 C  CA  . TRP A 1 171 ? -4.44790  2.01895   6.05611   1.000 76.73368  ? 152 TRP B CA  1 
ATOM   1117 C  C   . TRP A 1 171 ? -3.01051  2.17566   5.57381   1.000 79.12780  ? 152 TRP B C   1 
ATOM   1118 O  O   . TRP A 1 171 ? -2.73174  2.89738   4.61241   1.000 76.84978  ? 152 TRP B O   1 
ATOM   1119 C  CB  . TRP A 1 171 ? -4.95894  0.59140   5.81097   1.000 76.32704  ? 152 TRP B CB  1 
ATOM   1120 C  CG  . TRP A 1 171 ? -4.39528  -0.44707  6.75538   1.000 79.49920  ? 152 TRP B CG  1 
ATOM   1121 C  CD1 . TRP A 1 171 ? -3.72350  -1.58606  6.41620   1.000 93.98301  ? 152 TRP B CD1 1 
ATOM   1122 C  CD2 . TRP A 1 171 ? -4.50549  -0.46029  8.18726   1.000 78.51649  ? 152 TRP B CD2 1 
ATOM   1123 N  NE1 . TRP A 1 171 ? -3.38521  -2.29202  7.54734   1.000 95.22227  ? 152 TRP B NE1 1 
ATOM   1124 C  CE2 . TRP A 1 171 ? -3.85571  -1.62413  8.64641   1.000 90.93806  ? 152 TRP B CE2 1 
ATOM   1125 C  CE3 . TRP A 1 171 ? -5.08046  0.40391   9.12492   1.000 85.72955  ? 152 TRP B CE3 1 
ATOM   1126 C  CZ2 . TRP A 1 171 ? -3.76485  -1.94569  10.00023  1.000 90.17975  ? 152 TRP B CZ2 1 
ATOM   1127 C  CZ3 . TRP A 1 171 ? -4.98805  0.08303   10.46946  1.000 97.18035  ? 152 TRP B CZ3 1 
ATOM   1128 C  CH2 . TRP A 1 171 ? -4.33612  -1.08109  10.89338  1.000 93.42814  ? 152 TRP B CH2 1 
ATOM   1129 N  N   . CYS A 1 172 ? -2.10366  1.43930   6.21877   1.000 86.75646  ? 153 CYS B N   1 
ATOM   1130 C  CA  . CYS A 1 172 ? -0.67932  1.54984   5.93372   1.000 94.12667  ? 153 CYS B CA  1 
ATOM   1131 C  C   . CYS A 1 172 ? 0.04201   0.31059   6.45000   1.000 89.07503  ? 153 CYS B C   1 
ATOM   1132 O  O   . CYS A 1 172 ? -0.27358  -0.19670  7.52931   1.000 87.59953  ? 153 CYS B O   1 
ATOM   1133 C  CB  . CYS A 1 172 ? -0.08955  2.81296   6.57231   1.000 88.27002  ? 153 CYS B CB  1 
ATOM   1134 S  SG  . CYS A 1 172 ? 1.63085   3.13066   6.14326   1.000 107.69259 ? 153 CYS B SG  1 
ATOM   1135 N  N   . VAL A 1 173 ? 1.01511   -0.16216  5.66906   1.000 86.05126  ? 154 VAL B N   1 
ATOM   1136 C  CA  . VAL A 1 173 ? 1.87443   -1.28585  6.03237   1.000 91.78563  ? 154 VAL B CA  1 
ATOM   1137 C  C   . VAL A 1 173 ? 3.32107   -0.95847  5.68179   1.000 89.68038  ? 154 VAL B C   1 
ATOM   1138 O  O   . VAL A 1 173 ? 3.59538   -0.21671  4.73424   1.000 81.98573  ? 154 VAL B O   1 
ATOM   1139 C  CB  . VAL A 1 173 ? 1.43717   -2.60143  5.34881   1.000 83.98675  ? 154 VAL B CB  1 
ATOM   1140 C  CG1 . VAL A 1 173 ? 0.09462   -3.06766  5.89713   1.000 79.58129  ? 154 VAL B CG1 1 
ATOM   1141 C  CG2 . VAL A 1 173 ? 1.37031   -2.42324  3.84194   1.000 83.42571  ? 154 VAL B CG2 1 
ATOM   1142 N  N   . THR A 1 174 ? 4.25401   -1.51001  6.46026   1.000 81.83632  ? 155 THR B N   1 
ATOM   1143 C  CA  . THR A 1 174 ? 5.66787   -1.23489  6.22796   1.000 78.06012  ? 155 THR B CA  1 
ATOM   1144 C  C   . THR A 1 174 ? 6.52770   -2.26711  6.94615   1.000 91.09814  ? 155 THR B C   1 
ATOM   1145 O  O   . THR A 1 174 ? 6.09134   -2.92794  7.89291   1.000 105.83694 ? 155 THR B O   1 
ATOM   1146 C  CB  . THR A 1 174 ? 6.05511   0.17681   6.68333   1.000 85.31486  ? 155 THR B CB  1 
ATOM   1147 O  OG1 . THR A 1 174 ? 7.38692   0.47343   6.24221   1.000 70.82891  ? 155 THR B OG1 1 
ATOM   1148 C  CG2 . THR A 1 174 ? 5.99062   0.28963   8.19946   1.000 106.02298 ? 155 THR B CG2 1 
ATOM   1149 N  N   . ASN A 1 175 ? 7.76751   -2.38985  6.46435   1.000 87.06339  ? 156 ASN B N   1 
ATOM   1150 C  CA  . ASN A 1 175 ? 8.81935   -3.19736  7.07529   1.000 87.50022  ? 156 ASN B CA  1 
ATOM   1151 C  C   . ASN A 1 175 ? 10.06593  -2.36826  7.35281   1.000 84.34848  ? 156 ASN B C   1 
ATOM   1152 O  O   . ASN A 1 175 ? 11.16281  -2.92189  7.47954   1.000 90.41526  ? 156 ASN B O   1 
ATOM   1153 C  CB  . ASN A 1 175 ? 9.18189   -4.39891  6.20192   1.000 84.79317  ? 156 ASN B CB  1 
ATOM   1154 C  CG  . ASN A 1 175 ? 9.91610   -4.00078  4.93576   1.000 94.69942  ? 156 ASN B CG  1 
ATOM   1155 O  OD1 . ASN A 1 175 ? 9.82808   -2.85957  4.48044   1.000 85.13418  ? 156 ASN B OD1 1 
ATOM   1156 N  ND2 . ASN A 1 175 ? 10.64798  -4.94639  4.35884   1.000 103.15750 ? 156 ASN B ND2 1 
ATOM   1157 N  N   . ILE A 1 176 ? 9.91830   -1.05672  7.45545   1.000 68.58947  ? 157 ILE B N   1 
ATOM   1158 C  CA  . ILE A 1 176 ? 11.04380  -0.15814  7.65849   1.000 73.02215  ? 157 ILE B CA  1 
ATOM   1159 C  C   . ILE A 1 176 ? 11.17624  0.10091   9.14968   1.000 85.92874  ? 157 ILE B C   1 
ATOM   1160 O  O   . ILE A 1 176 ? 10.21211  0.50600   9.81009   1.000 99.17758  ? 157 ILE B O   1 
ATOM   1161 C  CB  . ILE A 1 176 ? 10.84284  1.15444   6.88294   1.000 63.61767  ? 157 ILE B CB  1 
ATOM   1162 C  CG1 . ILE A 1 176 ? 10.88342  0.89389   5.37556   1.000 65.04510  ? 157 ILE B CG1 1 
ATOM   1163 C  CG2 . ILE A 1 176 ? 11.89804  2.17513   7.27444   1.000 63.93341  ? 157 ILE B CG2 1 
ATOM   1164 C  CD1 . ILE A 1 176 ? 10.15091  1.93368   4.55727   1.000 77.93458  ? 157 ILE B CD1 1 
ATOM   1165 N  N   . ASP A 1 177 ? 12.37555  -0.13981  9.67670   1.000 93.28816  ? 158 ASP B N   1 
ATOM   1166 C  CA  . ASP A 1 177 ? 12.63196  0.03817   11.09872  1.000 111.64557 ? 158 ASP B CA  1 
ATOM   1167 C  C   . ASP A 1 177 ? 12.37261  1.47707   11.51591  1.000 111.47574 ? 158 ASP B C   1 
ATOM   1168 O  O   . ASP A 1 177 ? 12.83990  2.42028   10.87153  1.000 112.32911 ? 158 ASP B O   1 
ATOM   1169 C  CB  . ASP A 1 177 ? 14.08404  -0.34083  11.39844  1.000 118.78353 ? 158 ASP B CB  1 
ATOM   1170 C  CG  . ASP A 1 177 ? 14.26242  -0.94744  12.77262  1.000 137.47252 ? 158 ASP B CG  1 
ATOM   1171 O  OD1 . ASP A 1 177 ? 13.38173  -1.71835  13.20427  1.000 137.48818 ? 158 ASP B OD1 1 
ATOM   1172 O  OD2 . ASP A 1 177 ? 15.29249  -0.65553  13.41763  1.000 145.78350 ? 158 ASP B OD2 1 
ATOM   1173 N  N   . GLY A 1 178 ? 11.61762  1.64007   12.60104  1.000 107.48905 ? 159 GLY B N   1 
ATOM   1174 C  CA  . GLY A 1 178 ? 11.20818  2.96793   13.00174  1.000 113.37730 ? 159 GLY B CA  1 
ATOM   1175 C  C   . GLY A 1 178 ? 9.74444   3.26212   12.74271  1.000 111.75307 ? 159 GLY B C   1 
ATOM   1176 O  O   . GLY A 1 178 ? 9.03091   3.76641   13.61207  1.000 116.12910 ? 159 GLY B O   1 
ATOM   1177 N  N   . TYR A 1 179 ? 9.29586   2.93890   11.53270  1.000 103.20221 ? 160 TYR B N   1 
ATOM   1178 C  CA  . TYR A 1 179 ? 7.90427   3.01564   11.09842  1.000 97.46333  ? 160 TYR B CA  1 
ATOM   1179 C  C   . TYR A 1 179 ? 7.07619   1.76190   11.35319  1.000 97.78568  ? 160 TYR B C   1 
ATOM   1180 O  O   . TYR A 1 179 ? 5.85206   1.82553   11.20611  1.000 99.16377  ? 160 TYR B O   1 
ATOM   1181 C  CB  . TYR A 1 179 ? 7.84389   3.36303   9.60482   1.000 85.20673  ? 160 TYR B CB  1 
ATOM   1182 C  CG  . TYR A 1 179 ? 8.55488   4.64695   9.21175   1.000 93.33139  ? 160 TYR B CG  1 
ATOM   1183 C  CD1 . TYR A 1 179 ? 9.22414   5.42702   10.15150  1.000 104.25971 ? 160 TYR B CD1 1 
ATOM   1184 C  CD2 . TYR A 1 179 ? 8.58784   5.05703   7.89079   1.000 94.00513  ? 160 TYR B CD2 1 
ATOM   1185 C  CE1 . TYR A 1 179 ? 9.87775   6.58152   9.78942   1.000 109.29881 ? 160 TYR B CE1 1 
ATOM   1186 C  CE2 . TYR A 1 179 ? 9.24522   6.20876   7.52246   1.000 93.91334  ? 160 TYR B CE2 1 
ATOM   1187 C  CZ  . TYR A 1 179 ? 9.88386   6.96800   8.47249   1.000 109.80185 ? 160 TYR B CZ  1 
ATOM   1188 O  OH  . TYR A 1 179 ? 10.53305  8.11676   8.09621   1.000 127.65789 ? 160 TYR B OH  1 
ATOM   1189 N  N   . ILE A 1 180 ? 7.69560   0.62727   11.69753  1.000 110.76801 ? 161 ILE B N   1 
ATOM   1190 C  CA  . ILE A 1 180 ? 6.94503   -0.61825  11.88280  1.000 121.71488 ? 161 ILE B CA  1 
ATOM   1191 C  C   . ILE A 1 180 ? 5.73845   -0.42196  12.79756  1.000 117.64540 ? 161 ILE B C   1 
ATOM   1192 O  O   . ILE A 1 180 ? 4.70045   -1.07145  12.61401  1.000 113.80789 ? 161 ILE B O   1 
ATOM   1193 C  CB  . ILE A 1 180 ? 7.87663   -1.73321  12.40409  1.000 121.08942 ? 161 ILE B CB  1 
ATOM   1194 C  CG1 . ILE A 1 180 ? 9.04010   -1.95583  11.43548  1.000 95.59291  ? 161 ILE B CG1 1 
ATOM   1195 C  CG2 . ILE A 1 180 ? 7.11175   -3.03565  12.60071  1.000 126.40755 ? 161 ILE B CG2 1 
ATOM   1196 C  CD1 . ILE A 1 180 ? 10.04887  -2.97447  11.91851  1.000 114.06702 ? 161 ILE B CD1 1 
ATOM   1197 N  N   . ASP A 1 181 ? 5.82965   0.48473   13.76642  1.000 112.67751 ? 162 ASP B N   1 
ATOM   1198 C  CA  . ASP A 1 181 ? 4.69397   0.74317   14.64390  1.000 123.27298 ? 162 ASP B CA  1 
ATOM   1199 C  C   . ASP A 1 181 ? 4.16055   2.16116   14.52052  1.000 117.61303 ? 162 ASP B C   1 
ATOM   1200 O  O   . ASP A 1 181 ? 2.94857   2.36744   14.63085  1.000 106.95727 ? 162 ASP B O   1 
ATOM   1201 C  CB  . ASP A 1 181 ? 5.07759   0.47435   16.10972  1.000 130.98415 ? 162 ASP B CB  1 
ATOM   1202 C  CG  . ASP A 1 181 ? 5.71788   -0.88401  16.30392  1.000 124.99249 ? 162 ASP B CG  1 
ATOM   1203 O  OD1 . ASP A 1 181 ? 4.97115   -1.87721  16.42540  1.000 129.25386 ? 162 ASP B OD1 1 
ATOM   1204 O  OD2 . ASP A 1 181 ? 6.96394   -0.95970  16.33937  1.000 112.83789 ? 162 ASP B OD2 1 
ATOM   1205 N  N   . THR A 1 182 ? 5.03054   3.14744   14.29860  1.000 113.17316 ? 163 THR B N   1 
ATOM   1206 C  CA  . THR A 1 182 ? 4.62825   4.55029   14.26459  1.000 107.80311 ? 163 THR B CA  1 
ATOM   1207 C  C   . THR A 1 182 ? 3.79848   4.89915   13.03106  1.000 110.11284 ? 163 THR B C   1 
ATOM   1208 O  O   . THR A 1 182 ? 3.66301   6.07622   12.68893  1.000 119.73988 ? 163 THR B O   1 
ATOM   1209 C  CB  . THR A 1 182 ? 5.85454   5.45896   14.35680  1.000 118.21229 ? 163 THR B CB  1 
ATOM   1210 O  OG1 . THR A 1 182 ? 6.48208   5.56088   13.07216  1.000 113.76813 ? 163 THR B OG1 1 
ATOM   1211 C  CG2 . THR A 1 182 ? 6.83070   4.93216   15.40107  1.000 131.49604 ? 163 THR B CG2 1 
ATOM   1212 N  N   . CYS A 1 183 ? 3.26519   3.89610   12.33924  1.000 107.88789 ? 164 CYS B N   1 
ATOM   1213 C  CA  . CYS A 1 183 ? 2.62219   4.09444   11.04911  1.000 110.31405 ? 164 CYS B CA  1 
ATOM   1214 C  C   . CYS A 1 183 ? 1.11888   3.85975   11.07477  1.000 102.51535 ? 164 CYS B C   1 
ATOM   1215 O  O   . CYS A 1 183 ? 0.40083   4.44992   10.26148  1.000 90.54306  ? 164 CYS B O   1 
ATOM   1216 C  CB  . CYS A 1 183 ? 3.24422   3.17187   9.99538   1.000 122.62823 ? 164 CYS B CB  1 
ATOM   1217 S  SG  . CYS A 1 183 ? 2.79183   1.43670   10.17195  1.000 124.26562 ? 164 CYS B SG  1 
ATOM   1218 N  N   . ILE A 1 184 ? 0.62912   3.01985   11.98353  1.000 105.24723 ? 165 ILE B N   1 
ATOM   1219 C  CA  . ILE A 1 184 ? -0.79800  2.77181   12.11741  1.000 104.27035 ? 165 ILE B CA  1 
ATOM   1220 C  C   . ILE A 1 184 ? -1.25531  3.35215   13.44873  1.000 113.72936 ? 165 ILE B C   1 
ATOM   1221 O  O   . ILE A 1 184 ? -2.16416  2.81876   14.09744  1.000 125.58536 ? 165 ILE B O   1 
ATOM   1222 C  CB  . ILE A 1 184 ? -1.11388  1.26856   12.02174  1.000 98.19355  ? 165 ILE B CB  1 
ATOM   1223 C  CG1 . ILE A 1 184 ? -0.21711  0.46461   12.95653  1.000 101.36542 ? 165 ILE B CG1 1 
ATOM   1224 C  CG2 . ILE A 1 184 ? -0.98297  0.77742   10.59366  1.000 101.65378 ? 165 ILE B CG2 1 
ATOM   1225 C  CD1 . ILE A 1 184 ? -0.93691  -0.65341  13.69043  1.000 108.54754 ? 165 ILE B CD1 1 
ATOM   1226 N  N   . SER A 1 185 ? -0.62174  4.44795   13.86151  1.000 108.82218 ? 166 SER B N   1 
ATOM   1227 C  CA  . SER A 1 185 ? -0.94646  5.15081   15.09958  1.000 113.62797 ? 166 SER B CA  1 
ATOM   1228 C  C   . SER A 1 185 ? -1.50387  6.52165   14.74011  1.000 111.52930 ? 166 SER B C   1 
ATOM   1229 O  O   . SER A 1 185 ? -0.76295  7.40118   14.28658  1.000 99.74405  ? 166 SER B O   1 
ATOM   1230 C  CB  . SER A 1 185 ? 0.28769   5.28504   15.98992  1.000 95.65442  ? 166 SER B CB  1 
ATOM   1231 O  OG  . SER A 1 185 ? 0.11137   6.29213   16.96795  1.000 92.95597  ? 166 SER B OG  1 
ATOM   1232 N  N   . ALA A 1 186 ? -2.81613  6.68749   14.92866  1.000 104.54667 ? 167 ALA B N   1 
ATOM   1233 C  CA  . ALA A 1 186 ? -3.47482  7.94950   14.60263  1.000 96.31738  ? 167 ALA B CA  1 
ATOM   1234 C  C   . ALA A 1 186 ? -2.91197  9.10633   15.41583  1.000 95.72491  ? 167 ALA B C   1 
ATOM   1235 O  O   . ALA A 1 186 ? -2.72504  10.20318  14.88825  1.000 100.52251 ? 167 ALA B O   1 
ATOM   1236 C  CB  . ALA A 1 186 ? -4.98307  7.83513   14.82067  1.000 110.77419 ? 167 ALA B CB  1 
ATOM   1237 N  N   . SER A 1 187 ? -2.62440  8.87475   16.69900  1.000 88.36955  ? 168 SER B N   1 
ATOM   1238 C  CA  . SER A 1 187 ? -2.11436  9.93321   17.56993  1.000 102.91840 ? 168 SER B CA  1 
ATOM   1239 C  C   . SER A 1 187 ? -0.74631  10.43611  17.11958  1.000 87.76789  ? 168 SER B C   1 
ATOM   1240 O  O   . SER A 1 187 ? -0.47321  11.64506  17.16506  1.000 95.48789  ? 168 SER B O   1 
ATOM   1241 C  CB  . SER A 1 187 ? -2.06194  9.43248   19.01098  1.000 107.76112 ? 168 SER B CB  1 
ATOM   1242 O  OG  . SER A 1 187 ? -3.36444  9.16606   19.49669  1.000 130.68896 ? 168 SER B OG  1 
ATOM   1243 N  N   . PHE A 1 188 ? 0.11100   9.54400   16.62725  1.000 91.44789  ? 169 PHE B N   1 
ATOM   1244 C  CA  . PHE A 1 188 ? 1.40881   10.01347  16.15959  1.000 101.70013 ? 169 PHE B CA  1 
ATOM   1245 C  C   . PHE A 1 188 ? 1.24943   10.81607  14.87610  1.000 97.76990  ? 169 PHE B C   1 
ATOM   1246 O  O   . PHE A 1 188 ? 1.97007   11.79571  14.65466  1.000 91.98105  ? 169 PHE B O   1 
ATOM   1247 C  CB  . PHE A 1 188 ? 2.32599   8.80738   15.93991  1.000 103.61453 ? 169 PHE B CB  1 
ATOM   1248 C  CG  . PHE A 1 188 ? 3.77059   9.15398   15.71730  1.000 102.61448 ? 169 PHE B CG  1 
ATOM   1249 C  CD1 . PHE A 1 188 ? 4.24612   9.41431   14.44243  1.000 99.98318  ? 169 PHE B CD1 1 
ATOM   1250 C  CD2 . PHE A 1 188 ? 4.66263   9.18055   16.77550  1.000 112.30375 ? 169 PHE B CD2 1 
ATOM   1251 C  CE1 . PHE A 1 188 ? 5.57787   9.71960   14.23101  1.000 87.72645  ? 169 PHE B CE1 1 
ATOM   1252 C  CE2 . PHE A 1 188 ? 5.99519   9.48466   16.56974  1.000 117.16401 ? 169 PHE B CE2 1 
ATOM   1253 C  CZ  . PHE A 1 188 ? 6.45270   9.75448   15.29642  1.000 112.19514 ? 169 PHE B CZ  1 
ATOM   1254 N  N   . ARG A 1 189 ? 0.30944   10.41411  14.02074  1.000 92.76818  ? 170 ARG B N   1 
ATOM   1255 C  CA  . ARG A 1 189 ? 0.05680   11.15521  12.79130  1.000 104.10114 ? 170 ARG B CA  1 
ATOM   1256 C  C   . ARG A 1 189 ? -0.53026  12.53261  13.10585  1.000 113.68008 ? 170 ARG B C   1 
ATOM   1257 O  O   . ARG A 1 189 ? -0.23502  13.52220  12.42375  1.000 108.47679 ? 170 ARG B O   1 
ATOM   1258 C  CB  . ARG A 1 189 ? -0.87429  10.32978  11.90582  1.000 111.58137 ? 170 ARG B CB  1 
ATOM   1259 C  CG  . ARG A 1 189 ? -0.13343  9.37834   10.97150  1.000 92.15684  ? 170 ARG B CG  1 
ATOM   1260 C  CD  . ARG A 1 189 ? -1.04403  8.24107   10.52096  1.000 98.62754  ? 170 ARG B CD  1 
ATOM   1261 N  NE  . ARG A 1 189 ? -0.38520  7.31462   9.60748   1.000 105.27861 ? 170 ARG B NE  1 
ATOM   1262 C  CZ  . ARG A 1 189 ? -0.11614  7.57078   8.33416   1.000 99.61584  ? 170 ARG B CZ  1 
ATOM   1263 N  NH1 . ARG A 1 189 ? -0.46241  8.71698   7.77101   1.000 97.57266  ? 170 ARG B NH1 1 
ATOM   1264 N  NH2 . ARG A 1 189 ? 0.50446   6.64806   7.60473   1.000 81.17278  ? 170 ARG B NH2 1 
ATOM   1265 N  N   . ARG A 1 190 ? -1.36978  12.59226  14.14745  1.000 110.88494 ? 171 ARG B N   1 
ATOM   1266 C  CA  . ARG A 1 190 ? -1.97597  13.80001  14.70928  1.000 102.83110 ? 171 ARG B CA  1 
ATOM   1267 C  C   . ARG A 1 190 ? -0.96669  14.71557  15.38467  1.000 99.05782  ? 171 ARG B C   1 
ATOM   1268 O  O   . ARG A 1 190 ? -1.23995  15.90955  15.54911  1.000 86.00079  ? 171 ARG B O   1 
ATOM   1269 C  CB  . ARG A 1 190 ? -3.05113  13.42149  15.72961  1.000 94.47423  ? 171 ARG B CB  1 
ATOM   1270 C  CG  . ARG A 1 190 ? -4.30172  12.77233  15.16515  1.000 94.70192  ? 171 ARG B CG  1 
ATOM   1271 C  CD  . ARG A 1 190 ? -5.24088  12.39241  16.30146  1.000 87.38855  ? 171 ARG B CD  1 
ATOM   1272 N  NE  . ARG A 1 190 ? -6.27999  11.46117  15.87756  1.000 99.02891  ? 171 ARG B NE  1 
ATOM   1273 C  CZ  . ARG A 1 190 ? -7.03136  10.75243  16.71068  1.000 121.48740 ? 171 ARG B CZ  1 
ATOM   1274 N  NH1 . ARG A 1 190 ? -6.89872  10.85981  18.02184  1.000 123.94230 ? 171 ARG B NH1 1 
ATOM   1275 N  NH2 . ARG A 1 190 ? -7.93517  9.91243   16.21402  1.000 127.16323 ? 171 ARG B NH2 1 
ATOM   1276 N  N   . GLY A 1 191 ? 0.18705   14.18055  15.77839  1.000 101.00653 ? 172 GLY B N   1 
ATOM   1277 C  CA  . GLY A 1 191 ? 1.21710   15.02674  16.35633  1.000 96.30102  ? 172 GLY B CA  1 
ATOM   1278 C  C   . GLY A 1 191 ? 1.90934   15.90623  15.33316  1.000 104.33129 ? 172 GLY B C   1 
ATOM   1279 O  O   . GLY A 1 191 ? 2.17900   17.08113  15.60112  1.000 109.04981 ? 172 GLY B O   1 
ATOM   1280 N  N   . ALA A 1 192 ? 2.21464   15.36312  14.15484  1.000 96.29667  ? 173 ALA B N   1 
ATOM   1281 C  CA  . ALA A 1 192 ? 2.78840   16.19688  13.10399  1.000 106.80344 ? 173 ALA B CA  1 
ATOM   1282 C  C   . ALA A 1 192 ? 1.84421   17.31559  12.66879  1.000 108.51136 ? 173 ALA B C   1 
ATOM   1283 O  O   . ALA A 1 192 ? 2.31206   18.34320  12.16726  1.000 111.78591 ? 173 ALA B O   1 
ATOM   1284 C  CB  . ALA A 1 192 ? 3.16839   15.33883  11.89666  1.000 98.01199  ? 173 ALA B CB  1 
ATOM   1285 N  N   . CYS A 1 193 ? 0.53735   17.14666  12.85053  1.000 98.98045  ? 174 CYS B N   1 
ATOM   1286 C  CA  . CYS A 1 193 ? -0.41575  18.21731  12.56647  1.000 97.59121  ? 174 CYS B CA  1 
ATOM   1287 C  C   . CYS A 1 193 ? -0.34101  19.31767  13.62228  1.000 88.21111  ? 174 CYS B C   1 
ATOM   1288 O  O   . CYS A 1 193 ? -0.89912  19.18895  14.71305  1.000 70.14398  ? 174 CYS B O   1 
ATOM   1289 C  CB  . CYS A 1 193 ? -1.84100  17.66427  12.48780  1.000 101.86337 ? 174 CYS B CB  1 
HETATM 1290 MG MG  . MG  B 2 .   ? -2.63315  10.75106  -1.97864  0.772 90.01471  ? 301 MG  B MG  1 
HETATM 1291 O  O   . HOH C 3 .   ? 1.11947   -18.11946 -3.91461  1.000 46.49559  ? 401 HOH B O   1 
HETATM 1292 O  O   . HOH C 3 .   ? -9.37444  -14.65712 -9.58409  1.000 32.41210  ? 402 HOH B O   1 
HETATM 1293 O  O   . HOH C 3 .   ? -12.24480 -6.35171  -13.58261 1.000 46.28260  ? 403 HOH B O   1 
HETATM 1294 O  O   . HOH C 3 .   ? -21.75218 -1.77607  -6.34469  1.000 23.46466  ? 404 HOH B O   1 
# 
loop_
_pdbx_poly_seq_scheme.asym_id 
_pdbx_poly_seq_scheme.entity_id 
_pdbx_poly_seq_scheme.seq_id 
_pdbx_poly_seq_scheme.mon_id 
_pdbx_poly_seq_scheme.ndb_seq_num 
_pdbx_poly_seq_scheme.pdb_seq_num 
_pdbx_poly_seq_scheme.auth_seq_num 
_pdbx_poly_seq_scheme.pdb_mon_id 
_pdbx_poly_seq_scheme.auth_mon_id 
_pdbx_poly_seq_scheme.pdb_strand_id 
_pdbx_poly_seq_scheme.pdb_ins_code 
_pdbx_poly_seq_scheme.hetero 
A 1 1   MET 1   -18 ?   ?   ?   B . n 
A 1 2   SER 2   -17 ?   ?   ?   B . n 
A 1 3   GLY 3   -16 ?   ?   ?   B . n 
A 1 4   SER 4   -15 ?   ?   ?   B . n 
A 1 5   HIS 5   -14 ?   ?   ?   B . n 
A 1 6   HIS 6   -13 ?   ?   ?   B . n 
A 1 7   HIS 7   -12 ?   ?   ?   B . n 
A 1 8   HIS 8   -11 ?   ?   ?   B . n 
A 1 9   HIS 9   -10 ?   ?   ?   B . n 
A 1 10  HIS 10  -9  ?   ?   ?   B . n 
A 1 11  SER 11  -8  ?   ?   ?   B . n 
A 1 12  SER 12  -7  ?   ?   ?   B . n 
A 1 13  GLY 13  -6  ?   ?   ?   B . n 
A 1 14  GLU 14  -5  ?   ?   ?   B . n 
A 1 15  ASN 15  -4  ?   ?   ?   B . n 
A 1 16  LEU 16  -3  ?   ?   ?   B . n 
A 1 17  TYR 17  -2  ?   ?   ?   B . n 
A 1 18  PHE 18  -1  ?   ?   ?   B . n 
A 1 19  GLN 19  0   ?   ?   ?   B . n 
A 1 20  GLY 20  1   ?   ?   ?   B . n 
A 1 21  GLU 21  2   2   GLU GLU B . n 
A 1 22  LEU 22  3   3   LEU LEU B . n 
A 1 23  PHE 23  4   4   PHE PHE B . n 
A 1 24  ARG 24  5   5   ARG ARG B . n 
A 1 25  GLY 25  6   6   GLY GLY B . n 
A 1 26  VAL 26  7   7   VAL VAL B . n 
A 1 27  LEU 27  8   8   LEU LEU B . n 
A 1 28  HIS 28  9   9   HIS HIS B . n 
A 1 29  ILE 29  10  10  ILE ILE B . n 
A 1 30  SER 30  11  11  SER SER B . n 
A 1 31  SER 31  12  12  SER SER B . n 
A 1 32  ASN 32  13  13  ASN ASN B . n 
A 1 33  ILE 33  14  14  ILE ILE B . n 
A 1 34  LEU 34  15  15  LEU LEU B . n 
A 1 35  ASP 35  16  16  ASP ASP B . n 
A 1 36  CYS 36  17  17  CYS CYS B . n 
A 1 37  ALA 37  18  18  ALA ALA B . n 
A 1 38  ASN 38  19  19  ASN ASN B . n 
A 1 39  ASP 39  20  20  ASP ASP B . n 
A 1 40  ASN 40  21  21  ASN ASN B . n 
A 1 41  TRP 41  22  22  TRP TRP B . n 
A 1 42  TRP 42  23  23  TRP TRP B . n 
A 1 43  CYS 43  24  24  CYS CYS B . n 
A 1 44  SER 44  25  25  SER SER B . n 
A 1 45  MET 45  26  26  MET MET B . n 
A 1 46  LEU 46  27  27  LEU LEU B . n 
A 1 47  ASP 47  28  28  ASP ASP B . n 
A 1 48  LEU 48  29  29  LEU LEU B . n 
A 1 49  ASP 49  30  30  ASP ASP B . n 
A 1 50  THR 50  31  31  THR THR B . n 
A 1 51  SER 51  32  32  SER SER B . n 
A 1 52  ASP 52  33  33  ASP ASP B . n 
A 1 53  TRP 53  34  34  TRP TRP B . n 
A 1 54  GLU 54  35  35  GLU GLU B . n 
A 1 55  PRO 55  36  36  PRO PRO B . n 
A 1 56  LEU 56  37  37  LEU LEU B . n 
A 1 57  THR 57  38  38  THR THR B . n 
A 1 58  HIS 58  39  39  HIS HIS B . n 
A 1 59  SER 59  40  40  SER SER B . n 
A 1 60  ASN 60  41  41  ASN ASN B . n 
A 1 61  ARG 61  42  42  ARG ARG B . n 
A 1 62  LEU 62  43  43  LEU LEU B . n 
A 1 63  MET 63  44  44  MET MET B . n 
A 1 64  ALA 64  45  45  ALA ALA B . n 
A 1 65  ILE 65  46  46  ILE ILE B . n 
A 1 66  TYR 66  47  47  TYR TYR B . n 
A 1 67  LEU 67  48  48  LEU LEU B . n 
A 1 68  SER 68  49  49  SER SER B . n 
A 1 69  ASN 69  50  50  ASN ASN B . n 
A 1 70  VAL 70  51  51  VAL VAL B . n 
A 1 71  ALA 71  52  52  ALA ALA B . n 
A 1 72  SER 72  53  53  SER SER B . n 
A 1 73  ARG 73  54  54  ARG ARG B . n 
A 1 74  LEU 74  55  55  LEU LEU B . n 
A 1 75  ASP 75  56  56  ASP ASP B . n 
A 1 76  PHE 76  57  57  PHE PHE B . n 
A 1 77  THR 77  58  58  THR THR B . n 
A 1 78  GLY 78  59  59  GLY GLY B . n 
A 1 79  GLY 79  60  60  GLY GLY B . n 
A 1 80  PRO 80  61  61  PRO PRO B . n 
A 1 81  LEU 81  62  62  LEU LEU B . n 
A 1 82  ALA 82  63  63  ALA ALA B . n 
A 1 83  GLY 83  64  64  GLY GLY B . n 
A 1 84  CYS 84  65  65  CYS CYS B . n 
A 1 85  LEU 85  66  66  LEU LEU B . n 
A 1 86  TYR 86  67  67  TYR TYR B . n 
A 1 87  PHE 87  68  68  PHE PHE B . n 
A 1 88  PHE 88  69  69  PHE PHE B . n 
A 1 89  GLN 89  70  70  GLN GLN B . n 
A 1 90  VAL 90  71  71  VAL VAL B . n 
A 1 91  GLU 91  72  72  GLU GLU B . n 
A 1 92  CYS 92  73  73  CYS CYS B . n 
A 1 93  ASN 93  74  74  ASN ASN B . n 
A 1 94  LYS 94  75  75  LYS LYS B . n 
A 1 95  PHE 95  76  76  PHE PHE B . n 
A 1 96  GLU 96  77  77  GLU GLU B . n 
A 1 97  GLU 97  78  78  GLU GLU B . n 
A 1 98  GLY 98  79  79  GLY GLY B . n 
A 1 99  TYR 99  80  80  TYR TYR B . n 
A 1 100 HIS 100 81  81  HIS HIS B . n 
A 1 101 ILE 101 82  82  ILE ILE B . n 
A 1 102 HIS 102 83  83  HIS HIS B . n 
A 1 103 VAL 103 84  84  VAL VAL B . n 
A 1 104 VAL 104 85  85  VAL VAL B . n 
A 1 105 ILE 105 86  86  ILE ILE B . n 
A 1 106 GLY 106 87  87  GLY GLY B . n 
A 1 107 GLY 107 88  88  GLY GLY B . n 
A 1 108 PRO 108 89  89  PRO PRO B . n 
A 1 109 GLY 109 90  90  GLY GLY B . n 
A 1 110 LEU 110 91  91  LEU LEU B . n 
A 1 111 ASN 111 92  92  ASN ASN B . n 
A 1 112 ALA 112 93  93  ALA ALA B . n 
A 1 113 ARG 113 94  94  ARG ARG B . n 
A 1 114 ASN 114 95  95  ASN ASN B . n 
A 1 115 LEU 115 96  96  LEU LEU B . n 
A 1 116 THR 116 97  97  THR THR B . n 
A 1 117 VAL 117 98  98  VAL VAL B . n 
A 1 118 CYS 118 99  99  CYS CYS B . n 
A 1 119 VAL 119 100 100 VAL VAL B . n 
A 1 120 GLU 120 101 101 GLU GLU B . n 
A 1 121 GLY 121 102 102 GLY GLY B . n 
A 1 122 LEU 122 103 103 LEU LEU B . n 
A 1 123 PHE 123 104 104 PHE PHE B . n 
A 1 124 ASN 124 105 105 ASN ASN B . n 
A 1 125 ASN 125 106 106 ASN ASN B . n 
A 1 126 VAL 126 107 107 VAL VAL B . n 
A 1 127 LEU 127 108 108 LEU LEU B . n 
A 1 128 TYR 128 109 109 TYR TYR B . n 
A 1 129 HIS 129 110 110 HIS HIS B . n 
A 1 130 LEU 130 111 111 LEU LEU B . n 
A 1 131 VAL 131 112 112 VAL VAL B . n 
A 1 132 ASN 132 113 113 ASN ASN B . n 
A 1 133 GLU 133 114 114 GLU GLU B . n 
A 1 134 SER 134 115 115 SER SER B . n 
A 1 135 VAL 135 116 116 VAL VAL B . n 
A 1 136 LYS 136 117 117 LYS LYS B . n 
A 1 137 LEU 137 118 118 LEU LEU B . n 
A 1 138 LYS 138 119 119 LYS LYS B . n 
A 1 139 PHE 139 120 120 PHE PHE B . n 
A 1 140 LEU 140 121 121 LEU LEU B . n 
A 1 141 PRO 141 122 122 PRO PRO B . n 
A 1 142 GLY 142 123 123 GLY GLY B . n 
A 1 143 MET 143 124 124 MET MET B . n 
A 1 144 THR 144 125 125 THR THR B . n 
A 1 145 THR 145 126 126 THR THR B . n 
A 1 146 LYS 146 127 ?   ?   ?   B . n 
A 1 147 GLY 147 128 ?   ?   ?   B . n 
A 1 148 LYS 148 129 129 LYS LYS B . n 
A 1 149 TYR 149 130 130 TYR TYR B . n 
A 1 150 PHE 150 131 131 PHE PHE B . n 
A 1 151 ARG 151 132 132 ARG ARG B . n 
A 1 152 ASP 152 133 133 ASP ASP B . n 
A 1 153 GLY 153 134 134 GLY GLY B . n 
A 1 154 GLU 154 135 135 GLU GLU B . n 
A 1 155 GLN 155 136 136 GLN GLN B . n 
A 1 156 PHE 156 137 137 PHE PHE B . n 
A 1 157 ILE 157 138 138 ILE ILE B . n 
A 1 158 GLU 158 139 139 GLU GLU B . n 
A 1 159 ASN 159 140 140 ASN ASN B . n 
A 1 160 TYR 160 141 141 TYR TYR B . n 
A 1 161 LEU 161 142 142 LEU LEU B . n 
A 1 162 MET 162 143 143 MET MET B . n 
A 1 163 LYS 163 144 144 LYS LYS B . n 
A 1 164 LYS 164 145 145 LYS LYS B . n 
A 1 165 ILE 165 146 146 ILE ILE B . n 
A 1 166 PRO 166 147 147 PRO PRO B . n 
A 1 167 LEU 167 148 148 LEU LEU B . n 
A 1 168 ASN 168 149 149 ASN ASN B . n 
A 1 169 VAL 169 150 150 VAL VAL B . n 
A 1 170 VAL 170 151 151 VAL VAL B . n 
A 1 171 TRP 171 152 152 TRP TRP B . n 
A 1 172 CYS 172 153 153 CYS CYS B . n 
A 1 173 VAL 173 154 154 VAL VAL B . n 
A 1 174 THR 174 155 155 THR THR B . n 
A 1 175 ASN 175 156 156 ASN ASN B . n 
A 1 176 ILE 176 157 157 ILE ILE B . n 
A 1 177 ASP 177 158 158 ASP ASP B . n 
A 1 178 GLY 178 159 159 GLY GLY B . n 
A 1 179 TYR 179 160 160 TYR TYR B . n 
A 1 180 ILE 180 161 161 ILE ILE B . n 
A 1 181 ASP 181 162 162 ASP ASP B . n 
A 1 182 THR 182 163 163 THR THR B . n 
A 1 183 CYS 183 164 164 CYS CYS B . n 
A 1 184 ILE 184 165 165 ILE ILE B . n 
A 1 185 SER 185 166 166 SER SER B . n 
A 1 186 ALA 186 167 167 ALA ALA B . n 
A 1 187 SER 187 168 168 SER SER B . n 
A 1 188 PHE 188 169 169 PHE PHE B . n 
A 1 189 ARG 189 170 170 ARG ARG B . n 
A 1 190 ARG 190 171 171 ARG ARG B . n 
A 1 191 GLY 191 172 172 GLY GLY B . n 
A 1 192 ALA 192 173 173 ALA ALA B . n 
A 1 193 CYS 193 174 174 CYS CYS B . n 
A 1 194 HIS 194 175 ?   ?   ?   B . n 
A 1 195 ALA 195 176 ?   ?   ?   B . n 
A 1 196 LYS 196 177 ?   ?   ?   B . n 
A 1 197 LYS 197 178 ?   ?   ?   B . n 
A 1 198 PRO 198 179 ?   ?   ?   B . n 
A 1 199 ARG 199 180 ?   ?   ?   B . n 
A 1 200 ILE 200 181 ?   ?   ?   B . n 
A 1 201 SER 201 182 ?   ?   ?   B . n 
A 1 202 ALA 202 183 ?   ?   ?   B . n 
A 1 203 ASN 203 184 ?   ?   ?   B . n 
A 1 204 THR 204 185 ?   ?   ?   B . n 
A 1 205 ASP 205 186 ?   ?   ?   B . n 
A 1 206 THR 206 187 ?   ?   ?   B . n 
A 1 207 VAL 207 188 ?   ?   ?   B . n 
A 1 208 ASN 208 189 ?   ?   ?   B . n 
A 1 209 ASN 209 190 ?   ?   ?   B . n 
A 1 210 GLU 210 191 ?   ?   ?   B . n 
A 1 211 GLY 211 192 ?   ?   ?   B . n 
A 1 212 GLY 212 193 ?   ?   ?   B . n 
A 1 213 GLU 213 194 ?   ?   ?   B . n 
A 1 214 SER 214 195 ?   ?   ?   B . n 
A 1 215 SER 215 196 ?   ?   ?   B . n 
A 1 216 CYS 216 197 ?   ?   ?   B . n 
A 1 217 GLY 217 198 ?   ?   ?   B . n 
A 1 218 GLY 218 199 ?   ?   ?   B . n 
A 1 219 GLY 219 200 ?   ?   ?   B . n 
A 1 220 ASP 220 201 ?   ?   ?   B . n 
A 1 221 VAL 221 202 ?   ?   ?   B . n 
A 1 222 VAL 222 203 ?   ?   ?   B . n 
A 1 223 PRO 223 204 ?   ?   ?   B . n 
A 1 224 PHE 224 205 ?   ?   ?   B . n 
A 1 225 ALA 225 206 ?   ?   ?   B . n 
A 1 226 GLY 226 207 ?   ?   ?   B . n 
A 1 227 LYS 227 208 ?   ?   ?   B . n 
A 1 228 GLY 228 209 ?   ?   ?   B . n 
# 
_pdbx_contact_author.id                 2 
_pdbx_contact_author.email              nhorton@email.arizona.edu 
_pdbx_contact_author.name_first         Nancy 
_pdbx_contact_author.name_last          Horton 
_pdbx_contact_author.name_mi            C 
_pdbx_contact_author.role               'principal investigator/group leader' 
_pdbx_contact_author.identifier_ORCID   0000-0003-2710-8284 
# 
loop_
_pdbx_nonpoly_scheme.asym_id 
_pdbx_nonpoly_scheme.entity_id 
_pdbx_nonpoly_scheme.mon_id 
_pdbx_nonpoly_scheme.ndb_seq_num 
_pdbx_nonpoly_scheme.pdb_seq_num 
_pdbx_nonpoly_scheme.auth_seq_num 
_pdbx_nonpoly_scheme.pdb_mon_id 
_pdbx_nonpoly_scheme.auth_mon_id 
_pdbx_nonpoly_scheme.pdb_strand_id 
_pdbx_nonpoly_scheme.pdb_ins_code 
B 2 MG  1 301 201 MG  MG  B . 
C 3 HOH 1 401 4   HOH HOH B . 
C 3 HOH 2 402 3   HOH HOH B . 
C 3 HOH 3 403 5   HOH HOH B . 
C 3 HOH 4 404 2   HOH HOH B . 
# 
_pdbx_struct_assembly.id                   1 
_pdbx_struct_assembly.details              author_defined_assembly 
_pdbx_struct_assembly.method_details       ? 
_pdbx_struct_assembly.oligomeric_details   monomeric 
_pdbx_struct_assembly.oligomeric_count     1 
# 
_pdbx_struct_assembly_gen.assembly_id       1 
_pdbx_struct_assembly_gen.oper_expression   1 
_pdbx_struct_assembly_gen.asym_id_list      A,B,C 
# 
_pdbx_struct_oper_list.id                   1 
_pdbx_struct_oper_list.type                 'identity operation' 
_pdbx_struct_oper_list.name                 1_555 
_pdbx_struct_oper_list.symmetry_operation   x,y,z 
_pdbx_struct_oper_list.matrix[1][1]         1.0000000000 
_pdbx_struct_oper_list.matrix[1][2]         0.0000000000 
_pdbx_struct_oper_list.matrix[1][3]         0.0000000000 
_pdbx_struct_oper_list.vector[1]            0.0000000000 
_pdbx_struct_oper_list.matrix[2][1]         0.0000000000 
_pdbx_struct_oper_list.matrix[2][2]         1.0000000000 
_pdbx_struct_oper_list.matrix[2][3]         0.0000000000 
_pdbx_struct_oper_list.vector[2]            0.0000000000 
_pdbx_struct_oper_list.matrix[3][1]         0.0000000000 
_pdbx_struct_oper_list.matrix[3][2]         0.0000000000 
_pdbx_struct_oper_list.matrix[3][3]         1.0000000000 
_pdbx_struct_oper_list.vector[3]            0.0000000000 
# 
loop_
_pdbx_audit_revision_history.ordinal 
_pdbx_audit_revision_history.data_content_type 
_pdbx_audit_revision_history.major_revision 
_pdbx_audit_revision_history.minor_revision 
_pdbx_audit_revision_history.revision_date 
1 'Structure model' 1 0 2022-03-30 
2 'Structure model' 1 1 2022-10-12 
3 'Structure model' 1 2 2023-10-18 
# 
_pdbx_audit_revision_details.ordinal             1 
_pdbx_audit_revision_details.revision_ordinal    1 
_pdbx_audit_revision_details.data_content_type   'Structure model' 
_pdbx_audit_revision_details.provider            repository 
_pdbx_audit_revision_details.type                'Initial release' 
_pdbx_audit_revision_details.description         ? 
_pdbx_audit_revision_details.details             ? 
# 
loop_
_pdbx_audit_revision_group.ordinal 
_pdbx_audit_revision_group.revision_ordinal 
_pdbx_audit_revision_group.data_content_type 
_pdbx_audit_revision_group.group 
1 2 'Structure model' 'Database references'    
2 3 'Structure model' 'Data collection'        
3 3 'Structure model' 'Refinement description' 
# 
loop_
_pdbx_audit_revision_category.ordinal 
_pdbx_audit_revision_category.revision_ordinal 
_pdbx_audit_revision_category.data_content_type 
_pdbx_audit_revision_category.category 
1 2 'Structure model' citation                      
2 2 'Structure model' citation_author               
3 3 'Structure model' chem_comp_atom                
4 3 'Structure model' chem_comp_bond                
5 3 'Structure model' pdbx_initial_refinement_model 
# 
loop_
_pdbx_audit_revision_item.ordinal 
_pdbx_audit_revision_item.revision_ordinal 
_pdbx_audit_revision_item.data_content_type 
_pdbx_audit_revision_item.item 
1  2 'Structure model' '_citation.country'                 
2  2 'Structure model' '_citation.journal_abbrev'          
3  2 'Structure model' '_citation.journal_id_ASTM'         
4  2 'Structure model' '_citation.journal_id_CSD'          
5  2 'Structure model' '_citation.journal_id_ISSN'         
6  2 'Structure model' '_citation.journal_volume'          
7  2 'Structure model' '_citation.page_first'              
8  2 'Structure model' '_citation.page_last'               
9  2 'Structure model' '_citation.pdbx_database_id_DOI'    
10 2 'Structure model' '_citation.pdbx_database_id_PubMed' 
11 2 'Structure model' '_citation.title'                   
12 2 'Structure model' '_citation.year'                    
# 
loop_
_space_group_symop.id 
_space_group_symop.operation_xyz 
1 x,y,z          
2 -y,x-y,z+2/3   
3 -x+y,-x,z+1/3  
4 x-y,-y,-z+1/3  
5 -x,-x+y,-z+2/3 
6 y,x,-z         
# 
loop_
_software.citation_id 
_software.classification 
_software.compiler_name 
_software.compiler_version 
_software.contact_author 
_software.contact_author_email 
_software.date 
_software.description 
_software.dependencies 
_software.hardware 
_software.language 
_software.location 
_software.mods 
_software.name 
_software.os 
_software.os_version 
_software.type 
_software.version 
_software.pdbx_ordinal 
? refinement        ? ? ? ? ? ? ? ? ? ? ? PHENIX  ? ? ? 1.19_4080 1 
? 'data collection' ? ? ? ? ? ? ? ? ? ? ? Blu-Ice ? ? ? .         2 
? 'data reduction'  ? ? ? ? ? ? ? ? ? ? ? MOSFLM  ? ? ? .         3 
? 'data scaling'    ? ? ? ? ? ? ? ? ? ? ? SCALA   ? ? ? .         4 
? phasing           ? ? ? ? ? ? ? ? ? ? ? PHASER  ? ? ? .         5 
? 'model building'  ? ? ? ? ? ? ? ? ? ? ? Coot    ? ? ? .         6 
# 
_pdbx_entry_details.entry_id                 7SZX 
_pdbx_entry_details.has_ligand_of_interest   Y 
_pdbx_entry_details.compound_details         ? 
_pdbx_entry_details.source_details           ? 
_pdbx_entry_details.nonpolymer_details       ? 
_pdbx_entry_details.sequence_details         ? 
# 
loop_
_pdbx_validate_torsion.id 
_pdbx_validate_torsion.PDB_model_num 
_pdbx_validate_torsion.auth_comp_id 
_pdbx_validate_torsion.auth_asym_id 
_pdbx_validate_torsion.auth_seq_id 
_pdbx_validate_torsion.PDB_ins_code 
_pdbx_validate_torsion.label_alt_id 
_pdbx_validate_torsion.phi 
_pdbx_validate_torsion.psi 
1 1 CYS B 24  ? ? -83.54  34.97  
2 1 MET B 26  ? ? -104.67 43.00  
3 1 LEU B 29  ? ? 58.16   102.37 
4 1 TYR B 141 ? ? -135.96 -59.61 
# 
loop_
_pdbx_unobs_or_zero_occ_atoms.id 
_pdbx_unobs_or_zero_occ_atoms.PDB_model_num 
_pdbx_unobs_or_zero_occ_atoms.polymer_flag 
_pdbx_unobs_or_zero_occ_atoms.occupancy_flag 
_pdbx_unobs_or_zero_occ_atoms.auth_asym_id 
_pdbx_unobs_or_zero_occ_atoms.auth_comp_id 
_pdbx_unobs_or_zero_occ_atoms.auth_seq_id 
_pdbx_unobs_or_zero_occ_atoms.PDB_ins_code 
_pdbx_unobs_or_zero_occ_atoms.auth_atom_id 
_pdbx_unobs_or_zero_occ_atoms.label_alt_id 
_pdbx_unobs_or_zero_occ_atoms.label_asym_id 
_pdbx_unobs_or_zero_occ_atoms.label_comp_id 
_pdbx_unobs_or_zero_occ_atoms.label_seq_id 
_pdbx_unobs_or_zero_occ_atoms.label_atom_id 
1  1 Y 1 B GLU 2   ? CG  ? A GLU 21  CG  
2  1 Y 1 B GLU 2   ? CD  ? A GLU 21  CD  
3  1 Y 1 B GLU 2   ? OE1 ? A GLU 21  OE1 
4  1 Y 1 B GLU 2   ? OE2 ? A GLU 21  OE2 
5  1 Y 1 B LEU 3   ? CG  ? A LEU 22  CG  
6  1 Y 1 B LEU 3   ? CD1 ? A LEU 22  CD1 
7  1 Y 1 B LEU 3   ? CD2 ? A LEU 22  CD2 
8  1 Y 1 B LEU 8   ? CG  ? A LEU 27  CG  
9  1 Y 1 B LEU 8   ? CD1 ? A LEU 27  CD1 
10 1 Y 1 B LEU 8   ? CD2 ? A LEU 27  CD2 
11 1 Y 1 B HIS 9   ? CG  ? A HIS 28  CG  
12 1 Y 1 B HIS 9   ? ND1 ? A HIS 28  ND1 
13 1 Y 1 B HIS 9   ? CD2 ? A HIS 28  CD2 
14 1 Y 1 B HIS 9   ? CE1 ? A HIS 28  CE1 
15 1 Y 1 B HIS 9   ? NE2 ? A HIS 28  NE2 
16 1 Y 1 B LEU 27  ? CG  ? A LEU 46  CG  
17 1 Y 1 B LEU 27  ? CD1 ? A LEU 46  CD1 
18 1 Y 1 B LEU 27  ? CD2 ? A LEU 46  CD2 
19 1 Y 1 B ASP 28  ? CG  ? A ASP 47  CG  
20 1 Y 1 B ASP 28  ? OD1 ? A ASP 47  OD1 
21 1 Y 1 B ASP 28  ? OD2 ? A ASP 47  OD2 
22 1 Y 1 B LYS 75  ? CG  ? A LYS 94  CG  
23 1 Y 1 B LYS 75  ? CD  ? A LYS 94  CD  
24 1 Y 1 B LYS 75  ? CE  ? A LYS 94  CE  
25 1 Y 1 B LYS 75  ? NZ  ? A LYS 94  NZ  
26 1 Y 1 B PHE 76  ? CG  ? A PHE 95  CG  
27 1 Y 1 B PHE 76  ? CD1 ? A PHE 95  CD1 
28 1 Y 1 B PHE 76  ? CD2 ? A PHE 95  CD2 
29 1 Y 1 B PHE 76  ? CE1 ? A PHE 95  CE1 
30 1 Y 1 B PHE 76  ? CE2 ? A PHE 95  CE2 
31 1 Y 1 B PHE 76  ? CZ  ? A PHE 95  CZ  
32 1 Y 1 B GLU 77  ? CG  ? A GLU 96  CG  
33 1 Y 1 B GLU 77  ? CD  ? A GLU 96  CD  
34 1 Y 1 B GLU 77  ? OE1 ? A GLU 96  OE1 
35 1 Y 1 B GLU 77  ? OE2 ? A GLU 96  OE2 
36 1 Y 1 B GLU 78  ? CG  ? A GLU 97  CG  
37 1 Y 1 B GLU 78  ? CD  ? A GLU 97  CD  
38 1 Y 1 B GLU 78  ? OE1 ? A GLU 97  OE1 
39 1 Y 1 B GLU 78  ? OE2 ? A GLU 97  OE2 
40 1 Y 1 B ARG 94  ? CG  ? A ARG 113 CG  
41 1 Y 1 B ARG 94  ? CD  ? A ARG 113 CD  
42 1 Y 1 B ARG 94  ? NE  ? A ARG 113 NE  
43 1 Y 1 B ARG 94  ? CZ  ? A ARG 113 CZ  
44 1 Y 1 B ARG 94  ? NH1 ? A ARG 113 NH1 
45 1 Y 1 B ARG 94  ? NH2 ? A ARG 113 NH2 
46 1 Y 1 B VAL 100 ? CG1 ? A VAL 119 CG1 
47 1 Y 1 B GLU 101 ? OE1 ? A GLU 120 OE1 
48 1 Y 1 B GLU 101 ? OE2 ? A GLU 120 OE2 
49 1 Y 1 B VAL 116 ? CG1 ? A VAL 135 CG1 
50 1 Y 1 B VAL 116 ? CG2 ? A VAL 135 CG2 
51 1 Y 1 B LYS 117 ? CG  ? A LYS 136 CG  
52 1 Y 1 B LYS 117 ? CD  ? A LYS 136 CD  
53 1 Y 1 B LYS 117 ? CE  ? A LYS 136 CE  
54 1 Y 1 B LYS 117 ? NZ  ? A LYS 136 NZ  
55 1 Y 1 B LYS 119 ? CG  ? A LYS 138 CG  
56 1 Y 1 B LYS 119 ? CD  ? A LYS 138 CD  
57 1 Y 1 B LYS 119 ? CE  ? A LYS 138 CE  
58 1 Y 1 B LYS 119 ? NZ  ? A LYS 138 NZ  
59 1 Y 1 B LEU 121 ? CG  ? A LEU 140 CG  
60 1 Y 1 B LEU 121 ? CD1 ? A LEU 140 CD1 
61 1 Y 1 B LEU 121 ? CD2 ? A LEU 140 CD2 
62 1 Y 1 B LYS 129 ? CG  ? A LYS 148 CG  
63 1 Y 1 B LYS 129 ? CD  ? A LYS 148 CD  
64 1 Y 1 B LYS 129 ? CE  ? A LYS 148 CE  
65 1 Y 1 B LYS 129 ? NZ  ? A LYS 148 NZ  
66 1 Y 1 B GLN 136 ? CG  ? A GLN 155 CG  
67 1 Y 1 B GLN 136 ? CD  ? A GLN 155 CD  
68 1 Y 1 B GLN 136 ? OE1 ? A GLN 155 OE1 
69 1 Y 1 B GLN 136 ? NE2 ? A GLN 155 NE2 
70 1 Y 1 B LYS 144 ? CG  ? A LYS 163 CG  
71 1 Y 1 B LYS 144 ? CD  ? A LYS 163 CD  
72 1 Y 1 B LYS 144 ? CE  ? A LYS 163 CE  
73 1 Y 1 B LYS 144 ? NZ  ? A LYS 163 NZ  
74 1 Y 1 B CYS 174 ? SG  ? A CYS 193 SG  
# 
loop_
_pdbx_unobs_or_zero_occ_residues.id 
_pdbx_unobs_or_zero_occ_residues.PDB_model_num 
_pdbx_unobs_or_zero_occ_residues.polymer_flag 
_pdbx_unobs_or_zero_occ_residues.occupancy_flag 
_pdbx_unobs_or_zero_occ_residues.auth_asym_id 
_pdbx_unobs_or_zero_occ_residues.auth_comp_id 
_pdbx_unobs_or_zero_occ_residues.auth_seq_id 
_pdbx_unobs_or_zero_occ_residues.PDB_ins_code 
_pdbx_unobs_or_zero_occ_residues.label_asym_id 
_pdbx_unobs_or_zero_occ_residues.label_comp_id 
_pdbx_unobs_or_zero_occ_residues.label_seq_id 
1  1 Y 1 B MET -18 ? A MET 1   
2  1 Y 1 B SER -17 ? A SER 2   
3  1 Y 1 B GLY -16 ? A GLY 3   
4  1 Y 1 B SER -15 ? A SER 4   
5  1 Y 1 B HIS -14 ? A HIS 5   
6  1 Y 1 B HIS -13 ? A HIS 6   
7  1 Y 1 B HIS -12 ? A HIS 7   
8  1 Y 1 B HIS -11 ? A HIS 8   
9  1 Y 1 B HIS -10 ? A HIS 9   
10 1 Y 1 B HIS -9  ? A HIS 10  
11 1 Y 1 B SER -8  ? A SER 11  
12 1 Y 1 B SER -7  ? A SER 12  
13 1 Y 1 B GLY -6  ? A GLY 13  
14 1 Y 1 B GLU -5  ? A GLU 14  
15 1 Y 1 B ASN -4  ? A ASN 15  
16 1 Y 1 B LEU -3  ? A LEU 16  
17 1 Y 1 B TYR -2  ? A TYR 17  
18 1 Y 1 B PHE -1  ? A PHE 18  
19 1 Y 1 B GLN 0   ? A GLN 19  
20 1 Y 1 B GLY 1   ? A GLY 20  
21 1 Y 1 B LYS 127 ? A LYS 146 
22 1 Y 1 B GLY 128 ? A GLY 147 
23 1 Y 1 B HIS 175 ? A HIS 194 
24 1 Y 1 B ALA 176 ? A ALA 195 
25 1 Y 1 B LYS 177 ? A LYS 196 
26 1 Y 1 B LYS 178 ? A LYS 197 
27 1 Y 1 B PRO 179 ? A PRO 198 
28 1 Y 1 B ARG 180 ? A ARG 199 
29 1 Y 1 B ILE 181 ? A ILE 200 
30 1 Y 1 B SER 182 ? A SER 201 
31 1 Y 1 B ALA 183 ? A ALA 202 
32 1 Y 1 B ASN 184 ? A ASN 203 
33 1 Y 1 B THR 185 ? A THR 204 
34 1 Y 1 B ASP 186 ? A ASP 205 
35 1 Y 1 B THR 187 ? A THR 206 
36 1 Y 1 B VAL 188 ? A VAL 207 
37 1 Y 1 B ASN 189 ? A ASN 208 
38 1 Y 1 B ASN 190 ? A ASN 209 
39 1 Y 1 B GLU 191 ? A GLU 210 
40 1 Y 1 B GLY 192 ? A GLY 211 
41 1 Y 1 B GLY 193 ? A GLY 212 
42 1 Y 1 B GLU 194 ? A GLU 213 
43 1 Y 1 B SER 195 ? A SER 214 
44 1 Y 1 B SER 196 ? A SER 215 
45 1 Y 1 B CYS 197 ? A CYS 216 
46 1 Y 1 B GLY 198 ? A GLY 217 
47 1 Y 1 B GLY 199 ? A GLY 218 
48 1 Y 1 B GLY 200 ? A GLY 219 
49 1 Y 1 B ASP 201 ? A ASP 220 
50 1 Y 1 B VAL 202 ? A VAL 221 
51 1 Y 1 B VAL 203 ? A VAL 222 
52 1 Y 1 B PRO 204 ? A PRO 223 
53 1 Y 1 B PHE 205 ? A PHE 224 
54 1 Y 1 B ALA 206 ? A ALA 225 
55 1 Y 1 B GLY 207 ? A GLY 226 
56 1 Y 1 B LYS 208 ? A LYS 227 
57 1 Y 1 B GLY 209 ? A GLY 228 
# 
loop_
_chem_comp_atom.comp_id 
_chem_comp_atom.atom_id 
_chem_comp_atom.type_symbol 
_chem_comp_atom.pdbx_aromatic_flag 
_chem_comp_atom.pdbx_stereo_config 
_chem_comp_atom.pdbx_ordinal 
ALA N    N  N N 1   
ALA CA   C  N S 2   
ALA C    C  N N 3   
ALA O    O  N N 4   
ALA CB   C  N N 5   
ALA OXT  O  N N 6   
ALA H    H  N N 7   
ALA H2   H  N N 8   
ALA HA   H  N N 9   
ALA HB1  H  N N 10  
ALA HB2  H  N N 11  
ALA HB3  H  N N 12  
ALA HXT  H  N N 13  
ARG N    N  N N 14  
ARG CA   C  N S 15  
ARG C    C  N N 16  
ARG O    O  N N 17  
ARG CB   C  N N 18  
ARG CG   C  N N 19  
ARG CD   C  N N 20  
ARG NE   N  N N 21  
ARG CZ   C  N N 22  
ARG NH1  N  N N 23  
ARG NH2  N  N N 24  
ARG OXT  O  N N 25  
ARG H    H  N N 26  
ARG H2   H  N N 27  
ARG HA   H  N N 28  
ARG HB2  H  N N 29  
ARG HB3  H  N N 30  
ARG HG2  H  N N 31  
ARG HG3  H  N N 32  
ARG HD2  H  N N 33  
ARG HD3  H  N N 34  
ARG HE   H  N N 35  
ARG HH11 H  N N 36  
ARG HH12 H  N N 37  
ARG HH21 H  N N 38  
ARG HH22 H  N N 39  
ARG HXT  H  N N 40  
ASN N    N  N N 41  
ASN CA   C  N S 42  
ASN C    C  N N 43  
ASN O    O  N N 44  
ASN CB   C  N N 45  
ASN CG   C  N N 46  
ASN OD1  O  N N 47  
ASN ND2  N  N N 48  
ASN OXT  O  N N 49  
ASN H    H  N N 50  
ASN H2   H  N N 51  
ASN HA   H  N N 52  
ASN HB2  H  N N 53  
ASN HB3  H  N N 54  
ASN HD21 H  N N 55  
ASN HD22 H  N N 56  
ASN HXT  H  N N 57  
ASP N    N  N N 58  
ASP CA   C  N S 59  
ASP C    C  N N 60  
ASP O    O  N N 61  
ASP CB   C  N N 62  
ASP CG   C  N N 63  
ASP OD1  O  N N 64  
ASP OD2  O  N N 65  
ASP OXT  O  N N 66  
ASP H    H  N N 67  
ASP H2   H  N N 68  
ASP HA   H  N N 69  
ASP HB2  H  N N 70  
ASP HB3  H  N N 71  
ASP HD2  H  N N 72  
ASP HXT  H  N N 73  
CYS N    N  N N 74  
CYS CA   C  N R 75  
CYS C    C  N N 76  
CYS O    O  N N 77  
CYS CB   C  N N 78  
CYS SG   S  N N 79  
CYS OXT  O  N N 80  
CYS H    H  N N 81  
CYS H2   H  N N 82  
CYS HA   H  N N 83  
CYS HB2  H  N N 84  
CYS HB3  H  N N 85  
CYS HG   H  N N 86  
CYS HXT  H  N N 87  
GLN N    N  N N 88  
GLN CA   C  N S 89  
GLN C    C  N N 90  
GLN O    O  N N 91  
GLN CB   C  N N 92  
GLN CG   C  N N 93  
GLN CD   C  N N 94  
GLN OE1  O  N N 95  
GLN NE2  N  N N 96  
GLN OXT  O  N N 97  
GLN H    H  N N 98  
GLN H2   H  N N 99  
GLN HA   H  N N 100 
GLN HB2  H  N N 101 
GLN HB3  H  N N 102 
GLN HG2  H  N N 103 
GLN HG3  H  N N 104 
GLN HE21 H  N N 105 
GLN HE22 H  N N 106 
GLN HXT  H  N N 107 
GLU N    N  N N 108 
GLU CA   C  N S 109 
GLU C    C  N N 110 
GLU O    O  N N 111 
GLU CB   C  N N 112 
GLU CG   C  N N 113 
GLU CD   C  N N 114 
GLU OE1  O  N N 115 
GLU OE2  O  N N 116 
GLU OXT  O  N N 117 
GLU H    H  N N 118 
GLU H2   H  N N 119 
GLU HA   H  N N 120 
GLU HB2  H  N N 121 
GLU HB3  H  N N 122 
GLU HG2  H  N N 123 
GLU HG3  H  N N 124 
GLU HE2  H  N N 125 
GLU HXT  H  N N 126 
GLY N    N  N N 127 
GLY CA   C  N N 128 
GLY C    C  N N 129 
GLY O    O  N N 130 
GLY OXT  O  N N 131 
GLY H    H  N N 132 
GLY H2   H  N N 133 
GLY HA2  H  N N 134 
GLY HA3  H  N N 135 
GLY HXT  H  N N 136 
HIS N    N  N N 137 
HIS CA   C  N S 138 
HIS C    C  N N 139 
HIS O    O  N N 140 
HIS CB   C  N N 141 
HIS CG   C  Y N 142 
HIS ND1  N  Y N 143 
HIS CD2  C  Y N 144 
HIS CE1  C  Y N 145 
HIS NE2  N  Y N 146 
HIS OXT  O  N N 147 
HIS H    H  N N 148 
HIS H2   H  N N 149 
HIS HA   H  N N 150 
HIS HB2  H  N N 151 
HIS HB3  H  N N 152 
HIS HD1  H  N N 153 
HIS HD2  H  N N 154 
HIS HE1  H  N N 155 
HIS HE2  H  N N 156 
HIS HXT  H  N N 157 
HOH O    O  N N 158 
HOH H1   H  N N 159 
HOH H2   H  N N 160 
ILE N    N  N N 161 
ILE CA   C  N S 162 
ILE C    C  N N 163 
ILE O    O  N N 164 
ILE CB   C  N S 165 
ILE CG1  C  N N 166 
ILE CG2  C  N N 167 
ILE CD1  C  N N 168 
ILE OXT  O  N N 169 
ILE H    H  N N 170 
ILE H2   H  N N 171 
ILE HA   H  N N 172 
ILE HB   H  N N 173 
ILE HG12 H  N N 174 
ILE HG13 H  N N 175 
ILE HG21 H  N N 176 
ILE HG22 H  N N 177 
ILE HG23 H  N N 178 
ILE HD11 H  N N 179 
ILE HD12 H  N N 180 
ILE HD13 H  N N 181 
ILE HXT  H  N N 182 
LEU N    N  N N 183 
LEU CA   C  N S 184 
LEU C    C  N N 185 
LEU O    O  N N 186 
LEU CB   C  N N 187 
LEU CG   C  N N 188 
LEU CD1  C  N N 189 
LEU CD2  C  N N 190 
LEU OXT  O  N N 191 
LEU H    H  N N 192 
LEU H2   H  N N 193 
LEU HA   H  N N 194 
LEU HB2  H  N N 195 
LEU HB3  H  N N 196 
LEU HG   H  N N 197 
LEU HD11 H  N N 198 
LEU HD12 H  N N 199 
LEU HD13 H  N N 200 
LEU HD21 H  N N 201 
LEU HD22 H  N N 202 
LEU HD23 H  N N 203 
LEU HXT  H  N N 204 
LYS N    N  N N 205 
LYS CA   C  N S 206 
LYS C    C  N N 207 
LYS O    O  N N 208 
LYS CB   C  N N 209 
LYS CG   C  N N 210 
LYS CD   C  N N 211 
LYS CE   C  N N 212 
LYS NZ   N  N N 213 
LYS OXT  O  N N 214 
LYS H    H  N N 215 
LYS H2   H  N N 216 
LYS HA   H  N N 217 
LYS HB2  H  N N 218 
LYS HB3  H  N N 219 
LYS HG2  H  N N 220 
LYS HG3  H  N N 221 
LYS HD2  H  N N 222 
LYS HD3  H  N N 223 
LYS HE2  H  N N 224 
LYS HE3  H  N N 225 
LYS HZ1  H  N N 226 
LYS HZ2  H  N N 227 
LYS HZ3  H  N N 228 
LYS HXT  H  N N 229 
MET N    N  N N 230 
MET CA   C  N S 231 
MET C    C  N N 232 
MET O    O  N N 233 
MET CB   C  N N 234 
MET CG   C  N N 235 
MET SD   S  N N 236 
MET CE   C  N N 237 
MET OXT  O  N N 238 
MET H    H  N N 239 
MET H2   H  N N 240 
MET HA   H  N N 241 
MET HB2  H  N N 242 
MET HB3  H  N N 243 
MET HG2  H  N N 244 
MET HG3  H  N N 245 
MET HE1  H  N N 246 
MET HE2  H  N N 247 
MET HE3  H  N N 248 
MET HXT  H  N N 249 
MG  MG   MG N N 250 
PHE N    N  N N 251 
PHE CA   C  N S 252 
PHE C    C  N N 253 
PHE O    O  N N 254 
PHE CB   C  N N 255 
PHE CG   C  Y N 256 
PHE CD1  C  Y N 257 
PHE CD2  C  Y N 258 
PHE CE1  C  Y N 259 
PHE CE2  C  Y N 260 
PHE CZ   C  Y N 261 
PHE OXT  O  N N 262 
PHE H    H  N N 263 
PHE H2   H  N N 264 
PHE HA   H  N N 265 
PHE HB2  H  N N 266 
PHE HB3  H  N N 267 
PHE HD1  H  N N 268 
PHE HD2  H  N N 269 
PHE HE1  H  N N 270 
PHE HE2  H  N N 271 
PHE HZ   H  N N 272 
PHE HXT  H  N N 273 
PRO N    N  N N 274 
PRO CA   C  N S 275 
PRO C    C  N N 276 
PRO O    O  N N 277 
PRO CB   C  N N 278 
PRO CG   C  N N 279 
PRO CD   C  N N 280 
PRO OXT  O  N N 281 
PRO H    H  N N 282 
PRO HA   H  N N 283 
PRO HB2  H  N N 284 
PRO HB3  H  N N 285 
PRO HG2  H  N N 286 
PRO HG3  H  N N 287 
PRO HD2  H  N N 288 
PRO HD3  H  N N 289 
PRO HXT  H  N N 290 
SER N    N  N N 291 
SER CA   C  N S 292 
SER C    C  N N 293 
SER O    O  N N 294 
SER CB   C  N N 295 
SER OG   O  N N 296 
SER OXT  O  N N 297 
SER H    H  N N 298 
SER H2   H  N N 299 
SER HA   H  N N 300 
SER HB2  H  N N 301 
SER HB3  H  N N 302 
SER HG   H  N N 303 
SER HXT  H  N N 304 
THR N    N  N N 305 
THR CA   C  N S 306 
THR C    C  N N 307 
THR O    O  N N 308 
THR CB   C  N R 309 
THR OG1  O  N N 310 
THR CG2  C  N N 311 
THR OXT  O  N N 312 
THR H    H  N N 313 
THR H2   H  N N 314 
THR HA   H  N N 315 
THR HB   H  N N 316 
THR HG1  H  N N 317 
THR HG21 H  N N 318 
THR HG22 H  N N 319 
THR HG23 H  N N 320 
THR HXT  H  N N 321 
TRP N    N  N N 322 
TRP CA   C  N S 323 
TRP C    C  N N 324 
TRP O    O  N N 325 
TRP CB   C  N N 326 
TRP CG   C  Y N 327 
TRP CD1  C  Y N 328 
TRP CD2  C  Y N 329 
TRP NE1  N  Y N 330 
TRP CE2  C  Y N 331 
TRP CE3  C  Y N 332 
TRP CZ2  C  Y N 333 
TRP CZ3  C  Y N 334 
TRP CH2  C  Y N 335 
TRP OXT  O  N N 336 
TRP H    H  N N 337 
TRP H2   H  N N 338 
TRP HA   H  N N 339 
TRP HB2  H  N N 340 
TRP HB3  H  N N 341 
TRP HD1  H  N N 342 
TRP HE1  H  N N 343 
TRP HE3  H  N N 344 
TRP HZ2  H  N N 345 
TRP HZ3  H  N N 346 
TRP HH2  H  N N 347 
TRP HXT  H  N N 348 
TYR N    N  N N 349 
TYR CA   C  N S 350 
TYR C    C  N N 351 
TYR O    O  N N 352 
TYR CB   C  N N 353 
TYR CG   C  Y N 354 
TYR CD1  C  Y N 355 
TYR CD2  C  Y N 356 
TYR CE1  C  Y N 357 
TYR CE2  C  Y N 358 
TYR CZ   C  Y N 359 
TYR OH   O  N N 360 
TYR OXT  O  N N 361 
TYR H    H  N N 362 
TYR H2   H  N N 363 
TYR HA   H  N N 364 
TYR HB2  H  N N 365 
TYR HB3  H  N N 366 
TYR HD1  H  N N 367 
TYR HD2  H  N N 368 
TYR HE1  H  N N 369 
TYR HE2  H  N N 370 
TYR HH   H  N N 371 
TYR HXT  H  N N 372 
VAL N    N  N N 373 
VAL CA   C  N S 374 
VAL C    C  N N 375 
VAL O    O  N N 376 
VAL CB   C  N N 377 
VAL CG1  C  N N 378 
VAL CG2  C  N N 379 
VAL OXT  O  N N 380 
VAL H    H  N N 381 
VAL H2   H  N N 382 
VAL HA   H  N N 383 
VAL HB   H  N N 384 
VAL HG11 H  N N 385 
VAL HG12 H  N N 386 
VAL HG13 H  N N 387 
VAL HG21 H  N N 388 
VAL HG22 H  N N 389 
VAL HG23 H  N N 390 
VAL HXT  H  N N 391 
# 
loop_
_chem_comp_bond.comp_id 
_chem_comp_bond.atom_id_1 
_chem_comp_bond.atom_id_2 
_chem_comp_bond.value_order 
_chem_comp_bond.pdbx_aromatic_flag 
_chem_comp_bond.pdbx_stereo_config 
_chem_comp_bond.pdbx_ordinal 
ALA N   CA   sing N N 1   
ALA N   H    sing N N 2   
ALA N   H2   sing N N 3   
ALA CA  C    sing N N 4   
ALA CA  CB   sing N N 5   
ALA CA  HA   sing N N 6   
ALA C   O    doub N N 7   
ALA C   OXT  sing N N 8   
ALA CB  HB1  sing N N 9   
ALA CB  HB2  sing N N 10  
ALA CB  HB3  sing N N 11  
ALA OXT HXT  sing N N 12  
ARG N   CA   sing N N 13  
ARG N   H    sing N N 14  
ARG N   H2   sing N N 15  
ARG CA  C    sing N N 16  
ARG CA  CB   sing N N 17  
ARG CA  HA   sing N N 18  
ARG C   O    doub N N 19  
ARG C   OXT  sing N N 20  
ARG CB  CG   sing N N 21  
ARG CB  HB2  sing N N 22  
ARG CB  HB3  sing N N 23  
ARG CG  CD   sing N N 24  
ARG CG  HG2  sing N N 25  
ARG CG  HG3  sing N N 26  
ARG CD  NE   sing N N 27  
ARG CD  HD2  sing N N 28  
ARG CD  HD3  sing N N 29  
ARG NE  CZ   sing N N 30  
ARG NE  HE   sing N N 31  
ARG CZ  NH1  sing N N 32  
ARG CZ  NH2  doub N N 33  
ARG NH1 HH11 sing N N 34  
ARG NH1 HH12 sing N N 35  
ARG NH2 HH21 sing N N 36  
ARG NH2 HH22 sing N N 37  
ARG OXT HXT  sing N N 38  
ASN N   CA   sing N N 39  
ASN N   H    sing N N 40  
ASN N   H2   sing N N 41  
ASN CA  C    sing N N 42  
ASN CA  CB   sing N N 43  
ASN CA  HA   sing N N 44  
ASN C   O    doub N N 45  
ASN C   OXT  sing N N 46  
ASN CB  CG   sing N N 47  
ASN CB  HB2  sing N N 48  
ASN CB  HB3  sing N N 49  
ASN CG  OD1  doub N N 50  
ASN CG  ND2  sing N N 51  
ASN ND2 HD21 sing N N 52  
ASN ND2 HD22 sing N N 53  
ASN OXT HXT  sing N N 54  
ASP N   CA   sing N N 55  
ASP N   H    sing N N 56  
ASP N   H2   sing N N 57  
ASP CA  C    sing N N 58  
ASP CA  CB   sing N N 59  
ASP CA  HA   sing N N 60  
ASP C   O    doub N N 61  
ASP C   OXT  sing N N 62  
ASP CB  CG   sing N N 63  
ASP CB  HB2  sing N N 64  
ASP CB  HB3  sing N N 65  
ASP CG  OD1  doub N N 66  
ASP CG  OD2  sing N N 67  
ASP OD2 HD2  sing N N 68  
ASP OXT HXT  sing N N 69  
CYS N   CA   sing N N 70  
CYS N   H    sing N N 71  
CYS N   H2   sing N N 72  
CYS CA  C    sing N N 73  
CYS CA  CB   sing N N 74  
CYS CA  HA   sing N N 75  
CYS C   O    doub N N 76  
CYS C   OXT  sing N N 77  
CYS CB  SG   sing N N 78  
CYS CB  HB2  sing N N 79  
CYS CB  HB3  sing N N 80  
CYS SG  HG   sing N N 81  
CYS OXT HXT  sing N N 82  
GLN N   CA   sing N N 83  
GLN N   H    sing N N 84  
GLN N   H2   sing N N 85  
GLN CA  C    sing N N 86  
GLN CA  CB   sing N N 87  
GLN CA  HA   sing N N 88  
GLN C   O    doub N N 89  
GLN C   OXT  sing N N 90  
GLN CB  CG   sing N N 91  
GLN CB  HB2  sing N N 92  
GLN CB  HB3  sing N N 93  
GLN CG  CD   sing N N 94  
GLN CG  HG2  sing N N 95  
GLN CG  HG3  sing N N 96  
GLN CD  OE1  doub N N 97  
GLN CD  NE2  sing N N 98  
GLN NE2 HE21 sing N N 99  
GLN NE2 HE22 sing N N 100 
GLN OXT HXT  sing N N 101 
GLU N   CA   sing N N 102 
GLU N   H    sing N N 103 
GLU N   H2   sing N N 104 
GLU CA  C    sing N N 105 
GLU CA  CB   sing N N 106 
GLU CA  HA   sing N N 107 
GLU C   O    doub N N 108 
GLU C   OXT  sing N N 109 
GLU CB  CG   sing N N 110 
GLU CB  HB2  sing N N 111 
GLU CB  HB3  sing N N 112 
GLU CG  CD   sing N N 113 
GLU CG  HG2  sing N N 114 
GLU CG  HG3  sing N N 115 
GLU CD  OE1  doub N N 116 
GLU CD  OE2  sing N N 117 
GLU OE2 HE2  sing N N 118 
GLU OXT HXT  sing N N 119 
GLY N   CA   sing N N 120 
GLY N   H    sing N N 121 
GLY N   H2   sing N N 122 
GLY CA  C    sing N N 123 
GLY CA  HA2  sing N N 124 
GLY CA  HA3  sing N N 125 
GLY C   O    doub N N 126 
GLY C   OXT  sing N N 127 
GLY OXT HXT  sing N N 128 
HIS N   CA   sing N N 129 
HIS N   H    sing N N 130 
HIS N   H2   sing N N 131 
HIS CA  C    sing N N 132 
HIS CA  CB   sing N N 133 
HIS CA  HA   sing N N 134 
HIS C   O    doub N N 135 
HIS C   OXT  sing N N 136 
HIS CB  CG   sing N N 137 
HIS CB  HB2  sing N N 138 
HIS CB  HB3  sing N N 139 
HIS CG  ND1  sing Y N 140 
HIS CG  CD2  doub Y N 141 
HIS ND1 CE1  doub Y N 142 
HIS ND1 HD1  sing N N 143 
HIS CD2 NE2  sing Y N 144 
HIS CD2 HD2  sing N N 145 
HIS CE1 NE2  sing Y N 146 
HIS CE1 HE1  sing N N 147 
HIS NE2 HE2  sing N N 148 
HIS OXT HXT  sing N N 149 
HOH O   H1   sing N N 150 
HOH O   H2   sing N N 151 
ILE N   CA   sing N N 152 
ILE N   H    sing N N 153 
ILE N   H2   sing N N 154 
ILE CA  C    sing N N 155 
ILE CA  CB   sing N N 156 
ILE CA  HA   sing N N 157 
ILE C   O    doub N N 158 
ILE C   OXT  sing N N 159 
ILE CB  CG1  sing N N 160 
ILE CB  CG2  sing N N 161 
ILE CB  HB   sing N N 162 
ILE CG1 CD1  sing N N 163 
ILE CG1 HG12 sing N N 164 
ILE CG1 HG13 sing N N 165 
ILE CG2 HG21 sing N N 166 
ILE CG2 HG22 sing N N 167 
ILE CG2 HG23 sing N N 168 
ILE CD1 HD11 sing N N 169 
ILE CD1 HD12 sing N N 170 
ILE CD1 HD13 sing N N 171 
ILE OXT HXT  sing N N 172 
LEU N   CA   sing N N 173 
LEU N   H    sing N N 174 
LEU N   H2   sing N N 175 
LEU CA  C    sing N N 176 
LEU CA  CB   sing N N 177 
LEU CA  HA   sing N N 178 
LEU C   O    doub N N 179 
LEU C   OXT  sing N N 180 
LEU CB  CG   sing N N 181 
LEU CB  HB2  sing N N 182 
LEU CB  HB3  sing N N 183 
LEU CG  CD1  sing N N 184 
LEU CG  CD2  sing N N 185 
LEU CG  HG   sing N N 186 
LEU CD1 HD11 sing N N 187 
LEU CD1 HD12 sing N N 188 
LEU CD1 HD13 sing N N 189 
LEU CD2 HD21 sing N N 190 
LEU CD2 HD22 sing N N 191 
LEU CD2 HD23 sing N N 192 
LEU OXT HXT  sing N N 193 
LYS N   CA   sing N N 194 
LYS N   H    sing N N 195 
LYS N   H2   sing N N 196 
LYS CA  C    sing N N 197 
LYS CA  CB   sing N N 198 
LYS CA  HA   sing N N 199 
LYS C   O    doub N N 200 
LYS C   OXT  sing N N 201 
LYS CB  CG   sing N N 202 
LYS CB  HB2  sing N N 203 
LYS CB  HB3  sing N N 204 
LYS CG  CD   sing N N 205 
LYS CG  HG2  sing N N 206 
LYS CG  HG3  sing N N 207 
LYS CD  CE   sing N N 208 
LYS CD  HD2  sing N N 209 
LYS CD  HD3  sing N N 210 
LYS CE  NZ   sing N N 211 
LYS CE  HE2  sing N N 212 
LYS CE  HE3  sing N N 213 
LYS NZ  HZ1  sing N N 214 
LYS NZ  HZ2  sing N N 215 
LYS NZ  HZ3  sing N N 216 
LYS OXT HXT  sing N N 217 
MET N   CA   sing N N 218 
MET N   H    sing N N 219 
MET N   H2   sing N N 220 
MET CA  C    sing N N 221 
MET CA  CB   sing N N 222 
MET CA  HA   sing N N 223 
MET C   O    doub N N 224 
MET C   OXT  sing N N 225 
MET CB  CG   sing N N 226 
MET CB  HB2  sing N N 227 
MET CB  HB3  sing N N 228 
MET CG  SD   sing N N 229 
MET CG  HG2  sing N N 230 
MET CG  HG3  sing N N 231 
MET SD  CE   sing N N 232 
MET CE  HE1  sing N N 233 
MET CE  HE2  sing N N 234 
MET CE  HE3  sing N N 235 
MET OXT HXT  sing N N 236 
PHE N   CA   sing N N 237 
PHE N   H    sing N N 238 
PHE N   H2   sing N N 239 
PHE CA  C    sing N N 240 
PHE CA  CB   sing N N 241 
PHE CA  HA   sing N N 242 
PHE C   O    doub N N 243 
PHE C   OXT  sing N N 244 
PHE CB  CG   sing N N 245 
PHE CB  HB2  sing N N 246 
PHE CB  HB3  sing N N 247 
PHE CG  CD1  doub Y N 248 
PHE CG  CD2  sing Y N 249 
PHE CD1 CE1  sing Y N 250 
PHE CD1 HD1  sing N N 251 
PHE CD2 CE2  doub Y N 252 
PHE CD2 HD2  sing N N 253 
PHE CE1 CZ   doub Y N 254 
PHE CE1 HE1  sing N N 255 
PHE CE2 CZ   sing Y N 256 
PHE CE2 HE2  sing N N 257 
PHE CZ  HZ   sing N N 258 
PHE OXT HXT  sing N N 259 
PRO N   CA   sing N N 260 
PRO N   CD   sing N N 261 
PRO N   H    sing N N 262 
PRO CA  C    sing N N 263 
PRO CA  CB   sing N N 264 
PRO CA  HA   sing N N 265 
PRO C   O    doub N N 266 
PRO C   OXT  sing N N 267 
PRO CB  CG   sing N N 268 
PRO CB  HB2  sing N N 269 
PRO CB  HB3  sing N N 270 
PRO CG  CD   sing N N 271 
PRO CG  HG2  sing N N 272 
PRO CG  HG3  sing N N 273 
PRO CD  HD2  sing N N 274 
PRO CD  HD3  sing N N 275 
PRO OXT HXT  sing N N 276 
SER N   CA   sing N N 277 
SER N   H    sing N N 278 
SER N   H2   sing N N 279 
SER CA  C    sing N N 280 
SER CA  CB   sing N N 281 
SER CA  HA   sing N N 282 
SER C   O    doub N N 283 
SER C   OXT  sing N N 284 
SER CB  OG   sing N N 285 
SER CB  HB2  sing N N 286 
SER CB  HB3  sing N N 287 
SER OG  HG   sing N N 288 
SER OXT HXT  sing N N 289 
THR N   CA   sing N N 290 
THR N   H    sing N N 291 
THR N   H2   sing N N 292 
THR CA  C    sing N N 293 
THR CA  CB   sing N N 294 
THR CA  HA   sing N N 295 
THR C   O    doub N N 296 
THR C   OXT  sing N N 297 
THR CB  OG1  sing N N 298 
THR CB  CG2  sing N N 299 
THR CB  HB   sing N N 300 
THR OG1 HG1  sing N N 301 
THR CG2 HG21 sing N N 302 
THR CG2 HG22 sing N N 303 
THR CG2 HG23 sing N N 304 
THR OXT HXT  sing N N 305 
TRP N   CA   sing N N 306 
TRP N   H    sing N N 307 
TRP N   H2   sing N N 308 
TRP CA  C    sing N N 309 
TRP CA  CB   sing N N 310 
TRP CA  HA   sing N N 311 
TRP C   O    doub N N 312 
TRP C   OXT  sing N N 313 
TRP CB  CG   sing N N 314 
TRP CB  HB2  sing N N 315 
TRP CB  HB3  sing N N 316 
TRP CG  CD1  doub Y N 317 
TRP CG  CD2  sing Y N 318 
TRP CD1 NE1  sing Y N 319 
TRP CD1 HD1  sing N N 320 
TRP CD2 CE2  doub Y N 321 
TRP CD2 CE3  sing Y N 322 
TRP NE1 CE2  sing Y N 323 
TRP NE1 HE1  sing N N 324 
TRP CE2 CZ2  sing Y N 325 
TRP CE3 CZ3  doub Y N 326 
TRP CE3 HE3  sing N N 327 
TRP CZ2 CH2  doub Y N 328 
TRP CZ2 HZ2  sing N N 329 
TRP CZ3 CH2  sing Y N 330 
TRP CZ3 HZ3  sing N N 331 
TRP CH2 HH2  sing N N 332 
TRP OXT HXT  sing N N 333 
TYR N   CA   sing N N 334 
TYR N   H    sing N N 335 
TYR N   H2   sing N N 336 
TYR CA  C    sing N N 337 
TYR CA  CB   sing N N 338 
TYR CA  HA   sing N N 339 
TYR C   O    doub N N 340 
TYR C   OXT  sing N N 341 
TYR CB  CG   sing N N 342 
TYR CB  HB2  sing N N 343 
TYR CB  HB3  sing N N 344 
TYR CG  CD1  doub Y N 345 
TYR CG  CD2  sing Y N 346 
TYR CD1 CE1  sing Y N 347 
TYR CD1 HD1  sing N N 348 
TYR CD2 CE2  doub Y N 349 
TYR CD2 HD2  sing N N 350 
TYR CE1 CZ   doub Y N 351 
TYR CE1 HE1  sing N N 352 
TYR CE2 CZ   sing Y N 353 
TYR CE2 HE2  sing N N 354 
TYR CZ  OH   sing N N 355 
TYR OH  HH   sing N N 356 
TYR OXT HXT  sing N N 357 
VAL N   CA   sing N N 358 
VAL N   H    sing N N 359 
VAL N   H2   sing N N 360 
VAL CA  C    sing N N 361 
VAL CA  CB   sing N N 362 
VAL CA  HA   sing N N 363 
VAL C   O    doub N N 364 
VAL C   OXT  sing N N 365 
VAL CB  CG1  sing N N 366 
VAL CB  CG2  sing N N 367 
VAL CB  HB   sing N N 368 
VAL CG1 HG11 sing N N 369 
VAL CG1 HG12 sing N N 370 
VAL CG1 HG13 sing N N 371 
VAL CG2 HG21 sing N N 372 
VAL CG2 HG22 sing N N 373 
VAL CG2 HG23 sing N N 374 
VAL OXT HXT  sing N N 375 
# 
_pdbx_audit_support.funding_organization   'Not funded' 
_pdbx_audit_support.country                ? 
_pdbx_audit_support.grant_number           ? 
_pdbx_audit_support.ordinal                1 
# 
_pdbx_entity_instance_feature.ordinal        1 
_pdbx_entity_instance_feature.comp_id        MG 
_pdbx_entity_instance_feature.asym_id        ? 
_pdbx_entity_instance_feature.seq_num        ? 
_pdbx_entity_instance_feature.auth_comp_id   MG 
_pdbx_entity_instance_feature.auth_asym_id   ? 
_pdbx_entity_instance_feature.auth_seq_num   ? 
_pdbx_entity_instance_feature.feature_type   'SUBJECT OF INVESTIGATION' 
_pdbx_entity_instance_feature.details        ? 
# 
loop_
_pdbx_entity_nonpoly.entity_id 
_pdbx_entity_nonpoly.name 
_pdbx_entity_nonpoly.comp_id 
2 'MAGNESIUM ION' MG  
3 water           HOH 
# 
_pdbx_initial_refinement_model.id               1 
_pdbx_initial_refinement_model.entity_id_list   ? 
_pdbx_initial_refinement_model.type             'experimental model' 
_pdbx_initial_refinement_model.source_name      PDB 
_pdbx_initial_refinement_model.accession_code   6USM 
_pdbx_initial_refinement_model.details          ? 
# 
_pdbx_struct_assembly_auth_evidence.id                     1 
_pdbx_struct_assembly_auth_evidence.assembly_id            1 
_pdbx_struct_assembly_auth_evidence.experimental_support   'equilibrium centrifugation' 
_pdbx_struct_assembly_auth_evidence.details                ? 
# 
_space_group.name_H-M_alt     'P 32 2 1' 
_space_group.name_Hall        
;P 32 2"
;
_space_group.IT_number        154 
_space_group.crystal_system   trigonal 
_space_group.id               1 
# 
